data_7PQT
#
_entry.id   7PQT
#
_cell.length_a   1.00
_cell.length_b   1.00
_cell.length_c   1.00
_cell.angle_alpha   90.00
_cell.angle_beta   90.00
_cell.angle_gamma   90.00
#
_symmetry.space_group_name_H-M   'P 1'
#
loop_
_entity.id
_entity.type
_entity.pdbx_description
1 polymer 'Potassium voltage-gated channel subfamily C member 1'
2 non-polymer 'POTASSIUM ION'
3 water water
#
_entity_poly.entity_id   1
_entity_poly.type   'polypeptide(L)'
_entity_poly.pdbx_seq_one_letter_code
;MGQGDESERIVINVGGTRHQTYRSTLRTLPGTRLAWLAEPDAHSHFDYDPRADEFFFDRHPGVFAHILNYYRTGKLHCPA
DVCGPLYEEELAFWGIDETDVEPCCWMTYRQHRDAEEALDSFGGAPLDNSADDADADGPGDSGDGEDELEMTKRLALSDS
PDGRPGGFWRRWQPRIWALFEDPYSSRYARYVAFASLFFILVSITTFCLETHERFNPIVNKTEIENVRNGTQVRYYREAE
TEAFLTYIEGVCVVWFTFEFLMRVIFCPNKVEFIKNSLNIIDFVAILPFYLEVGLSGLSSKAAKDVLGFLRVVRFVRILR
IFKLTRHFVGLRVLGHTLRASTNEFLLLIIFLALGVLIFATMIYYAERIGAQPNDPSASEHTHFKNIPIGFWWAVVTMTT
LGYGDMYPQTWSGMLVGALCALAGVLTIAMPVPVIVNNFGMYYSLAMAKQKLPKKKKKHIPRPPQLGSPNYCKSVVNSPH
HSTQSDTCPLAQEEILEINRAGRKPLRGMSIGSLEVLFQ
;
_entity_poly.pdbx_strand_id   A,B,C,D
#
loop_
_chem_comp.id
_chem_comp.type
_chem_comp.name
_chem_comp.formula
K non-polymer 'POTASSIUM ION' 'K 1'
#
# COMPACT_ATOMS: atom_id res chain seq x y z
N SER A 7 -40.17 32.91 6.30
CA SER A 7 -40.02 33.23 4.88
C SER A 7 -38.95 34.31 4.64
N GLU A 8 -38.76 35.18 5.64
CA GLU A 8 -37.74 36.22 5.54
C GLU A 8 -36.37 35.61 5.29
N ARG A 9 -35.47 36.43 4.77
CA ARG A 9 -34.13 36.01 4.41
C ARG A 9 -33.12 36.87 5.16
N ILE A 10 -31.99 36.24 5.52
CA ILE A 10 -30.93 36.87 6.26
C ILE A 10 -29.60 36.59 5.59
N VAL A 11 -28.71 37.57 5.61
CA VAL A 11 -27.40 37.53 4.97
C VAL A 11 -26.33 37.45 6.05
N ILE A 12 -25.39 36.54 5.87
CA ILE A 12 -24.22 36.41 6.74
C ILE A 12 -23.00 36.76 5.92
N ASN A 13 -22.32 37.83 6.30
CA ASN A 13 -21.16 38.33 5.56
C ASN A 13 -19.91 37.78 6.24
N VAL A 14 -19.52 36.56 5.90
CA VAL A 14 -18.44 35.90 6.61
C VAL A 14 -17.15 36.21 5.87
N GLY A 15 -16.30 37.02 6.49
CA GLY A 15 -15.00 37.30 5.92
C GLY A 15 -15.06 37.82 4.51
N GLY A 16 -16.06 38.62 4.19
CA GLY A 16 -16.22 39.16 2.86
C GLY A 16 -17.27 38.45 2.03
N THR A 17 -17.37 37.13 2.15
CA THR A 17 -18.27 36.33 1.33
C THR A 17 -19.67 36.35 1.91
N ARG A 18 -20.65 36.76 1.12
CA ARG A 18 -22.01 36.93 1.60
C ARG A 18 -22.83 35.69 1.30
N HIS A 19 -23.28 35.01 2.35
CA HIS A 19 -24.18 33.88 2.25
C HIS A 19 -25.60 34.35 2.56
N GLN A 20 -26.58 33.77 1.90
CA GLN A 20 -27.99 34.05 2.17
C GLN A 20 -28.69 32.79 2.62
N THR A 21 -29.66 32.93 3.51
CA THR A 21 -30.51 31.82 3.93
C THR A 21 -31.80 32.39 4.45
N TYR A 22 -32.72 31.52 4.87
CA TYR A 22 -33.90 31.97 5.59
C TYR A 22 -33.72 31.68 7.07
N ARG A 23 -34.42 32.44 7.90
CA ARG A 23 -34.38 32.18 9.33
C ARG A 23 -34.82 30.77 9.64
N SER A 24 -35.83 30.29 8.93
CA SER A 24 -36.33 28.93 9.08
C SER A 24 -35.18 27.93 9.12
N THR A 25 -34.21 28.10 8.24
CA THR A 25 -33.06 27.20 8.23
C THR A 25 -32.23 27.38 9.49
N LEU A 26 -32.17 28.60 10.02
CA LEU A 26 -31.26 28.87 11.13
C LEU A 26 -31.78 28.25 12.41
N ARG A 27 -33.09 28.27 12.63
CA ARG A 27 -33.65 27.71 13.84
C ARG A 27 -33.68 26.20 13.84
N THR A 28 -33.02 25.56 12.89
CA THR A 28 -33.03 24.10 12.83
C THR A 28 -32.17 23.50 13.93
N LEU A 29 -31.11 24.17 14.35
CA LEU A 29 -30.31 23.78 15.51
C LEU A 29 -30.38 24.91 16.52
N PRO A 30 -31.19 24.80 17.57
CA PRO A 30 -31.56 25.99 18.36
C PRO A 30 -30.55 26.42 19.39
N GLY A 31 -29.52 25.65 19.68
CA GLY A 31 -28.60 26.01 20.73
C GLY A 31 -27.29 26.61 20.30
N THR A 32 -27.11 26.91 19.03
CA THR A 32 -25.84 27.33 18.49
C THR A 32 -25.81 28.84 18.28
N ARG A 33 -24.67 29.33 17.78
CA ARG A 33 -24.49 30.76 17.64
C ARG A 33 -25.34 31.33 16.52
N LEU A 34 -25.45 30.60 15.42
CA LEU A 34 -26.26 31.07 14.30
C LEU A 34 -27.71 31.20 14.70
N ALA A 35 -28.23 30.23 15.45
CA ALA A 35 -29.60 30.29 15.94
C ALA A 35 -29.88 31.57 16.73
N TRP A 36 -28.85 32.25 17.22
CA TRP A 36 -29.04 33.48 17.97
C TRP A 36 -29.23 34.69 17.09
N LEU A 37 -29.26 34.52 15.77
CA LEU A 37 -29.53 35.65 14.89
C LEU A 37 -30.96 35.67 14.38
N ALA A 38 -31.68 34.56 14.51
CA ALA A 38 -33.01 34.45 13.92
C ALA A 38 -34.04 35.34 14.61
N GLU A 39 -33.83 35.69 15.86
CA GLU A 39 -34.91 36.40 16.51
C GLU A 39 -34.72 37.91 16.40
N PRO A 40 -35.81 38.71 16.55
CA PRO A 40 -35.77 40.15 16.25
C PRO A 40 -35.14 41.02 17.34
N ASP A 41 -34.01 40.58 17.88
CA ASP A 41 -33.18 41.48 18.67
C ASP A 41 -31.70 41.32 18.40
N ALA A 42 -31.28 40.33 17.62
CA ALA A 42 -29.86 40.06 17.44
C ALA A 42 -29.10 41.26 16.92
N HIS A 43 -29.79 42.21 16.30
CA HIS A 43 -29.17 43.46 15.88
C HIS A 43 -28.29 44.08 16.95
N SER A 44 -28.73 44.04 18.21
CA SER A 44 -27.99 44.60 19.32
C SER A 44 -27.11 43.57 20.03
N HIS A 45 -26.69 42.52 19.35
CA HIS A 45 -25.81 41.53 19.97
C HIS A 45 -24.66 41.08 19.09
N PHE A 46 -24.55 41.58 17.87
CA PHE A 46 -23.51 41.16 16.95
C PHE A 46 -23.02 42.40 16.19
N ASP A 47 -22.30 42.16 15.09
CA ASP A 47 -21.88 43.22 14.18
C ASP A 47 -22.87 43.30 13.02
N TYR A 48 -23.73 44.31 13.03
CA TYR A 48 -24.84 44.38 12.09
C TYR A 48 -24.74 45.67 11.28
N ASP A 49 -24.39 45.54 10.02
CA ASP A 49 -24.39 46.65 9.08
C ASP A 49 -25.81 47.03 8.73
N PRO A 50 -26.31 48.18 9.20
CA PRO A 50 -27.67 48.61 8.85
C PRO A 50 -27.72 49.54 7.65
N ARG A 51 -26.93 49.23 6.65
CA ARG A 51 -27.11 49.77 5.31
C ARG A 51 -27.07 48.68 4.28
N ALA A 52 -26.43 47.55 4.56
CA ALA A 52 -26.56 46.35 3.78
C ALA A 52 -27.43 45.32 4.47
N ASP A 53 -27.91 45.61 5.68
CA ASP A 53 -28.74 44.71 6.46
C ASP A 53 -28.07 43.35 6.62
N GLU A 54 -26.86 43.34 7.19
CA GLU A 54 -26.14 42.08 7.23
C GLU A 54 -25.29 41.95 8.49
N PHE A 55 -24.77 40.75 8.70
CA PHE A 55 -24.05 40.38 9.90
C PHE A 55 -22.63 40.03 9.51
N PHE A 56 -21.65 40.74 10.06
CA PHE A 56 -20.26 40.45 9.71
C PHE A 56 -19.64 39.53 10.74
N PHE A 57 -18.93 38.52 10.25
CA PHE A 57 -18.16 37.61 11.08
C PHE A 57 -16.80 37.43 10.45
N ASP A 58 -15.76 37.45 11.26
CA ASP A 58 -14.39 37.59 10.77
C ASP A 58 -13.70 36.23 10.73
N ARG A 59 -14.25 35.33 9.93
CA ARG A 59 -13.77 33.97 9.91
C ARG A 59 -13.60 33.52 8.47
N HIS A 60 -12.98 32.35 8.32
CA HIS A 60 -12.77 31.73 7.03
C HIS A 60 -14.08 31.63 6.26
N PRO A 61 -14.22 32.30 5.13
CA PRO A 61 -15.46 32.20 4.35
C PRO A 61 -15.58 30.92 3.56
N GLY A 62 -14.55 30.10 3.51
CA GLY A 62 -14.58 28.91 2.71
C GLY A 62 -15.24 27.74 3.39
N VAL A 63 -14.90 27.51 4.65
CA VAL A 63 -15.43 26.36 5.37
C VAL A 63 -16.77 26.66 6.01
N PHE A 64 -17.29 27.87 5.85
CA PHE A 64 -18.58 28.17 6.42
C PHE A 64 -19.71 27.49 5.66
N ALA A 65 -19.56 27.33 4.35
CA ALA A 65 -20.63 26.72 3.58
C ALA A 65 -20.81 25.25 3.91
N HIS A 66 -19.81 24.60 4.50
CA HIS A 66 -19.99 23.26 5.02
C HIS A 66 -20.61 23.26 6.40
N ILE A 67 -20.48 24.35 7.14
CA ILE A 67 -21.20 24.50 8.38
C ILE A 67 -22.66 24.83 8.11
N LEU A 68 -22.89 25.82 7.25
CA LEU A 68 -24.25 26.18 6.92
C LEU A 68 -25.02 25.02 6.33
N ASN A 69 -24.34 24.11 5.64
CA ASN A 69 -25.01 22.94 5.09
C ASN A 69 -25.71 22.14 6.17
N TYR A 70 -25.13 22.08 7.36
CA TYR A 70 -25.77 21.41 8.47
C TYR A 70 -27.16 21.97 8.71
N TYR A 71 -27.29 23.29 8.75
CA TYR A 71 -28.62 23.84 8.96
C TYR A 71 -29.48 23.62 7.74
N ARG A 72 -28.88 23.51 6.57
CA ARG A 72 -29.64 23.45 5.34
C ARG A 72 -30.17 22.06 5.10
N THR A 73 -29.30 21.05 5.10
CA THR A 73 -29.86 19.78 4.74
C THR A 73 -30.31 19.00 5.97
N GLY A 74 -29.40 18.28 6.60
CA GLY A 74 -29.63 17.86 7.97
C GLY A 74 -28.37 17.42 8.65
N LYS A 75 -27.29 17.36 7.90
CA LYS A 75 -26.16 16.52 8.26
C LYS A 75 -24.87 17.32 8.24
N LEU A 76 -23.87 16.80 8.92
CA LEU A 76 -22.60 17.49 9.09
C LEU A 76 -21.50 16.64 8.47
N HIS A 77 -20.80 17.21 7.50
CA HIS A 77 -19.68 16.56 6.84
C HIS A 77 -18.42 17.40 7.03
N CYS A 78 -17.30 16.86 6.58
CA CYS A 78 -16.02 17.53 6.71
C CYS A 78 -15.43 17.83 5.33
N PRO A 79 -14.99 19.06 5.07
CA PRO A 79 -14.37 19.35 3.78
C PRO A 79 -13.05 18.62 3.63
N ALA A 80 -12.75 18.25 2.40
CA ALA A 80 -11.50 17.59 2.09
C ALA A 80 -10.44 18.53 1.57
N ASP A 81 -10.71 19.84 1.54
CA ASP A 81 -9.71 20.83 1.15
C ASP A 81 -9.06 21.51 2.34
N VAL A 82 -9.52 21.25 3.55
CA VAL A 82 -8.89 21.74 4.76
C VAL A 82 -8.52 20.54 5.60
N CYS A 83 -7.70 20.78 6.62
CA CYS A 83 -7.27 19.69 7.48
C CYS A 83 -8.25 19.51 8.62
N GLY A 84 -8.01 18.50 9.44
CA GLY A 84 -8.80 18.28 10.64
C GLY A 84 -8.81 19.46 11.60
N PRO A 85 -7.62 19.93 12.01
CA PRO A 85 -7.57 20.99 13.01
C PRO A 85 -8.24 22.30 12.60
N LEU A 86 -8.14 22.69 11.33
CA LEU A 86 -8.79 23.93 10.89
C LEU A 86 -10.30 23.82 11.03
N TYR A 87 -10.86 22.74 10.51
CA TYR A 87 -12.30 22.54 10.62
C TYR A 87 -12.72 22.43 12.07
N GLU A 88 -11.90 21.78 12.89
CA GLU A 88 -12.23 21.63 14.30
C GLU A 88 -12.32 22.98 14.97
N GLU A 89 -11.36 23.86 14.71
CA GLU A 89 -11.41 25.18 15.30
C GLU A 89 -12.64 25.96 14.83
N GLU A 90 -13.07 25.74 13.59
CA GLU A 90 -14.24 26.47 13.12
C GLU A 90 -15.53 25.94 13.75
N LEU A 91 -15.68 24.62 13.84
CA LEU A 91 -16.83 24.06 14.53
C LEU A 91 -16.87 24.53 15.98
N ALA A 92 -15.69 24.64 16.61
CA ALA A 92 -15.63 25.17 17.95
C ALA A 92 -16.10 26.62 18.00
N PHE A 93 -15.77 27.42 16.98
CA PHE A 93 -16.20 28.81 17.00
C PHE A 93 -17.70 28.93 16.82
N TRP A 94 -18.30 28.08 15.99
CA TRP A 94 -19.69 28.29 15.64
C TRP A 94 -20.67 27.64 16.61
N GLY A 95 -20.21 26.76 17.48
CA GLY A 95 -21.08 26.14 18.45
C GLY A 95 -21.53 24.75 18.10
N ILE A 96 -20.91 24.11 17.16
CA ILE A 96 -21.33 22.80 16.69
C ILE A 96 -20.64 21.71 17.49
N ASP A 97 -21.40 20.70 17.88
CA ASP A 97 -20.84 19.56 18.59
C ASP A 97 -20.15 18.64 17.59
N GLU A 98 -18.86 18.45 17.77
CA GLU A 98 -18.05 17.77 16.77
C GLU A 98 -18.28 16.27 16.74
N THR A 99 -19.35 15.78 17.36
CA THR A 99 -19.71 14.37 17.27
C THR A 99 -20.86 14.12 16.31
N ASP A 100 -21.41 15.18 15.72
CA ASP A 100 -22.43 15.04 14.68
C ASP A 100 -21.83 14.74 13.32
N VAL A 101 -20.50 14.66 13.22
CA VAL A 101 -19.86 14.34 11.97
C VAL A 101 -20.31 12.97 11.50
N GLU A 102 -20.79 12.90 10.27
CA GLU A 102 -21.29 11.65 9.74
C GLU A 102 -20.15 10.66 9.54
N PRO A 103 -20.45 9.35 9.57
CA PRO A 103 -19.38 8.35 9.54
C PRO A 103 -18.60 8.32 8.25
N CYS A 104 -19.08 8.94 7.18
CA CYS A 104 -18.28 9.04 5.97
C CYS A 104 -17.05 9.90 6.18
N CYS A 105 -17.12 10.86 7.08
CA CYS A 105 -16.08 11.86 7.24
C CYS A 105 -15.39 11.80 8.59
N TRP A 106 -15.83 10.91 9.50
CA TRP A 106 -15.36 10.92 10.88
C TRP A 106 -13.88 10.57 10.98
N MET A 107 -13.44 9.52 10.29
CA MET A 107 -12.06 9.09 10.46
C MET A 107 -11.09 10.08 9.86
N THR A 108 -11.37 10.57 8.65
CA THR A 108 -10.52 11.58 8.05
C THR A 108 -10.53 12.85 8.89
N TYR A 109 -11.64 13.13 9.57
CA TYR A 109 -11.69 14.30 10.43
C TYR A 109 -10.79 14.13 11.66
N ARG A 110 -10.77 12.93 12.24
CA ARG A 110 -10.11 12.77 13.52
C ARG A 110 -8.65 12.34 13.44
N GLN A 111 -8.19 11.86 12.28
CA GLN A 111 -6.88 11.21 12.21
C GLN A 111 -5.78 11.99 12.93
N HIS A 112 -5.69 13.30 12.71
CA HIS A 112 -4.58 14.05 13.30
C HIS A 112 -4.69 14.13 14.81
N ARG A 113 -5.90 14.23 15.35
N ARG A 113 -5.90 14.23 15.35
CA ARG A 113 -6.08 14.24 16.80
CA ARG A 113 -6.07 14.25 16.80
C ARG A 113 -5.86 12.87 17.39
C ARG A 113 -5.87 12.86 17.39
N ASP A 114 -6.32 11.83 16.69
CA ASP A 114 -6.06 10.47 17.14
C ASP A 114 -4.57 10.20 17.18
N ALA A 115 -3.80 10.84 16.31
CA ALA A 115 -2.35 10.70 16.30
C ALA A 115 -1.65 11.67 17.23
N GLU A 116 -2.31 12.73 17.67
CA GLU A 116 -1.63 13.71 18.50
C GLU A 116 -1.50 13.18 19.93
N GLU A 117 -2.63 13.09 20.63
CA GLU A 117 -2.79 12.30 21.85
C GLU A 117 -1.57 12.30 22.75
N ALA A 118 -0.84 13.41 22.80
CA ALA A 118 0.52 13.43 23.36
C ALA A 118 1.27 12.15 22.99
N LEU A 119 1.24 11.82 21.71
CA LEU A 119 1.63 10.50 21.23
C LEU A 119 1.96 10.51 19.75
N VAL A 192 27.59 10.23 30.79
CA VAL A 192 27.32 9.03 31.55
C VAL A 192 26.53 8.02 30.71
N ALA A 193 25.89 8.47 29.63
CA ALA A 193 25.20 7.56 28.74
C ALA A 193 26.16 6.52 28.16
N PHE A 194 27.35 6.96 27.77
CA PHE A 194 28.36 6.03 27.29
C PHE A 194 29.03 5.29 28.43
N ALA A 195 28.96 5.80 29.64
CA ALA A 195 29.43 5.08 30.81
C ALA A 195 28.42 4.06 31.30
N SER A 196 27.25 4.00 30.67
CA SER A 196 26.26 2.96 30.91
C SER A 196 26.17 1.96 29.77
N LEU A 197 26.05 2.46 28.54
CA LEU A 197 25.89 1.60 27.37
C LEU A 197 27.01 0.59 27.26
N PHE A 198 28.23 0.99 27.60
CA PHE A 198 29.36 0.07 27.46
C PHE A 198 29.14 -1.17 28.31
N PHE A 199 28.87 -1.00 29.59
CA PHE A 199 28.68 -2.16 30.44
C PHE A 199 27.39 -2.89 30.13
N ILE A 200 26.40 -2.21 29.55
CA ILE A 200 25.21 -2.93 29.11
C ILE A 200 25.59 -3.93 28.03
N LEU A 201 26.34 -3.49 27.02
CA LEU A 201 26.74 -4.38 25.95
C LEU A 201 27.66 -5.47 26.46
N VAL A 202 28.53 -5.13 27.40
CA VAL A 202 29.41 -6.12 28.01
C VAL A 202 28.61 -7.22 28.68
N SER A 203 27.59 -6.84 29.44
CA SER A 203 26.76 -7.82 30.13
C SER A 203 25.97 -8.66 29.14
N ILE A 204 25.46 -8.05 28.08
CA ILE A 204 24.73 -8.82 27.07
C ILE A 204 25.62 -9.88 26.45
N THR A 205 26.82 -9.49 26.04
CA THR A 205 27.73 -10.44 25.43
C THR A 205 28.07 -11.56 26.41
N THR A 206 28.50 -11.22 27.61
CA THR A 206 28.80 -12.25 28.60
C THR A 206 27.63 -13.20 28.78
N PHE A 207 26.41 -12.66 28.82
CA PHE A 207 25.22 -13.49 28.92
C PHE A 207 25.13 -14.44 27.75
N CYS A 208 25.53 -14.00 26.57
CA CYS A 208 25.44 -14.86 25.39
C CYS A 208 26.49 -15.94 25.38
N LEU A 209 27.67 -15.73 25.93
CA LEU A 209 28.71 -16.72 25.71
C LEU A 209 28.88 -17.74 26.82
N GLU A 210 28.21 -17.62 27.96
CA GLU A 210 28.29 -18.77 28.86
C GLU A 210 27.38 -19.90 28.39
N THR A 211 26.47 -19.61 27.46
CA THR A 211 25.71 -20.67 26.83
C THR A 211 26.53 -21.42 25.80
N HIS A 212 27.49 -20.74 25.16
CA HIS A 212 28.28 -21.37 24.11
C HIS A 212 29.19 -22.43 24.70
N GLU A 213 29.20 -23.61 24.10
CA GLU A 213 29.99 -24.71 24.63
C GLU A 213 31.42 -24.65 24.15
N ARG A 214 31.98 -23.44 24.15
CA ARG A 214 33.41 -23.23 24.01
C ARG A 214 34.04 -22.78 25.31
N PHE A 215 33.27 -22.06 26.12
CA PHE A 215 33.61 -21.70 27.48
C PHE A 215 32.93 -22.60 28.49
N ASN A 216 32.75 -23.86 28.15
CA ASN A 216 32.26 -24.87 29.08
C ASN A 216 33.03 -26.16 28.87
N PRO A 217 34.27 -26.23 29.37
CA PRO A 217 35.07 -27.46 29.40
C PRO A 217 34.35 -28.64 30.04
N GLU A 240 31.21 -26.74 34.71
CA GLU A 240 31.97 -26.73 33.47
C GLU A 240 32.25 -25.29 33.02
N THR A 241 31.82 -24.32 33.82
N THR A 241 31.82 -24.32 33.82
CA THR A 241 31.98 -22.91 33.52
CA THR A 241 31.98 -22.91 33.52
C THR A 241 33.44 -22.50 33.52
C THR A 241 33.44 -22.50 33.52
N GLU A 242 33.69 -21.20 33.44
CA GLU A 242 35.04 -20.66 33.35
C GLU A 242 35.04 -19.46 34.29
N ALA A 243 36.10 -18.65 34.26
CA ALA A 243 36.24 -17.74 35.39
C ALA A 243 36.45 -16.30 34.96
N PHE A 244 37.00 -16.10 33.77
CA PHE A 244 37.06 -14.73 33.27
C PHE A 244 35.68 -14.22 32.94
N LEU A 245 34.76 -15.12 32.59
CA LEU A 245 33.37 -14.73 32.41
C LEU A 245 32.76 -14.27 33.71
N THR A 246 33.05 -14.97 34.81
CA THR A 246 32.53 -14.54 36.10
C THR A 246 33.19 -13.25 36.58
N TYR A 247 34.44 -13.00 36.19
CA TYR A 247 35.08 -11.75 36.56
C TYR A 247 34.47 -10.59 35.79
N ILE A 248 34.14 -10.80 34.52
CA ILE A 248 33.47 -9.74 33.76
C ILE A 248 32.08 -9.49 34.33
N GLU A 249 31.38 -10.56 34.72
CA GLU A 249 30.12 -10.40 35.42
C GLU A 249 30.28 -9.54 36.67
N GLY A 250 31.29 -9.87 37.48
CA GLY A 250 31.51 -9.11 38.70
C GLY A 250 31.75 -7.64 38.42
N VAL A 251 32.56 -7.33 37.42
CA VAL A 251 32.89 -5.94 37.12
C VAL A 251 31.64 -5.20 36.68
N CYS A 252 30.83 -5.81 35.82
CA CYS A 252 29.67 -5.08 35.34
C CYS A 252 28.62 -4.92 36.44
N VAL A 253 28.56 -5.85 37.39
CA VAL A 253 27.65 -5.66 38.50
C VAL A 253 28.17 -4.58 39.46
N VAL A 254 29.46 -4.57 39.76
CA VAL A 254 29.98 -3.53 40.64
C VAL A 254 30.09 -2.18 39.94
N TRP A 255 29.78 -2.12 38.65
CA TRP A 255 29.40 -0.80 38.14
C TRP A 255 27.90 -0.57 38.22
N PHE A 256 27.08 -1.62 38.11
CA PHE A 256 25.64 -1.42 38.07
C PHE A 256 25.13 -0.61 39.25
N THR A 257 25.88 -0.60 40.36
CA THR A 257 25.44 0.15 41.53
C THR A 257 25.64 1.65 41.40
N PHE A 258 26.66 2.08 40.65
CA PHE A 258 26.94 3.50 40.54
C PHE A 258 25.84 4.23 39.79
N GLU A 259 25.09 3.53 38.97
CA GLU A 259 23.89 4.08 38.35
C GLU A 259 22.61 3.54 39.01
N PHE A 260 22.71 2.62 39.97
CA PHE A 260 21.52 2.16 40.66
C PHE A 260 21.48 2.50 42.15
N LEU A 261 22.55 3.03 42.72
CA LEU A 261 22.43 3.73 44.00
C LEU A 261 22.18 5.21 43.80
N MET A 262 21.76 5.59 42.59
CA MET A 262 21.45 6.96 42.23
C MET A 262 19.97 7.16 41.96
N ARG A 263 19.14 6.15 42.26
CA ARG A 263 17.81 6.08 41.67
C ARG A 263 16.68 6.03 42.68
N VAL A 264 16.82 5.25 43.75
CA VAL A 264 15.70 4.95 44.63
C VAL A 264 15.80 5.69 45.96
N ILE A 265 16.97 5.73 46.58
CA ILE A 265 17.11 6.55 47.78
C ILE A 265 17.65 7.94 47.45
N PHE A 266 18.36 8.10 46.32
CA PHE A 266 18.72 9.41 45.77
C PHE A 266 17.62 9.95 44.86
N CYS A 267 16.38 9.50 45.04
CA CYS A 267 15.36 9.57 44.01
C CYS A 267 14.88 11.01 43.82
N ILE A 281 10.24 0.68 34.79
CA ILE A 281 11.47 0.28 34.13
C ILE A 281 12.66 0.29 35.07
N ASP A 282 12.48 0.72 36.31
CA ASP A 282 13.54 0.69 37.30
C ASP A 282 13.47 -0.55 38.18
N PHE A 283 12.26 -0.93 38.61
CA PHE A 283 12.11 -2.16 39.36
C PHE A 283 11.97 -3.37 38.46
N VAL A 284 11.34 -3.21 37.30
CA VAL A 284 11.04 -4.32 36.42
C VAL A 284 12.11 -4.46 35.34
N ALA A 285 13.25 -3.79 35.49
CA ALA A 285 14.37 -4.02 34.62
C ALA A 285 15.72 -4.09 35.34
N ILE A 286 15.84 -3.62 36.57
CA ILE A 286 17.10 -3.63 37.29
C ILE A 286 17.02 -4.50 38.55
N LEU A 287 16.11 -5.47 38.55
CA LEU A 287 16.12 -6.53 39.55
C LEU A 287 17.29 -7.50 39.42
N PRO A 288 17.83 -7.79 38.22
CA PRO A 288 18.96 -8.73 38.15
C PRO A 288 20.15 -8.26 38.95
N PHE A 289 20.36 -6.95 39.05
CA PHE A 289 21.41 -6.44 39.92
C PHE A 289 21.20 -6.94 41.35
N TYR A 290 19.95 -6.93 41.81
CA TYR A 290 19.64 -7.49 43.13
C TYR A 290 19.97 -8.99 43.16
N LEU A 291 19.53 -9.73 42.14
CA LEU A 291 19.51 -11.18 42.24
C LEU A 291 20.84 -11.83 41.87
N GLU A 292 21.80 -11.08 41.36
CA GLU A 292 23.09 -11.65 40.98
C GLU A 292 23.73 -12.38 42.14
N VAL A 293 24.04 -11.66 43.22
CA VAL A 293 24.70 -12.29 44.35
C VAL A 293 23.73 -13.18 45.13
N GLY A 294 22.46 -12.81 45.15
CA GLY A 294 21.47 -13.57 45.90
C GLY A 294 21.03 -14.84 45.20
N VAL A 312 15.45 -16.75 34.40
CA VAL A 312 15.08 -15.38 34.74
C VAL A 312 16.19 -14.67 35.48
N VAL A 313 17.14 -15.44 36.03
CA VAL A 313 18.33 -14.84 36.63
C VAL A 313 18.97 -13.85 35.66
N ARG A 314 19.01 -14.21 34.39
CA ARG A 314 19.51 -13.30 33.36
C ARG A 314 18.68 -13.25 32.08
N PHE A 315 17.67 -14.10 31.91
CA PHE A 315 16.67 -13.87 30.85
C PHE A 315 16.20 -12.42 30.90
N VAL A 316 16.11 -11.85 32.09
CA VAL A 316 15.79 -10.43 32.21
C VAL A 316 16.99 -9.55 31.91
N ARG A 317 18.21 -10.11 31.95
CA ARG A 317 19.39 -9.29 31.80
C ARG A 317 19.45 -8.60 30.45
N ILE A 318 18.80 -9.16 29.43
CA ILE A 318 18.86 -8.55 28.11
C ILE A 318 18.05 -7.28 28.07
N LEU A 319 16.93 -7.23 28.81
CA LEU A 319 16.00 -6.13 28.67
C LEU A 319 16.61 -4.78 29.00
N ARG A 320 17.78 -4.74 29.62
CA ARG A 320 18.41 -3.45 29.88
C ARG A 320 18.73 -2.71 28.60
N ILE A 321 18.73 -3.40 27.45
CA ILE A 321 18.94 -2.74 26.18
C ILE A 321 17.90 -1.67 25.95
N PHE A 322 16.70 -1.88 26.48
CA PHE A 322 15.65 -0.88 26.33
C PHE A 322 15.97 0.38 27.09
N LYS A 323 16.72 0.26 28.20
CA LYS A 323 17.08 1.42 28.99
C LYS A 323 17.79 2.46 28.15
N LEU A 324 18.78 2.03 27.37
CA LEU A 324 19.57 2.98 26.60
C LEU A 324 18.90 3.40 25.30
N THR A 325 17.95 2.62 24.79
CA THR A 325 17.32 2.92 23.51
C THR A 325 15.94 3.55 23.67
N ARG A 326 15.57 3.95 24.87
CA ARG A 326 14.30 4.64 25.05
C ARG A 326 14.40 6.11 24.69
N HIS A 327 15.58 6.58 24.29
CA HIS A 327 15.75 7.92 23.74
C HIS A 327 15.67 7.93 22.22
N PHE A 328 15.34 6.81 21.60
CA PHE A 328 15.28 6.70 20.15
C PHE A 328 13.91 7.12 19.67
N VAL A 329 13.88 8.01 18.68
CA VAL A 329 12.60 8.52 18.21
C VAL A 329 11.78 7.43 17.55
N GLY A 330 12.42 6.39 17.04
CA GLY A 330 11.69 5.36 16.34
C GLY A 330 11.06 4.33 17.25
N LEU A 331 11.74 4.01 18.34
CA LEU A 331 11.17 3.03 19.26
C LEU A 331 10.03 3.61 20.07
N ARG A 332 10.06 4.92 20.37
CA ARG A 332 8.91 5.50 21.04
C ARG A 332 7.69 5.51 20.13
N VAL A 333 7.89 5.78 18.85
CA VAL A 333 6.79 5.71 17.91
C VAL A 333 6.29 4.28 17.79
N LEU A 334 7.20 3.31 17.82
CA LEU A 334 6.80 1.92 17.80
C LEU A 334 5.95 1.59 19.02
N GLY A 335 6.37 2.03 20.19
CA GLY A 335 5.59 1.79 21.39
C GLY A 335 4.23 2.46 21.34
N HIS A 336 4.16 3.60 20.68
CA HIS A 336 2.87 4.28 20.55
C HIS A 336 1.93 3.55 19.60
N THR A 337 2.45 2.95 18.53
CA THR A 337 1.55 2.23 17.64
C THR A 337 1.17 0.88 18.20
N LEU A 338 2.06 0.24 18.96
CA LEU A 338 1.73 -1.02 19.61
C LEU A 338 0.75 -0.85 20.76
N ARG A 339 0.39 0.38 21.11
CA ARG A 339 -0.58 0.64 22.15
C ARG A 339 -1.84 1.30 21.62
N ALA A 340 -1.77 1.95 20.47
CA ALA A 340 -2.92 2.53 19.81
C ALA A 340 -3.56 1.57 18.83
N SER A 341 -3.13 0.31 18.81
CA SER A 341 -3.63 -0.68 17.86
C SER A 341 -3.81 -2.02 18.53
N THR A 342 -4.32 -2.03 19.76
CA THR A 342 -4.51 -3.29 20.46
C THR A 342 -5.72 -4.07 19.95
N ASN A 343 -6.62 -3.42 19.22
CA ASN A 343 -7.75 -4.14 18.65
C ASN A 343 -7.35 -4.88 17.39
N GLU A 344 -6.57 -4.21 16.54
CA GLU A 344 -6.11 -4.84 15.31
C GLU A 344 -5.09 -5.93 15.55
N PHE A 345 -4.61 -6.07 16.78
CA PHE A 345 -3.82 -7.22 17.14
C PHE A 345 -4.68 -8.38 17.57
N LEU A 346 -5.72 -8.10 18.36
CA LEU A 346 -6.70 -9.11 18.68
C LEU A 346 -7.30 -9.69 17.41
N LEU A 347 -7.61 -8.83 16.44
CA LEU A 347 -8.16 -9.30 15.18
C LEU A 347 -7.23 -10.29 14.50
N LEU A 348 -5.96 -9.92 14.38
CA LEU A 348 -4.99 -10.79 13.70
C LEU A 348 -4.85 -12.11 14.43
N ILE A 349 -4.75 -12.07 15.76
CA ILE A 349 -4.57 -13.29 16.53
C ILE A 349 -5.78 -14.20 16.36
N ILE A 350 -6.98 -13.64 16.33
CA ILE A 350 -8.17 -14.46 16.23
C ILE A 350 -8.30 -15.05 14.84
N PHE A 351 -8.03 -14.25 13.81
CA PHE A 351 -7.98 -14.78 12.45
C PHE A 351 -7.05 -15.97 12.36
N LEU A 352 -5.85 -15.81 12.90
CA LEU A 352 -4.86 -16.87 12.78
C LEU A 352 -5.28 -18.10 13.56
N ALA A 353 -5.85 -17.92 14.76
CA ALA A 353 -6.27 -19.09 15.52
C ALA A 353 -7.35 -19.85 14.78
N LEU A 354 -8.32 -19.15 14.22
CA LEU A 354 -9.39 -19.79 13.46
C LEU A 354 -8.82 -20.56 12.28
N GLY A 355 -8.00 -19.88 11.47
CA GLY A 355 -7.43 -20.56 10.32
C GLY A 355 -6.61 -21.76 10.70
N VAL A 356 -5.77 -21.64 11.73
CA VAL A 356 -4.91 -22.73 12.13
C VAL A 356 -5.73 -23.93 12.55
N LEU A 357 -6.78 -23.72 13.32
CA LEU A 357 -7.59 -24.84 13.76
C LEU A 357 -8.29 -25.51 12.58
N ILE A 358 -8.91 -24.70 11.71
CA ILE A 358 -9.66 -25.25 10.59
C ILE A 358 -8.74 -26.06 9.68
N PHE A 359 -7.60 -25.49 9.32
CA PHE A 359 -6.73 -26.17 8.37
C PHE A 359 -6.00 -27.34 9.00
N ALA A 360 -5.70 -27.28 10.29
CA ALA A 360 -5.11 -28.44 10.94
C ALA A 360 -6.10 -29.60 10.97
N THR A 361 -7.39 -29.30 11.13
CA THR A 361 -8.37 -30.38 11.09
C THR A 361 -8.54 -30.91 9.70
N MET A 362 -8.52 -30.03 8.70
CA MET A 362 -8.72 -30.48 7.34
C MET A 362 -7.56 -31.32 6.86
N ILE A 363 -6.32 -30.94 7.20
CA ILE A 363 -5.18 -31.65 6.65
C ILE A 363 -5.09 -33.05 7.21
N TYR A 364 -5.57 -33.27 8.43
CA TYR A 364 -5.52 -34.60 9.02
C TYR A 364 -6.39 -35.57 8.25
N TYR A 365 -7.63 -35.16 8.02
CA TYR A 365 -8.57 -36.00 7.30
C TYR A 365 -8.22 -36.12 5.83
N ALA A 366 -7.64 -35.06 5.26
CA ALA A 366 -7.20 -35.15 3.87
C ALA A 366 -6.05 -36.12 3.70
N GLU A 367 -5.12 -36.16 4.65
CA GLU A 367 -4.02 -37.08 4.55
C GLU A 367 -4.39 -38.47 5.00
N ARG A 368 -5.56 -38.64 5.61
N ARG A 368 -5.57 -38.65 5.60
CA ARG A 368 -5.94 -39.96 6.09
CA ARG A 368 -5.95 -39.96 6.10
C ARG A 368 -6.43 -40.88 4.99
C ARG A 368 -6.48 -40.88 5.03
N ILE A 369 -7.00 -40.35 3.92
CA ILE A 369 -7.51 -41.21 2.85
C ILE A 369 -6.40 -41.75 1.95
N GLY A 370 -5.16 -41.28 2.11
CA GLY A 370 -4.03 -41.93 1.50
C GLY A 370 -3.63 -43.23 2.18
N ALA A 371 -4.17 -43.50 3.37
CA ALA A 371 -3.96 -44.76 4.08
C ALA A 371 -2.50 -45.13 4.23
N SER A 377 -3.65 -49.99 10.45
CA SER A 377 -3.86 -50.04 11.89
C SER A 377 -3.37 -48.77 12.58
N ALA A 378 -2.77 -47.87 11.80
CA ALA A 378 -2.25 -46.62 12.33
C ALA A 378 -1.98 -45.68 11.15
N SER A 379 -1.24 -44.62 11.43
CA SER A 379 -0.83 -43.63 10.43
C SER A 379 0.69 -43.64 10.39
N GLU A 380 1.25 -44.35 9.40
CA GLU A 380 2.67 -44.62 9.35
C GLU A 380 3.29 -44.09 8.07
N HIS A 381 2.59 -43.18 7.40
CA HIS A 381 2.96 -42.74 6.06
C HIS A 381 2.81 -41.24 5.90
N THR A 382 2.61 -40.50 6.97
CA THR A 382 2.28 -39.09 6.87
C THR A 382 2.83 -38.36 8.08
N HIS A 383 3.19 -37.10 7.87
CA HIS A 383 3.69 -36.29 8.97
C HIS A 383 2.60 -35.96 9.97
N PHE A 384 1.34 -36.07 9.56
CA PHE A 384 0.22 -35.58 10.33
C PHE A 384 -0.43 -36.74 11.06
N LYS A 385 0.17 -37.12 12.18
CA LYS A 385 -0.31 -38.26 12.93
C LYS A 385 -1.47 -37.91 13.84
N ASN A 386 -1.56 -36.66 14.28
CA ASN A 386 -2.70 -36.19 15.04
C ASN A 386 -3.01 -34.77 14.60
N ILE A 387 -4.10 -34.24 15.12
CA ILE A 387 -4.54 -32.89 14.77
C ILE A 387 -3.69 -31.83 15.48
N PRO A 388 -3.31 -32.00 16.75
CA PRO A 388 -2.44 -31.00 17.37
C PRO A 388 -1.15 -30.73 16.61
N ILE A 389 -0.46 -31.76 16.14
CA ILE A 389 0.79 -31.53 15.43
C ILE A 389 0.58 -30.82 14.11
N GLY A 390 -0.67 -30.68 13.67
CA GLY A 390 -0.96 -29.94 12.47
C GLY A 390 -1.08 -28.45 12.68
N PHE A 391 -1.22 -28.00 13.92
CA PHE A 391 -1.20 -26.56 14.18
C PHE A 391 0.13 -25.96 13.79
N TRP A 392 1.21 -26.68 14.07
CA TRP A 392 2.53 -26.27 13.65
C TRP A 392 2.60 -26.11 12.14
N TRP A 393 2.18 -27.15 11.41
CA TRP A 393 2.19 -27.08 9.97
C TRP A 393 1.38 -25.89 9.47
N ALA A 394 0.21 -25.68 10.04
CA ALA A 394 -0.67 -24.66 9.53
C ALA A 394 -0.10 -23.27 9.76
N VAL A 395 0.53 -23.05 10.90
CA VAL A 395 1.06 -21.72 11.13
C VAL A 395 2.34 -21.49 10.34
N VAL A 396 3.11 -22.54 10.08
CA VAL A 396 4.31 -22.38 9.26
C VAL A 396 3.94 -22.18 7.81
N THR A 397 2.78 -22.67 7.40
CA THR A 397 2.32 -22.52 6.02
C THR A 397 1.60 -21.21 5.78
N MET A 398 0.72 -20.80 6.69
CA MET A 398 -0.07 -19.59 6.48
C MET A 398 0.78 -18.33 6.48
N THR A 399 2.01 -18.40 6.95
CA THR A 399 2.93 -17.27 6.95
C THR A 399 3.87 -17.29 5.76
N THR A 400 3.74 -18.26 4.86
CA THR A 400 4.64 -18.46 3.72
C THR A 400 6.08 -18.66 4.17
N LEU A 401 6.25 -19.24 5.35
CA LEU A 401 7.59 -19.56 5.82
C LEU A 401 8.07 -20.88 5.23
N GLY A 402 7.39 -21.97 5.54
CA GLY A 402 7.67 -23.22 4.89
C GLY A 402 9.03 -23.81 5.19
N TYR A 403 9.26 -24.24 6.43
CA TYR A 403 10.49 -24.96 6.73
C TYR A 403 10.63 -26.19 5.85
N GLY A 404 9.63 -27.04 5.87
CA GLY A 404 9.69 -28.28 5.13
C GLY A 404 9.88 -29.51 5.97
N ASP A 405 9.80 -29.40 7.30
CA ASP A 405 9.83 -30.59 8.13
C ASP A 405 8.51 -31.34 8.06
N MET A 406 7.42 -30.63 7.78
CA MET A 406 6.10 -31.19 7.59
C MET A 406 5.55 -30.66 6.29
N TYR A 407 5.14 -31.56 5.41
CA TYR A 407 4.50 -31.17 4.16
C TYR A 407 3.55 -32.28 3.75
N PRO A 408 2.53 -31.98 2.96
CA PRO A 408 1.60 -33.02 2.52
C PRO A 408 2.23 -33.96 1.52
N GLN A 409 1.76 -35.20 1.52
CA GLN A 409 2.30 -36.20 0.61
C GLN A 409 1.26 -36.92 -0.22
N THR A 410 -0.02 -36.69 0.00
CA THR A 410 -1.08 -37.22 -0.84
C THR A 410 -1.76 -36.08 -1.56
N TRP A 411 -2.45 -36.40 -2.66
CA TRP A 411 -2.99 -35.35 -3.52
C TRP A 411 -4.06 -34.54 -2.82
N SER A 412 -4.85 -35.19 -1.97
CA SER A 412 -5.81 -34.47 -1.15
C SER A 412 -5.11 -33.50 -0.22
N GLY A 413 -4.06 -33.96 0.43
CA GLY A 413 -3.29 -33.07 1.28
C GLY A 413 -2.71 -31.91 0.51
N MET A 414 -2.26 -32.16 -0.71
CA MET A 414 -1.67 -31.09 -1.51
C MET A 414 -2.71 -30.05 -1.88
N LEU A 415 -3.94 -30.47 -2.15
CA LEU A 415 -5.01 -29.51 -2.38
C LEU A 415 -5.29 -28.68 -1.13
N VAL A 416 -5.37 -29.33 0.02
CA VAL A 416 -5.61 -28.61 1.26
C VAL A 416 -4.49 -27.61 1.53
N GLY A 417 -3.25 -28.00 1.25
CA GLY A 417 -2.14 -27.11 1.52
C GLY A 417 -2.08 -25.95 0.56
N ALA A 418 -2.43 -26.19 -0.70
CA ALA A 418 -2.56 -25.09 -1.63
C ALA A 418 -3.57 -24.08 -1.13
N LEU A 419 -4.67 -24.56 -0.57
CA LEU A 419 -5.65 -23.65 0.01
C LEU A 419 -5.10 -22.92 1.22
N CYS A 420 -4.37 -23.64 2.08
CA CYS A 420 -3.86 -23.06 3.32
C CYS A 420 -2.91 -21.92 3.05
N ALA A 421 -2.05 -22.07 2.04
CA ALA A 421 -1.09 -21.01 1.74
C ALA A 421 -1.79 -19.70 1.41
N LEU A 422 -2.71 -19.74 0.47
CA LEU A 422 -3.39 -18.51 0.04
C LEU A 422 -4.30 -17.97 1.14
N ALA A 423 -4.98 -18.85 1.86
CA ALA A 423 -5.83 -18.41 2.95
C ALA A 423 -5.02 -17.68 3.99
N GLY A 424 -3.83 -18.19 4.31
CA GLY A 424 -3.00 -17.51 5.27
C GLY A 424 -2.51 -16.18 4.74
N VAL A 425 -2.12 -16.13 3.47
CA VAL A 425 -1.70 -14.86 2.88
C VAL A 425 -2.79 -13.82 3.08
N LEU A 426 -4.03 -14.15 2.73
CA LEU A 426 -5.10 -13.16 2.80
C LEU A 426 -5.46 -12.81 4.24
N THR A 427 -5.57 -13.83 5.09
CA THR A 427 -5.84 -13.62 6.51
C THR A 427 -4.86 -12.65 7.11
N ILE A 428 -3.57 -12.85 6.87
CA ILE A 428 -2.57 -11.97 7.43
C ILE A 428 -2.65 -10.59 6.78
N ALA A 429 -2.86 -10.55 5.47
CA ALA A 429 -2.80 -9.29 4.76
C ALA A 429 -3.99 -8.40 5.00
N MET A 430 -5.03 -8.87 5.65
CA MET A 430 -6.11 -7.92 5.87
C MET A 430 -5.87 -6.92 7.01
N PRO A 431 -5.49 -7.33 8.23
CA PRO A 431 -5.35 -6.34 9.32
C PRO A 431 -3.97 -5.69 9.45
N VAL A 432 -2.96 -6.32 8.87
CA VAL A 432 -1.61 -5.77 8.94
C VAL A 432 -1.50 -4.41 8.29
N PRO A 433 -2.14 -4.13 7.15
CA PRO A 433 -2.09 -2.77 6.62
C PRO A 433 -2.72 -1.75 7.54
N VAL A 434 -3.77 -2.12 8.25
CA VAL A 434 -4.33 -1.22 9.25
C VAL A 434 -3.30 -0.91 10.31
N ILE A 435 -2.55 -1.92 10.74
CA ILE A 435 -1.54 -1.67 11.76
C ILE A 435 -0.38 -0.85 11.21
N VAL A 436 -0.09 -0.98 9.92
CA VAL A 436 1.07 -0.30 9.34
C VAL A 436 0.76 1.17 9.05
N ASN A 437 -0.48 1.49 8.70
CA ASN A 437 -0.84 2.88 8.49
C ASN A 437 -0.68 3.69 9.75
N ASN A 438 -0.98 3.11 10.90
CA ASN A 438 -0.81 3.82 12.16
C ASN A 438 0.65 4.21 12.36
N PHE A 439 1.56 3.30 12.06
CA PHE A 439 2.96 3.64 12.20
C PHE A 439 3.35 4.72 11.21
N GLY A 440 2.89 4.60 9.96
CA GLY A 440 3.22 5.63 8.98
C GLY A 440 2.83 7.01 9.48
N MET A 441 1.60 7.14 9.96
CA MET A 441 1.11 8.42 10.44
C MET A 441 1.90 8.92 11.65
N TYR A 442 2.06 8.07 12.67
CA TYR A 442 2.71 8.53 13.90
C TYR A 442 4.17 8.84 13.67
N TYR A 443 4.85 8.06 12.84
CA TYR A 443 6.24 8.33 12.54
C TYR A 443 6.39 9.61 11.75
N SER A 444 5.55 9.83 10.75
CA SER A 444 5.62 11.07 10.00
C SER A 444 5.41 12.27 10.90
N LEU A 445 4.47 12.17 11.84
CA LEU A 445 4.23 13.28 12.76
C LEU A 445 5.40 13.52 13.68
N ALA A 446 5.95 12.45 14.26
CA ALA A 446 7.05 12.61 15.20
C ALA A 446 8.31 13.10 14.50
N MET A 447 8.44 12.86 13.20
CA MET A 447 9.57 13.39 12.47
C MET A 447 9.34 14.81 11.97
N ALA A 448 8.09 15.16 11.67
CA ALA A 448 7.79 16.56 11.37
C ALA A 448 8.02 17.44 12.59
N LYS A 449 7.71 16.92 13.78
N LYS A 449 7.71 16.93 13.78
CA LYS A 449 7.98 17.68 14.99
CA LYS A 449 7.99 17.68 15.00
C LYS A 449 9.47 17.83 15.25
C LYS A 449 9.49 17.85 15.20
N GLN A 450 10.25 16.79 14.98
CA GLN A 450 11.68 16.81 15.22
C GLN A 450 12.44 17.65 14.20
N LYS A 451 11.76 18.22 13.21
CA LYS A 451 12.42 19.07 12.21
C LYS A 451 12.05 20.54 12.31
N LEU A 452 10.95 20.87 12.96
CA LEU A 452 10.61 22.28 13.13
C LEU A 452 11.28 22.83 14.38
N PRO A 453 11.44 24.17 14.47
CA PRO A 453 12.06 24.75 15.66
C PRO A 453 11.18 24.67 16.91
N SER B 7 -11.34 48.59 15.58
CA SER B 7 -12.69 48.16 15.25
C SER B 7 -13.02 48.48 13.78
N GLU B 8 -12.27 49.42 13.21
CA GLU B 8 -12.40 49.73 11.80
C GLU B 8 -12.18 48.48 10.96
N ARG B 9 -12.72 48.50 9.75
CA ARG B 9 -12.70 47.35 8.86
C ARG B 9 -12.04 47.75 7.54
N ILE B 10 -11.32 46.81 6.94
CA ILE B 10 -10.59 47.02 5.71
C ILE B 10 -10.88 45.89 4.74
N VAL B 11 -10.96 46.23 3.45
CA VAL B 11 -11.30 45.32 2.38
C VAL B 11 -10.05 45.06 1.55
N ILE B 12 -9.78 43.80 1.27
CA ILE B 12 -8.67 43.39 0.44
C ILE B 12 -9.25 42.72 -0.80
N ASN B 13 -9.07 43.34 -1.96
CA ASN B 13 -9.69 42.87 -3.19
C ASN B 13 -8.66 42.06 -3.96
N VAL B 14 -8.54 40.78 -3.63
CA VAL B 14 -7.48 39.96 -4.20
C VAL B 14 -8.03 39.30 -5.46
N GLY B 15 -7.51 39.71 -6.61
CA GLY B 15 -7.89 39.08 -7.86
C GLY B 15 -9.38 39.07 -8.10
N GLY B 16 -10.07 40.11 -7.69
CA GLY B 16 -11.51 40.18 -7.86
C GLY B 16 -12.29 39.86 -6.61
N THR B 17 -11.82 38.91 -5.81
CA THR B 17 -12.53 38.45 -4.64
C THR B 17 -12.28 39.38 -3.46
N ARG B 18 -13.34 39.93 -2.87
CA ARG B 18 -13.23 40.89 -1.79
C ARG B 18 -13.26 40.16 -0.46
N HIS B 19 -12.17 40.26 0.29
CA HIS B 19 -12.10 39.78 1.65
C HIS B 19 -12.24 40.97 2.58
N GLN B 20 -12.87 40.77 3.72
CA GLN B 20 -13.01 41.82 4.73
C GLN B 20 -12.38 41.36 6.03
N THR B 21 -11.77 42.30 6.76
CA THR B 21 -11.25 42.01 8.09
C THR B 21 -11.19 43.31 8.87
N TYR B 22 -10.75 43.22 10.12
CA TYR B 22 -10.45 44.41 10.91
C TYR B 22 -8.95 44.64 10.90
N ARG B 23 -8.56 45.90 11.11
CA ARG B 23 -7.14 46.19 11.22
C ARG B 23 -6.49 45.38 12.33
N SER B 24 -7.20 45.25 13.45
CA SER B 24 -6.72 44.49 14.60
C SER B 24 -6.19 43.14 14.18
N THR B 25 -6.89 42.47 13.27
CA THR B 25 -6.41 41.18 12.80
C THR B 25 -5.13 41.33 12.01
N LEU B 26 -4.97 42.42 11.28
CA LEU B 26 -3.80 42.57 10.42
C LEU B 26 -2.55 42.78 11.25
N ARG B 27 -2.66 43.54 12.33
CA ARG B 27 -1.49 43.85 13.13
C ARG B 27 -0.99 42.68 13.94
N THR B 28 -1.52 41.48 13.71
CA THR B 28 -1.18 40.34 14.55
C THR B 28 0.18 39.76 14.19
N LEU B 29 0.58 39.83 12.93
CA LEU B 29 1.94 39.46 12.51
C LEU B 29 2.59 40.69 11.92
N PRO B 30 3.43 41.41 12.67
CA PRO B 30 3.76 42.79 12.31
C PRO B 30 4.81 42.96 11.22
N GLY B 31 5.50 41.91 10.81
CA GLY B 31 6.57 42.08 9.85
C GLY B 31 6.24 41.77 8.42
N THR B 32 4.98 41.52 8.11
CA THR B 32 4.59 41.02 6.80
C THR B 32 3.98 42.15 5.96
N ARG B 33 3.58 41.80 4.73
CA ARG B 33 3.07 42.81 3.82
C ARG B 33 1.70 43.28 4.25
N LEU B 34 0.88 42.37 4.74
CA LEU B 34 -0.45 42.74 5.19
C LEU B 34 -0.38 43.72 6.36
N ALA B 35 0.50 43.47 7.32
CA ALA B 35 0.65 44.37 8.45
C ALA B 35 1.04 45.78 8.04
N TRP B 36 1.48 45.99 6.79
CA TRP B 36 1.84 47.31 6.33
C TRP B 36 0.65 48.11 5.84
N LEU B 37 -0.54 47.54 5.82
CA LEU B 37 -1.73 48.26 5.40
C LEU B 37 -2.53 48.82 6.57
N ALA B 38 -2.29 48.31 7.77
CA ALA B 38 -3.09 48.72 8.93
C ALA B 38 -2.83 50.17 9.32
N GLU B 39 -1.67 50.73 8.96
CA GLU B 39 -1.37 52.07 9.44
C GLU B 39 -1.91 53.13 8.49
N PRO B 40 -2.19 54.35 8.99
CA PRO B 40 -2.91 55.37 8.22
C PRO B 40 -2.06 56.13 7.19
N ASP B 41 -1.22 55.42 6.47
CA ASP B 41 -0.60 55.98 5.28
C ASP B 41 -0.52 55.01 4.12
N ALA B 42 -0.88 53.74 4.31
CA ALA B 42 -0.78 52.75 3.23
C ALA B 42 -1.49 53.20 1.96
N HIS B 43 -2.42 54.15 2.08
CA HIS B 43 -3.10 54.74 0.93
C HIS B 43 -2.15 55.11 -0.19
N SER B 44 -0.99 55.66 0.16
CA SER B 44 0.00 56.09 -0.81
C SER B 44 1.14 55.09 -1.01
N HIS B 45 0.93 53.82 -0.68
CA HIS B 45 1.97 52.83 -0.83
C HIS B 45 1.51 51.55 -1.51
N PHE B 46 0.24 51.44 -1.91
CA PHE B 46 -0.27 50.25 -2.55
C PHE B 46 -1.20 50.70 -3.67
N ASP B 47 -2.00 49.76 -4.18
CA ASP B 47 -3.04 50.04 -5.17
C ASP B 47 -4.36 50.21 -4.43
N TYR B 48 -4.82 51.44 -4.28
CA TYR B 48 -5.97 51.75 -3.42
C TYR B 48 -7.05 52.46 -4.22
N ASP B 49 -8.14 51.76 -4.46
CA ASP B 49 -9.34 52.34 -5.06
C ASP B 49 -10.01 53.27 -4.06
N PRO B 50 -9.98 54.59 -4.26
CA PRO B 50 -10.67 55.50 -3.34
C PRO B 50 -12.07 55.84 -3.78
N ARG B 51 -12.78 54.83 -4.29
CA ARG B 51 -14.22 54.87 -4.45
C ARG B 51 -14.86 53.59 -3.95
N ALA B 52 -14.11 52.50 -3.89
CA ALA B 52 -14.50 51.32 -3.14
C ALA B 52 -13.83 51.27 -1.79
N ASP B 53 -12.93 52.20 -1.51
CA ASP B 53 -12.11 52.19 -0.31
C ASP B 53 -11.44 50.82 -0.13
N GLU B 54 -10.67 50.40 -1.14
CA GLU B 54 -10.17 49.03 -1.09
C GLU B 54 -8.80 48.91 -1.74
N PHE B 55 -8.17 47.76 -1.52
CA PHE B 55 -6.80 47.50 -1.91
C PHE B 55 -6.77 46.36 -2.90
N PHE B 56 -6.24 46.59 -4.09
CA PHE B 56 -6.19 45.54 -5.09
C PHE B 56 -4.85 44.84 -5.09
N PHE B 57 -4.90 43.51 -5.13
CA PHE B 57 -3.71 42.68 -5.25
C PHE B 57 -3.98 41.62 -6.29
N ASP B 58 -3.01 41.40 -7.17
CA ASP B 58 -3.23 40.62 -8.39
C ASP B 58 -2.73 39.19 -8.19
N ARG B 59 -3.39 38.48 -7.29
CA ARG B 59 -2.93 37.14 -6.95
C ARG B 59 -4.12 36.20 -6.89
N HIS B 60 -3.81 34.93 -6.79
CA HIS B 60 -4.81 33.88 -6.65
C HIS B 60 -5.76 34.21 -5.51
N PRO B 61 -7.04 34.44 -5.78
CA PRO B 61 -7.97 34.77 -4.70
C PRO B 61 -8.42 33.58 -3.88
N GLY B 62 -8.12 32.37 -4.32
CA GLY B 62 -8.55 31.20 -3.59
C GLY B 62 -7.65 30.86 -2.44
N VAL B 63 -6.34 31.00 -2.66
CA VAL B 63 -5.36 30.62 -1.65
C VAL B 63 -5.17 31.71 -0.61
N PHE B 64 -5.73 32.89 -0.83
CA PHE B 64 -5.55 33.96 0.12
C PHE B 64 -6.29 33.69 1.42
N ALA B 65 -7.44 33.03 1.37
CA ALA B 65 -8.21 32.81 2.58
C ALA B 65 -7.50 31.89 3.55
N HIS B 66 -6.56 31.08 3.09
CA HIS B 66 -5.73 30.30 4.00
C HIS B 66 -4.56 31.09 4.54
N ILE B 67 -4.18 32.17 3.86
CA ILE B 67 -3.20 33.09 4.40
C ILE B 67 -3.85 33.98 5.44
N LEU B 68 -4.97 34.60 5.09
CA LEU B 68 -5.70 35.42 6.05
C LEU B 68 -6.04 34.66 7.32
N ASN B 69 -6.26 33.36 7.23
CA ASN B 69 -6.58 32.58 8.41
C ASN B 69 -5.48 32.69 9.46
N TYR B 70 -4.22 32.75 9.02
CA TYR B 70 -3.12 32.95 9.96
C TYR B 70 -3.36 34.19 10.80
N TYR B 71 -3.75 35.29 10.18
CA TYR B 71 -3.97 36.47 10.98
C TYR B 71 -5.22 36.35 11.81
N ARG B 72 -6.17 35.54 11.35
CA ARG B 72 -7.47 35.47 12.00
C ARG B 72 -7.42 34.57 13.21
N THR B 73 -6.96 33.34 13.05
CA THR B 73 -7.03 32.50 14.22
C THR B 73 -5.73 32.53 15.01
N GLY B 74 -4.76 31.72 14.64
CA GLY B 74 -3.41 31.98 15.07
C GLY B 74 -2.38 31.24 14.27
N LYS B 75 -2.84 30.37 13.38
CA LYS B 75 -2.04 29.27 12.90
C LYS B 75 -2.05 29.21 11.40
N LEU B 76 -1.06 28.52 10.85
CA LEU B 76 -0.85 28.45 9.42
C LEU B 76 -0.96 27.01 8.97
N HIS B 77 -1.91 26.74 8.08
CA HIS B 77 -2.11 25.43 7.49
C HIS B 77 -1.92 25.50 5.99
N CYS B 78 -1.95 24.35 5.33
CA CYS B 78 -1.77 24.27 3.91
C CYS B 78 -3.04 23.77 3.24
N PRO B 79 -3.51 24.42 2.19
CA PRO B 79 -4.69 23.90 1.47
C PRO B 79 -4.38 22.57 0.80
N ALA B 80 -5.37 21.72 0.75
CA ALA B 80 -5.23 20.42 0.11
C ALA B 80 -5.75 20.41 -1.31
N ASP B 81 -6.18 21.55 -1.84
CA ASP B 81 -6.62 21.64 -3.23
C ASP B 81 -5.61 22.30 -4.14
N VAL B 82 -4.49 22.78 -3.61
CA VAL B 82 -3.39 23.26 -4.42
C VAL B 82 -2.16 22.44 -4.06
N CYS B 83 -1.12 22.56 -4.88
CA CYS B 83 0.07 21.78 -4.64
C CYS B 83 1.01 22.54 -3.71
N GLY B 84 2.11 21.91 -3.34
CA GLY B 84 3.13 22.55 -2.54
C GLY B 84 3.72 23.80 -3.16
N PRO B 85 4.21 23.70 -4.40
CA PRO B 85 4.88 24.87 -5.01
C PRO B 85 4.00 26.09 -5.17
N LEU B 86 2.71 25.92 -5.50
CA LEU B 86 1.83 27.09 -5.64
C LEU B 86 1.69 27.81 -4.31
N TYR B 87 1.40 27.06 -3.25
CA TYR B 87 1.29 27.65 -1.94
C TYR B 87 2.59 28.29 -1.51
N GLU B 88 3.71 27.63 -1.80
CA GLU B 88 5.00 28.18 -1.42
C GLU B 88 5.22 29.53 -2.09
N GLU B 89 4.90 29.63 -3.38
CA GLU B 89 5.06 30.91 -4.05
C GLU B 89 4.16 31.98 -3.45
N GLU B 90 2.97 31.61 -2.99
CA GLU B 90 2.09 32.63 -2.40
C GLU B 90 2.58 33.08 -1.03
N LEU B 91 3.03 32.14 -0.19
CA LEU B 91 3.62 32.54 1.09
C LEU B 91 4.83 33.41 0.87
N ALA B 92 5.62 33.11 -0.16
CA ALA B 92 6.75 33.96 -0.51
C ALA B 92 6.29 35.36 -0.90
N PHE B 93 5.17 35.47 -1.62
CA PHE B 93 4.71 36.78 -2.00
C PHE B 93 4.22 37.58 -0.80
N TRP B 94 3.59 36.93 0.16
CA TRP B 94 2.93 37.70 1.22
C TRP B 94 3.83 37.99 2.40
N GLY B 95 4.99 37.37 2.50
CA GLY B 95 5.91 37.65 3.57
C GLY B 95 5.88 36.67 4.71
N ILE B 96 5.29 35.51 4.52
CA ILE B 96 5.12 34.54 5.59
C ILE B 96 6.32 33.61 5.63
N ASP B 97 6.84 33.37 6.83
CA ASP B 97 7.92 32.42 7.03
C ASP B 97 7.37 31.02 6.90
N GLU B 98 7.83 30.28 5.91
CA GLU B 98 7.23 28.99 5.59
C GLU B 98 7.58 27.91 6.60
N THR B 99 8.06 28.28 7.78
CA THR B 99 8.31 27.33 8.86
C THR B 99 7.22 27.36 9.92
N ASP B 100 6.26 28.29 9.81
CA ASP B 100 5.14 28.37 10.73
C ASP B 100 4.06 27.35 10.41
N VAL B 101 4.23 26.57 9.35
CA VAL B 101 3.23 25.58 8.98
C VAL B 101 3.08 24.54 10.08
N GLU B 102 1.85 24.28 10.47
CA GLU B 102 1.57 23.37 11.55
C GLU B 102 1.97 21.95 11.16
N PRO B 103 2.30 21.11 12.14
CA PRO B 103 2.77 19.75 11.81
C PRO B 103 1.74 18.88 11.14
N CYS B 104 0.46 19.25 11.15
CA CYS B 104 -0.53 18.49 10.41
C CYS B 104 -0.33 18.61 8.91
N CYS B 105 0.23 19.73 8.46
CA CYS B 105 0.31 20.03 7.04
C CYS B 105 1.74 20.11 6.52
N TRP B 106 2.74 19.98 7.39
CA TRP B 106 4.13 20.22 7.00
C TRP B 106 4.62 19.23 5.95
N MET B 107 4.36 17.94 6.17
CA MET B 107 4.95 16.95 5.28
C MET B 107 4.31 16.99 3.90
N THR B 108 2.99 17.06 3.85
CA THR B 108 2.30 17.20 2.57
C THR B 108 2.71 18.50 1.89
N TYR B 109 3.04 19.53 2.66
CA TYR B 109 3.48 20.77 2.06
C TYR B 109 4.84 20.61 1.40
N ARG B 110 5.77 19.94 2.06
CA ARG B 110 7.13 19.93 1.56
C ARG B 110 7.46 18.79 0.61
N GLN B 111 6.60 17.77 0.51
CA GLN B 111 6.94 16.56 -0.24
C GLN B 111 7.63 16.84 -1.57
N HIS B 112 7.07 17.73 -2.40
CA HIS B 112 7.66 17.94 -3.72
C HIS B 112 9.03 18.59 -3.64
N ARG B 113 9.23 19.50 -2.68
N ARG B 113 9.23 19.50 -2.68
CA ARG B 113 10.53 20.14 -2.55
CA ARG B 113 10.53 20.14 -2.55
C ARG B 113 11.55 19.19 -1.95
C ARG B 113 11.55 19.20 -1.94
N ASP B 114 11.13 18.38 -0.98
CA ASP B 114 12.01 17.36 -0.43
C ASP B 114 12.42 16.36 -1.52
N ALA B 115 11.55 16.14 -2.50
CA ALA B 115 11.87 15.24 -3.60
C ALA B 115 12.59 15.92 -4.74
N GLU B 116 12.59 17.25 -4.81
CA GLU B 116 13.21 17.92 -5.93
C GLU B 116 14.72 17.93 -5.75
N GLU B 117 15.20 18.71 -4.78
CA GLU B 117 16.56 18.65 -4.24
C GLU B 117 17.62 18.33 -5.29
N ALA B 118 17.45 18.83 -6.52
CA ALA B 118 18.21 18.33 -7.66
C ALA B 118 18.39 16.82 -7.58
N LEU B 119 17.29 16.12 -7.34
CA LEU B 119 17.31 14.73 -6.90
C LEU B 119 15.98 14.03 -7.16
N VAL B 192 31.45 4.41 -28.48
CA VAL B 192 32.47 3.84 -27.60
C VAL B 192 31.84 3.17 -26.38
N ALA B 193 30.60 3.55 -26.03
CA ALA B 193 29.92 2.90 -24.92
C ALA B 193 29.82 1.40 -25.13
N PHE B 194 29.56 0.98 -26.38
CA PHE B 194 29.53 -0.45 -26.67
C PHE B 194 30.93 -1.04 -26.81
N ALA B 195 31.94 -0.20 -26.99
CA ALA B 195 33.31 -0.67 -26.95
C ALA B 195 33.84 -0.76 -25.52
N SER B 196 33.03 -0.35 -24.55
CA SER B 196 33.34 -0.53 -23.13
C SER B 196 32.51 -1.64 -22.50
N LEU B 197 31.20 -1.60 -22.71
CA LEU B 197 30.31 -2.61 -22.13
C LEU B 197 30.71 -4.01 -22.51
N PHE B 198 31.19 -4.18 -23.74
CA PHE B 198 31.54 -5.52 -24.19
C PHE B 198 32.63 -6.12 -23.33
N PHE B 199 33.73 -5.39 -23.16
CA PHE B 199 34.82 -5.95 -22.37
C PHE B 199 34.50 -5.96 -20.89
N ILE B 200 33.58 -5.12 -20.42
CA ILE B 200 33.14 -5.25 -19.03
C ILE B 200 32.45 -6.60 -18.84
N LEU B 201 31.55 -6.96 -19.76
CA LEU B 201 30.87 -8.24 -19.64
C LEU B 201 31.84 -9.39 -19.79
N VAL B 202 32.80 -9.27 -20.71
CA VAL B 202 33.80 -10.31 -20.87
C VAL B 202 34.58 -10.50 -19.58
N SER B 203 34.96 -9.40 -18.92
CA SER B 203 35.73 -9.49 -17.69
C SER B 203 34.90 -10.11 -16.57
N ILE B 204 33.64 -9.73 -16.46
CA ILE B 204 32.77 -10.33 -15.46
C ILE B 204 32.69 -11.83 -15.64
N THR B 205 32.44 -12.28 -16.88
CA THR B 205 32.35 -13.72 -17.09
C THR B 205 33.66 -14.41 -16.73
N THR B 206 34.77 -14.00 -17.33
CA THR B 206 36.00 -14.71 -17.03
C THR B 206 36.28 -14.72 -15.54
N PHE B 207 35.89 -13.66 -14.83
CA PHE B 207 35.99 -13.65 -13.38
C PHE B 207 35.14 -14.74 -12.75
N CYS B 208 33.97 -14.99 -13.33
CA CYS B 208 33.07 -15.99 -12.76
C CYS B 208 33.53 -17.40 -13.03
N LEU B 209 34.20 -17.65 -14.16
CA LEU B 209 34.49 -19.04 -14.50
C LEU B 209 35.86 -19.54 -14.09
N GLU B 210 36.75 -18.72 -13.52
CA GLU B 210 37.93 -19.36 -12.95
C GLU B 210 37.60 -20.02 -11.63
N THR B 211 36.48 -19.66 -11.02
CA THR B 211 36.03 -20.32 -9.81
C THR B 211 35.45 -21.69 -10.09
N HIS B 212 34.85 -21.87 -11.27
CA HIS B 212 34.23 -23.14 -11.59
C HIS B 212 35.28 -24.21 -11.75
N GLU B 213 35.07 -25.34 -11.09
CA GLU B 213 36.07 -26.40 -11.12
C GLU B 213 35.91 -27.27 -12.35
N ARG B 214 35.72 -26.62 -13.49
CA ARG B 214 35.83 -27.23 -14.79
C ARG B 214 37.05 -26.75 -15.53
N PHE B 215 37.41 -25.48 -15.34
CA PHE B 215 38.63 -24.90 -15.84
C PHE B 215 39.71 -24.87 -14.76
N ASN B 216 39.67 -25.82 -13.84
CA ASN B 216 40.73 -26.00 -12.84
C ASN B 216 41.02 -27.48 -12.72
N PRO B 217 41.71 -28.07 -13.72
CA PRO B 217 42.09 -29.48 -13.65
C PRO B 217 43.12 -29.76 -12.56
N GLU B 240 46.69 -25.29 -11.39
CA GLU B 240 45.41 -25.93 -11.63
C GLU B 240 44.59 -25.13 -12.63
N THR B 241 44.94 -23.85 -12.79
N THR B 241 44.94 -23.85 -12.79
CA THR B 241 44.21 -22.92 -13.65
CA THR B 241 44.21 -22.92 -13.65
C THR B 241 44.36 -23.30 -15.11
C THR B 241 44.36 -23.30 -15.11
N GLU B 242 43.87 -22.43 -15.99
CA GLU B 242 43.83 -22.74 -17.41
C GLU B 242 44.32 -21.51 -18.13
N ALA B 243 44.25 -21.45 -19.45
CA ALA B 243 45.13 -20.49 -20.10
C ALA B 243 44.41 -19.60 -21.10
N PHE B 244 43.31 -20.09 -21.66
CA PHE B 244 42.50 -19.21 -22.47
C PHE B 244 41.83 -18.17 -21.59
N LEU B 245 41.58 -18.50 -20.32
CA LEU B 245 41.07 -17.51 -19.40
C LEU B 245 42.12 -16.44 -19.11
N THR B 246 43.39 -16.84 -19.00
CA THR B 246 44.43 -15.84 -18.79
C THR B 246 44.64 -14.98 -20.03
N TYR B 247 44.42 -15.54 -21.22
CA TYR B 247 44.50 -14.73 -22.43
C TYR B 247 43.35 -13.73 -22.51
N ILE B 248 42.15 -14.15 -22.09
CA ILE B 248 41.03 -13.23 -22.09
C ILE B 248 41.25 -12.13 -21.06
N GLU B 249 41.80 -12.48 -19.90
CA GLU B 249 42.22 -11.46 -18.94
C GLU B 249 43.18 -10.48 -19.59
N GLY B 250 44.17 -11.00 -20.32
CA GLY B 250 45.13 -10.13 -20.97
C GLY B 250 44.46 -9.15 -21.92
N VAL B 251 43.51 -9.63 -22.72
CA VAL B 251 42.94 -8.77 -23.74
C VAL B 251 42.04 -7.69 -23.12
N CYS B 252 41.28 -8.03 -22.08
CA CYS B 252 40.50 -6.97 -21.46
C CYS B 252 41.38 -5.98 -20.71
N VAL B 253 42.50 -6.41 -20.13
CA VAL B 253 43.34 -5.41 -19.48
C VAL B 253 44.04 -4.55 -20.53
N VAL B 254 44.37 -5.13 -21.69
CA VAL B 254 44.93 -4.34 -22.78
C VAL B 254 43.92 -3.34 -23.32
N TRP B 255 42.62 -3.60 -23.20
CA TRP B 255 41.70 -2.54 -23.58
C TRP B 255 41.43 -1.54 -22.47
N PHE B 256 41.43 -1.96 -21.21
CA PHE B 256 41.08 -1.04 -20.13
C PHE B 256 41.99 0.18 -20.11
N THR B 257 43.16 0.10 -20.75
CA THR B 257 44.05 1.25 -20.85
C THR B 257 43.54 2.30 -21.83
N PHE B 258 42.84 1.89 -22.88
CA PHE B 258 42.40 2.84 -23.89
C PHE B 258 41.26 3.71 -23.37
N GLU B 259 40.52 3.24 -22.38
CA GLU B 259 39.53 4.06 -21.70
C GLU B 259 39.98 4.45 -20.29
N PHE B 260 41.25 4.22 -19.93
CA PHE B 260 41.72 4.75 -18.67
C PHE B 260 42.88 5.73 -18.79
N LEU B 261 43.68 5.67 -19.85
CA LEU B 261 44.65 6.72 -20.11
C LEU B 261 43.98 7.91 -20.76
N MET B 262 42.66 7.96 -20.63
CA MET B 262 41.76 9.01 -21.10
C MET B 262 41.29 9.87 -19.94
N ARG B 263 41.84 9.68 -18.75
CA ARG B 263 41.17 10.09 -17.52
C ARG B 263 42.00 10.95 -16.59
N VAL B 264 43.29 10.67 -16.42
CA VAL B 264 44.06 11.26 -15.32
C VAL B 264 44.94 12.42 -15.79
N ILE B 265 45.77 12.20 -16.81
CA ILE B 265 46.56 13.31 -17.33
C ILE B 265 45.91 13.92 -18.58
N PHE B 266 45.08 13.15 -19.29
CA PHE B 266 44.23 13.65 -20.36
C PHE B 266 42.92 14.23 -19.83
N CYS B 267 42.90 14.64 -18.57
CA CYS B 267 41.68 14.85 -17.81
C CYS B 267 40.98 16.13 -18.25
N ILE B 281 34.44 6.81 -8.82
CA ILE B 281 34.12 5.80 -9.82
C ILE B 281 35.25 5.62 -10.83
N ASP B 282 36.24 6.49 -10.81
CA ASP B 282 37.46 6.33 -11.58
C ASP B 282 38.61 5.81 -10.73
N PHE B 283 38.77 6.38 -9.53
CA PHE B 283 39.81 5.89 -8.63
C PHE B 283 39.34 4.68 -7.83
N VAL B 284 38.10 4.69 -7.35
CA VAL B 284 37.59 3.64 -6.49
C VAL B 284 36.81 2.59 -7.30
N ALA B 285 37.02 2.55 -8.61
CA ALA B 285 36.52 1.44 -9.39
C ALA B 285 37.52 0.92 -10.42
N ILE B 286 38.57 1.67 -10.76
CA ILE B 286 39.58 1.20 -11.69
C ILE B 286 40.94 1.09 -11.02
N LEU B 287 40.95 0.72 -9.75
CA LEU B 287 42.16 0.20 -9.13
C LEU B 287 42.56 -1.19 -9.67
N PRO B 288 41.63 -2.10 -10.02
CA PRO B 288 42.08 -3.41 -10.50
C PRO B 288 42.93 -3.32 -11.74
N PHE B 289 42.75 -2.26 -12.52
CA PHE B 289 43.64 -2.02 -13.64
C PHE B 289 45.09 -2.03 -13.20
N TYR B 290 45.42 -1.22 -12.18
CA TYR B 290 46.76 -1.25 -11.61
C TYR B 290 47.07 -2.62 -11.01
N LEU B 291 46.09 -3.20 -10.33
CA LEU B 291 46.31 -4.32 -9.43
C LEU B 291 46.46 -5.66 -10.15
N GLU B 292 46.10 -5.75 -11.42
CA GLU B 292 46.24 -7.00 -12.14
C GLU B 292 47.70 -7.43 -12.22
N VAL B 293 48.54 -6.64 -12.90
CA VAL B 293 49.93 -7.02 -13.09
C VAL B 293 50.73 -6.82 -11.81
N GLY B 294 50.39 -5.81 -11.02
CA GLY B 294 51.15 -5.50 -9.82
C GLY B 294 50.69 -6.26 -8.60
N VAL B 312 40.15 -9.40 -3.40
CA VAL B 312 40.07 -7.99 -3.77
C VAL B 312 40.76 -7.76 -5.11
N VAL B 313 41.69 -8.64 -5.48
CA VAL B 313 42.32 -8.57 -6.80
C VAL B 313 41.28 -8.53 -7.90
N ARG B 314 40.15 -9.21 -7.69
CA ARG B 314 39.05 -9.14 -8.64
C ARG B 314 37.67 -8.96 -8.01
N PHE B 315 37.51 -9.14 -6.69
CA PHE B 315 36.27 -8.76 -6.01
C PHE B 315 35.80 -7.39 -6.48
N VAL B 316 36.75 -6.48 -6.68
CA VAL B 316 36.41 -5.16 -7.19
C VAL B 316 36.15 -5.18 -8.69
N ARG B 317 36.63 -6.20 -9.41
CA ARG B 317 36.42 -6.27 -10.85
C ARG B 317 34.94 -6.28 -11.20
N ILE B 318 34.09 -6.70 -10.28
CA ILE B 318 32.65 -6.73 -10.54
C ILE B 318 32.10 -5.32 -10.67
N LEU B 319 32.52 -4.44 -9.77
CA LEU B 319 31.87 -3.14 -9.63
C LEU B 319 31.92 -2.30 -10.89
N ARG B 320 32.72 -2.67 -11.88
CA ARG B 320 32.73 -1.91 -13.12
C ARG B 320 31.38 -1.93 -13.80
N ILE B 321 30.51 -2.88 -13.43
CA ILE B 321 29.16 -2.91 -13.99
C ILE B 321 28.44 -1.62 -13.70
N PHE B 322 28.75 -0.97 -12.58
CA PHE B 322 28.09 0.29 -12.28
C PHE B 322 28.52 1.38 -13.23
N LYS B 323 29.75 1.31 -13.74
CA LYS B 323 30.25 2.34 -14.64
C LYS B 323 29.33 2.50 -15.84
N LEU B 324 28.91 1.39 -16.45
CA LEU B 324 28.09 1.47 -17.63
C LEU B 324 26.61 1.70 -17.33
N THR B 325 26.17 1.47 -16.09
CA THR B 325 24.77 1.63 -15.72
C THR B 325 24.51 2.90 -14.93
N ARG B 326 25.44 3.86 -14.95
CA ARG B 326 25.16 5.17 -14.39
C ARG B 326 24.27 6.00 -15.29
N HIS B 327 24.03 5.56 -16.52
CA HIS B 327 23.17 6.27 -17.44
C HIS B 327 21.72 5.82 -17.34
N PHE B 328 21.41 4.96 -16.39
CA PHE B 328 20.08 4.40 -16.24
C PHE B 328 19.26 5.28 -15.31
N VAL B 329 18.07 5.70 -15.76
CA VAL B 329 17.27 6.58 -14.95
C VAL B 329 16.73 5.89 -13.72
N GLY B 330 16.73 4.57 -13.69
CA GLY B 330 16.18 3.86 -12.55
C GLY B 330 17.17 3.66 -11.43
N LEU B 331 18.43 3.40 -11.78
CA LEU B 331 19.43 3.22 -10.74
C LEU B 331 19.80 4.54 -10.08
N ARG B 332 19.72 5.66 -10.80
CA ARG B 332 19.99 6.93 -10.14
C ARG B 332 18.87 7.27 -9.16
N VAL B 333 17.62 6.96 -9.51
CA VAL B 333 16.52 7.15 -8.57
C VAL B 333 16.70 6.23 -7.37
N LEU B 334 17.20 5.02 -7.60
CA LEU B 334 17.51 4.13 -6.49
C LEU B 334 18.57 4.75 -5.59
N GLY B 335 19.63 5.28 -6.18
CA GLY B 335 20.69 5.88 -5.39
C GLY B 335 20.21 7.08 -4.60
N HIS B 336 19.31 7.86 -5.17
CA HIS B 336 18.75 8.98 -4.43
C HIS B 336 17.85 8.51 -3.30
N THR B 337 17.12 7.42 -3.49
CA THR B 337 16.25 6.92 -2.44
C THR B 337 17.05 6.27 -1.31
N LEU B 338 18.13 5.58 -1.65
CA LEU B 338 19.00 4.99 -0.65
C LEU B 338 19.82 6.04 0.10
N ARG B 339 19.65 7.30 -0.22
CA ARG B 339 20.35 8.38 0.45
C ARG B 339 19.42 9.32 1.18
N ALA B 340 18.16 9.41 0.75
CA ALA B 340 17.17 10.22 1.42
C ALA B 340 16.41 9.44 2.48
N SER B 341 16.84 8.22 2.79
CA SER B 341 16.16 7.37 3.74
C SER B 341 17.16 6.66 4.63
N THR B 342 18.22 7.36 5.04
CA THR B 342 19.22 6.72 5.88
C THR B 342 18.75 6.55 7.32
N ASN B 343 17.72 7.27 7.74
CA ASN B 343 17.20 7.06 9.07
C ASN B 343 16.25 5.88 9.12
N GLU B 344 15.40 5.75 8.10
CA GLU B 344 14.50 4.61 8.01
C GLU B 344 15.23 3.31 7.74
N PHE B 345 16.53 3.37 7.46
CA PHE B 345 17.35 2.17 7.40
C PHE B 345 17.90 1.82 8.77
N LEU B 346 18.36 2.81 9.52
CA LEU B 346 18.75 2.58 10.90
C LEU B 346 17.59 2.01 11.69
N LEU B 347 16.38 2.53 11.44
CA LEU B 347 15.20 2.03 12.12
C LEU B 347 15.01 0.54 11.88
N LEU B 348 15.05 0.13 10.61
CA LEU B 348 14.87 -1.27 10.27
C LEU B 348 15.96 -2.12 10.89
N ILE B 349 17.20 -1.67 10.83
CA ILE B 349 18.30 -2.46 11.34
C ILE B 349 18.17 -2.65 12.85
N ILE B 350 17.75 -1.59 13.55
CA ILE B 350 17.65 -1.66 15.00
C ILE B 350 16.48 -2.55 15.40
N PHE B 351 15.35 -2.41 14.72
CA PHE B 351 14.22 -3.31 14.94
C PHE B 351 14.65 -4.75 14.80
N LEU B 352 15.36 -5.06 13.72
CA LEU B 352 15.76 -6.42 13.47
C LEU B 352 16.75 -6.90 14.51
N ALA B 353 17.67 -6.05 14.93
CA ALA B 353 18.63 -6.47 15.94
C ALA B 353 17.94 -6.83 17.25
N LEU B 354 17.01 -5.97 17.69
CA LEU B 354 16.28 -6.26 18.92
C LEU B 354 15.49 -7.54 18.80
N GLY B 355 14.73 -7.68 17.72
CA GLY B 355 13.96 -8.89 17.54
C GLY B 355 14.82 -10.14 17.53
N VAL B 356 15.92 -10.10 16.78
CA VAL B 356 16.78 -11.27 16.68
C VAL B 356 17.33 -11.65 18.05
N LEU B 357 17.76 -10.67 18.83
CA LEU B 357 18.33 -10.99 20.13
C LEU B 357 17.28 -11.59 21.05
N ILE B 358 16.12 -10.94 21.12
CA ILE B 358 15.07 -11.39 22.04
C ILE B 358 14.60 -12.79 21.68
N PHE B 359 14.32 -13.03 20.41
CA PHE B 359 13.81 -14.34 20.04
C PHE B 359 14.88 -15.40 20.08
N ALA B 360 16.14 -15.04 19.85
CA ALA B 360 17.19 -16.03 19.96
C ALA B 360 17.37 -16.49 21.39
N THR B 361 17.25 -15.56 22.35
CA THR B 361 17.40 -15.99 23.74
C THR B 361 16.15 -16.68 24.24
N MET B 362 14.99 -16.33 23.69
CA MET B 362 13.76 -17.01 24.08
C MET B 362 13.75 -18.45 23.59
N ILE B 363 14.18 -18.69 22.35
CA ILE B 363 14.08 -20.02 21.79
C ILE B 363 15.02 -20.98 22.49
N TYR B 364 16.12 -20.49 23.04
CA TYR B 364 17.06 -21.36 23.74
C TYR B 364 16.41 -21.93 24.99
N TYR B 365 15.84 -21.06 25.81
CA TYR B 365 15.21 -21.49 27.03
C TYR B 365 13.93 -22.25 26.76
N ALA B 366 13.23 -21.92 25.68
CA ALA B 366 12.04 -22.68 25.32
C ALA B 366 12.37 -24.09 24.91
N GLU B 367 13.46 -24.29 24.19
CA GLU B 367 13.85 -25.62 23.79
C GLU B 367 14.57 -26.38 24.88
N ARG B 368 14.96 -25.70 25.97
N ARG B 368 14.94 -25.70 25.97
CA ARG B 368 15.68 -26.40 27.02
CA ARG B 368 15.68 -26.36 27.04
C ARG B 368 14.78 -27.20 27.94
C ARG B 368 14.80 -27.16 27.97
N ILE B 369 13.50 -26.86 28.04
CA ILE B 369 12.61 -27.65 28.90
C ILE B 369 12.18 -28.95 28.25
N GLY B 370 12.48 -29.15 26.97
CA GLY B 370 12.34 -30.45 26.35
C GLY B 370 13.42 -31.43 26.74
N ALA B 371 14.49 -30.96 27.37
CA ALA B 371 15.53 -31.80 27.95
C ALA B 371 16.07 -32.83 26.97
N SER B 377 23.47 -32.55 31.14
CA SER B 377 24.90 -32.56 30.86
C SER B 377 25.20 -31.92 29.50
N ALA B 378 24.19 -31.91 28.63
CA ALA B 378 24.27 -31.23 27.34
C ALA B 378 22.87 -31.15 26.76
N SER B 379 22.78 -30.66 25.52
CA SER B 379 21.53 -30.60 24.76
C SER B 379 21.74 -31.37 23.47
N GLU B 380 21.28 -32.63 23.44
CA GLU B 380 21.61 -33.56 22.38
C GLU B 380 20.40 -33.82 21.50
N HIS B 381 19.42 -32.93 21.56
CA HIS B 381 18.11 -33.17 20.95
C HIS B 381 17.57 -31.93 20.28
N THR B 382 18.38 -30.91 20.06
CA THR B 382 17.86 -29.62 19.65
C THR B 382 18.88 -28.94 18.75
N HIS B 383 18.38 -28.18 17.79
CA HIS B 383 19.26 -27.41 16.93
C HIS B 383 19.89 -26.24 17.66
N PHE B 384 19.30 -25.83 18.78
CA PHE B 384 19.68 -24.61 19.46
C PHE B 384 20.56 -24.95 20.64
N LYS B 385 21.84 -25.15 20.35
CA LYS B 385 22.78 -25.55 21.39
C LYS B 385 23.31 -24.38 22.18
N ASN B 386 23.33 -23.19 21.61
CA ASN B 386 23.67 -21.97 22.33
C ASN B 386 22.78 -20.86 21.83
N ILE B 387 22.91 -19.70 22.45
CA ILE B 387 22.14 -18.53 22.07
C ILE B 387 22.68 -17.90 20.79
N PRO B 388 23.99 -17.79 20.59
CA PRO B 388 24.48 -17.22 19.32
C PRO B 388 23.96 -17.92 18.08
N ILE B 389 23.95 -19.25 18.05
CA ILE B 389 23.48 -19.96 16.87
C ILE B 389 22.00 -19.74 16.62
N GLY B 390 21.29 -19.15 17.58
CA GLY B 390 19.90 -18.83 17.38
C GLY B 390 19.66 -17.52 16.68
N PHE B 391 20.68 -16.68 16.55
CA PHE B 391 20.51 -15.47 15.76
C PHE B 391 20.23 -15.81 14.32
N TRP B 392 20.91 -16.84 13.81
CA TRP B 392 20.66 -17.32 12.46
C TRP B 392 19.22 -17.76 12.31
N TRP B 393 18.74 -18.60 13.23
CA TRP B 393 17.37 -19.04 13.17
C TRP B 393 16.41 -17.87 13.19
N ALA B 394 16.65 -16.92 14.08
CA ALA B 394 15.70 -15.83 14.23
C ALA B 394 15.65 -14.96 13.00
N VAL B 395 16.77 -14.73 12.35
CA VAL B 395 16.73 -13.86 11.18
C VAL B 395 16.16 -14.59 9.99
N VAL B 396 16.38 -15.90 9.89
CA VAL B 396 15.80 -16.66 8.80
C VAL B 396 14.30 -16.79 8.99
N THR B 397 13.83 -16.76 10.23
CA THR B 397 12.41 -16.89 10.49
C THR B 397 11.67 -15.57 10.40
N MET B 398 12.24 -14.49 10.92
CA MET B 398 11.54 -13.21 10.90
C MET B 398 11.36 -12.65 9.52
N THR B 399 12.07 -13.17 8.53
CA THR B 399 11.94 -12.76 7.15
C THR B 399 11.00 -13.64 6.34
N THR B 400 10.39 -14.65 6.96
CA THR B 400 9.57 -15.66 6.30
C THR B 400 10.35 -16.39 5.23
N LEU B 401 11.66 -16.53 5.42
CA LEU B 401 12.46 -17.30 4.48
C LEU B 401 12.38 -18.79 4.78
N GLY B 402 12.82 -19.19 5.96
CA GLY B 402 12.61 -20.55 6.40
C GLY B 402 13.32 -21.61 5.60
N TYR B 403 14.65 -21.63 5.65
CA TYR B 403 15.39 -22.71 5.01
C TYR B 403 14.93 -24.05 5.53
N GLY B 404 14.98 -24.23 6.85
CA GLY B 404 14.65 -25.50 7.45
C GLY B 404 15.82 -26.26 8.00
N ASP B 405 17.01 -25.66 8.03
CA ASP B 405 18.14 -26.31 8.67
C ASP B 405 18.01 -26.28 10.18
N MET B 406 17.34 -25.26 10.71
CA MET B 406 17.05 -25.12 12.12
C MET B 406 15.56 -24.86 12.27
N TYR B 407 14.89 -25.67 13.08
CA TYR B 407 13.49 -25.45 13.40
C TYR B 407 13.24 -25.99 14.79
N PRO B 408 12.20 -25.50 15.48
CA PRO B 408 11.89 -26.01 16.82
C PRO B 408 11.35 -27.42 16.78
N GLN B 409 11.58 -28.15 17.86
CA GLN B 409 11.14 -29.52 17.96
C GLN B 409 10.35 -29.84 19.21
N THR B 410 10.22 -28.92 20.15
CA THR B 410 9.37 -29.07 21.32
C THR B 410 8.23 -28.08 21.23
N TRP B 411 7.16 -28.35 21.98
CA TRP B 411 5.94 -27.56 21.84
C TRP B 411 6.15 -26.12 22.29
N SER B 412 6.97 -25.94 23.32
CA SER B 412 7.34 -24.59 23.74
C SER B 412 8.09 -23.87 22.64
N GLY B 413 9.03 -24.56 22.01
CA GLY B 413 9.74 -23.96 20.90
C GLY B 413 8.82 -23.59 19.76
N MET B 414 7.82 -24.42 19.49
CA MET B 414 6.91 -24.12 18.40
C MET B 414 6.07 -22.91 18.72
N LEU B 415 5.70 -22.72 19.98
CA LEU B 415 5.01 -21.50 20.36
C LEU B 415 5.89 -20.27 20.15
N VAL B 416 7.15 -20.36 20.59
CA VAL B 416 8.07 -19.24 20.41
C VAL B 416 8.25 -18.94 18.93
N GLY B 417 8.34 -19.97 18.10
CA GLY B 417 8.56 -19.75 16.68
C GLY B 417 7.35 -19.17 15.99
N ALA B 418 6.16 -19.61 16.41
CA ALA B 418 4.94 -18.99 15.90
C ALA B 418 4.95 -17.50 16.20
N LEU B 419 5.40 -17.13 17.40
CA LEU B 419 5.50 -15.71 17.71
C LEU B 419 6.55 -15.01 16.84
N CYS B 420 7.70 -15.67 16.64
CA CYS B 420 8.80 -15.06 15.91
C CYS B 420 8.40 -14.74 14.48
N ALA B 421 7.68 -15.64 13.83
CA ALA B 421 7.31 -15.41 12.44
C ALA B 421 6.50 -14.14 12.30
N LEU B 422 5.44 -14.00 13.10
CA LEU B 422 4.56 -12.84 12.99
C LEU B 422 5.25 -11.58 13.46
N ALA B 423 6.03 -11.67 14.53
CA ALA B 423 6.75 -10.50 15.00
C ALA B 423 7.69 -9.99 13.94
N GLY B 424 8.38 -10.90 13.24
CA GLY B 424 9.25 -10.46 12.17
C GLY B 424 8.47 -9.85 11.03
N VAL B 425 7.36 -10.46 10.66
CA VAL B 425 6.53 -9.88 9.61
C VAL B 425 6.21 -8.43 9.92
N LEU B 426 5.72 -8.17 11.14
CA LEU B 426 5.29 -6.82 11.48
C LEU B 426 6.46 -5.86 11.62
N THR B 427 7.53 -6.32 12.27
CA THR B 427 8.74 -5.51 12.42
C THR B 427 9.27 -5.05 11.07
N ILE B 428 9.36 -5.98 10.11
CA ILE B 428 9.84 -5.60 8.79
C ILE B 428 8.83 -4.70 8.11
N ALA B 429 7.55 -5.00 8.24
CA ALA B 429 6.54 -4.29 7.47
C ALA B 429 6.27 -2.89 7.99
N MET B 430 6.82 -2.51 9.12
CA MET B 430 6.54 -1.12 9.50
C MET B 430 7.38 -0.06 8.79
N PRO B 431 8.73 -0.16 8.71
CA PRO B 431 9.49 0.92 8.07
C PRO B 431 9.69 0.78 6.56
N VAL B 432 9.51 -0.43 6.05
CA VAL B 432 9.69 -0.66 4.62
C VAL B 432 8.71 0.14 3.77
N PRO B 433 7.43 0.29 4.15
CA PRO B 433 6.57 1.17 3.36
C PRO B 433 7.02 2.60 3.34
N VAL B 434 7.60 3.08 4.44
CA VAL B 434 8.16 4.42 4.44
C VAL B 434 9.29 4.52 3.42
N ILE B 435 10.12 3.48 3.35
CA ILE B 435 11.21 3.52 2.38
C ILE B 435 10.69 3.39 0.96
N VAL B 436 9.58 2.68 0.77
CA VAL B 436 9.07 2.42 -0.58
C VAL B 436 8.33 3.62 -1.14
N ASN B 437 7.66 4.38 -0.30
CA ASN B 437 7.01 5.59 -0.78
C ASN B 437 8.00 6.59 -1.33
N ASN B 438 9.18 6.68 -0.74
CA ASN B 438 10.20 7.58 -1.26
C ASN B 438 10.56 7.21 -2.69
N PHE B 439 10.72 5.92 -2.96
CA PHE B 439 11.03 5.52 -4.31
C PHE B 439 9.87 5.83 -5.24
N GLY B 440 8.64 5.54 -4.80
CA GLY B 440 7.50 5.86 -5.65
C GLY B 440 7.50 7.32 -6.07
N MET B 441 7.70 8.21 -5.11
CA MET B 441 7.72 9.64 -5.38
C MET B 441 8.86 10.02 -6.33
N TYR B 442 10.09 9.63 -5.99
CA TYR B 442 11.24 10.06 -6.79
C TYR B 442 11.19 9.48 -8.19
N TYR B 443 10.72 8.25 -8.33
CA TYR B 443 10.62 7.64 -9.64
C TYR B 443 9.56 8.33 -10.47
N SER B 444 8.39 8.61 -9.88
CA SER B 444 7.36 9.29 -10.64
C SER B 444 7.86 10.64 -11.11
N LEU B 445 8.60 11.36 -10.28
CA LEU B 445 9.11 12.66 -10.68
C LEU B 445 10.16 12.53 -11.79
N ALA B 446 11.10 11.61 -11.63
CA ALA B 446 12.16 11.47 -12.62
C ALA B 446 11.63 10.96 -13.94
N MET B 447 10.50 10.27 -13.94
CA MET B 447 9.91 9.85 -15.21
C MET B 447 8.98 10.91 -15.80
N ALA B 448 8.33 11.70 -14.96
CA ALA B 448 7.59 12.85 -15.47
C ALA B 448 8.52 13.84 -16.13
N LYS B 449 9.74 13.99 -15.59
N LYS B 449 9.73 14.00 -15.60
CA LYS B 449 10.69 14.88 -16.23
CA LYS B 449 10.71 14.87 -16.23
C LYS B 449 11.16 14.33 -17.57
C LYS B 449 11.13 14.32 -17.58
N GLN B 450 11.40 13.02 -17.64
CA GLN B 450 11.88 12.41 -18.87
C GLN B 450 10.83 12.33 -19.96
N LYS B 451 9.59 12.75 -19.69
CA LYS B 451 8.53 12.72 -20.68
C LYS B 451 8.18 14.08 -21.24
N LEU B 452 8.46 15.15 -20.52
CA LEU B 452 8.26 16.49 -21.07
C LEU B 452 9.52 16.96 -21.78
N PRO B 453 9.40 17.93 -22.70
CA PRO B 453 10.59 18.45 -23.39
C PRO B 453 11.42 19.41 -22.54
N SER C 7 -1.29 49.97 -17.09
CA SER C 7 -1.74 49.82 -15.71
C SER C 7 -3.26 49.64 -15.63
N GLU C 8 -3.94 49.79 -16.77
CA GLU C 8 -5.37 49.58 -16.83
C GLU C 8 -5.74 48.20 -16.33
N ARG C 9 -6.98 48.07 -15.85
CA ARG C 9 -7.47 46.83 -15.27
C ARG C 9 -8.67 46.34 -16.06
N ILE C 10 -8.80 45.02 -16.15
CA ILE C 10 -9.86 44.35 -16.89
C ILE C 10 -10.50 43.28 -16.03
N VAL C 11 -11.81 43.14 -16.17
CA VAL C 11 -12.62 42.19 -15.41
C VAL C 11 -13.09 41.09 -16.35
N ILE C 12 -12.99 39.85 -15.88
CA ILE C 12 -13.53 38.70 -16.59
C ILE C 12 -14.62 38.11 -15.71
N ASN C 13 -15.85 38.15 -16.20
CA ASN C 13 -17.01 37.66 -15.46
C ASN C 13 -17.26 36.23 -15.89
N VAL C 14 -16.57 35.28 -15.27
CA VAL C 14 -16.62 33.90 -15.71
C VAL C 14 -17.71 33.20 -14.93
N GLY C 15 -18.80 32.85 -15.60
CA GLY C 15 -19.87 32.12 -14.97
C GLY C 15 -20.39 32.76 -13.71
N GLY C 16 -20.44 34.09 -13.69
CA GLY C 16 -20.89 34.80 -12.52
C GLY C 16 -19.79 35.40 -11.67
N THR C 17 -18.66 34.68 -11.54
CA THR C 17 -17.57 35.10 -10.67
C THR C 17 -16.69 36.10 -11.38
N ARG C 18 -16.50 37.28 -10.79
CA ARG C 18 -15.73 38.35 -11.39
C ARG C 18 -14.28 38.25 -10.96
N HIS C 19 -13.39 38.03 -11.92
CA HIS C 19 -11.96 38.07 -11.70
C HIS C 19 -11.43 39.38 -12.25
N GLN C 20 -10.43 39.94 -11.59
CA GLN C 20 -9.79 41.17 -12.04
C GLN C 20 -8.31 40.94 -12.29
N THR C 21 -7.77 41.63 -13.29
CA THR C 21 -6.34 41.64 -13.55
C THR C 21 -5.99 42.91 -14.29
N TYR C 22 -4.72 43.08 -14.63
CA TYR C 22 -4.30 44.14 -15.52
C TYR C 22 -4.07 43.56 -16.91
N ARG C 23 -4.16 44.42 -17.92
CA ARG C 23 -3.87 43.97 -19.27
C ARG C 23 -2.47 43.37 -19.35
N SER C 24 -1.52 43.99 -18.67
CA SER C 24 -0.12 43.55 -18.65
C SER C 24 -0.02 42.08 -18.31
N THR C 25 -0.81 41.62 -17.35
CA THR C 25 -0.79 40.21 -17.01
C THR C 25 -1.29 39.36 -18.15
N LEU C 26 -2.27 39.87 -18.89
CA LEU C 26 -2.87 39.09 -19.96
C LEU C 26 -1.91 38.91 -21.11
N ARG C 27 -1.10 39.93 -21.39
CA ARG C 27 -0.18 39.91 -22.52
C ARG C 27 0.95 38.92 -22.34
N THR C 28 0.98 38.17 -21.24
CA THR C 28 2.15 37.37 -20.90
C THR C 28 2.24 36.10 -21.74
N LEU C 29 1.12 35.54 -22.15
CA LEU C 29 1.09 34.40 -23.08
C LEU C 29 0.30 34.83 -24.31
N PRO C 30 0.97 35.24 -25.39
CA PRO C 30 0.28 36.01 -26.44
C PRO C 30 -0.55 35.20 -27.41
N GLY C 31 -0.44 33.87 -27.43
CA GLY C 31 -1.13 33.07 -28.41
C GLY C 31 -2.45 32.49 -27.96
N THR C 32 -2.96 32.90 -26.82
CA THR C 32 -4.12 32.27 -26.21
C THR C 32 -5.36 33.17 -26.35
N ARG C 33 -6.49 32.66 -25.87
CA ARG C 33 -7.74 33.39 -26.03
C ARG C 33 -7.77 34.63 -25.15
N LEU C 34 -7.26 34.51 -23.93
CA LEU C 34 -7.22 35.65 -23.03
C LEU C 34 -6.39 36.78 -23.60
N ALA C 35 -5.25 36.47 -24.19
CA ALA C 35 -4.40 37.48 -24.79
C ALA C 35 -5.10 38.28 -25.89
N TRP C 36 -6.24 37.80 -26.38
CA TRP C 36 -6.97 38.54 -27.40
C TRP C 36 -7.91 39.58 -26.84
N LEU C 37 -7.99 39.72 -25.51
CA LEU C 37 -8.82 40.76 -24.91
C LEU C 37 -8.03 42.00 -24.56
N ALA C 38 -6.70 41.90 -24.48
CA ALA C 38 -5.89 43.01 -24.04
C ALA C 38 -5.92 44.18 -25.01
N GLU C 39 -6.17 43.93 -26.30
CA GLU C 39 -6.06 44.97 -27.31
C GLU C 39 -7.37 45.73 -27.49
N PRO C 40 -7.32 46.97 -28.03
CA PRO C 40 -8.50 47.84 -28.09
C PRO C 40 -9.48 47.55 -29.23
N ASP C 41 -9.75 46.28 -29.47
CA ASP C 41 -10.88 45.92 -30.31
C ASP C 41 -11.68 44.74 -29.78
N ALA C 42 -11.25 44.09 -28.69
CA ALA C 42 -11.97 42.95 -28.16
C ALA C 42 -13.43 43.27 -27.86
N HIS C 43 -13.76 44.54 -27.67
CA HIS C 43 -15.14 44.96 -27.44
C HIS C 43 -16.08 44.42 -28.50
N SER C 44 -15.67 44.46 -29.76
CA SER C 44 -16.47 43.95 -30.85
C SER C 44 -16.07 42.54 -31.28
N HIS C 45 -15.49 41.74 -30.38
CA HIS C 45 -15.12 40.38 -30.70
C HIS C 45 -15.48 39.37 -29.63
N PHE C 46 -16.08 39.80 -28.53
CA PHE C 46 -16.42 38.91 -27.43
C PHE C 46 -17.79 39.31 -26.90
N ASP C 47 -18.14 38.78 -25.73
CA ASP C 47 -19.37 39.14 -25.03
C ASP C 47 -19.04 40.21 -24.00
N TYR C 48 -19.34 41.48 -24.31
CA TYR C 48 -18.85 42.60 -23.54
C TYR C 48 -20.02 43.44 -23.01
N ASP C 49 -20.25 43.37 -21.73
CA ASP C 49 -21.24 44.18 -21.03
C ASP C 49 -20.76 45.63 -20.93
N PRO C 50 -21.32 46.56 -21.71
CA PRO C 50 -20.83 47.93 -21.72
C PRO C 50 -21.58 48.87 -20.79
N ARG C 51 -21.92 48.39 -19.61
CA ARG C 51 -22.27 49.24 -18.47
C ARG C 51 -21.73 48.69 -17.18
N ALA C 52 -21.40 47.40 -17.14
CA ALA C 52 -20.54 46.84 -16.11
C ALA C 52 -19.11 46.75 -16.58
N ASP C 53 -18.83 47.11 -17.83
CA ASP C 53 -17.50 47.11 -18.43
C ASP C 53 -16.79 45.76 -18.23
N GLU C 54 -17.41 44.68 -18.71
CA GLU C 54 -16.82 43.38 -18.41
C GLU C 54 -17.10 42.37 -19.50
N PHE C 55 -16.45 41.22 -19.37
CA PHE C 55 -16.46 40.18 -20.39
C PHE C 55 -17.09 38.94 -19.81
N PHE C 56 -18.18 38.46 -20.40
CA PHE C 56 -18.82 37.27 -19.90
C PHE C 56 -18.32 36.04 -20.62
N PHE C 57 -17.98 35.01 -19.86
CA PHE C 57 -17.61 33.72 -20.40
C PHE C 57 -18.37 32.67 -19.61
N ASP C 58 -19.01 31.75 -20.31
CA ASP C 58 -19.98 30.83 -19.71
C ASP C 58 -19.29 29.51 -19.34
N ARG C 59 -18.36 29.60 -18.41
CA ARG C 59 -17.55 28.44 -18.07
C ARG C 59 -17.46 28.32 -16.56
N HIS C 60 -16.93 27.19 -16.12
CA HIS C 60 -16.70 26.92 -14.71
C HIS C 60 -15.87 28.02 -14.07
N PRO C 61 -16.42 28.78 -13.11
CA PRO C 61 -15.65 29.85 -12.48
C PRO C 61 -14.63 29.36 -11.48
N GLY C 62 -14.66 28.10 -11.10
CA GLY C 62 -13.76 27.62 -10.08
C GLY C 62 -12.37 27.33 -10.59
N VAL C 63 -12.28 26.67 -11.74
CA VAL C 63 -10.98 26.29 -12.28
C VAL C 63 -10.35 27.40 -13.09
N PHE C 64 -11.01 28.54 -13.23
CA PHE C 64 -10.40 29.62 -13.97
C PHE C 64 -9.27 30.26 -13.20
N ALA C 65 -9.35 30.32 -11.88
CA ALA C 65 -8.31 30.97 -11.12
C ALA C 65 -7.01 30.20 -11.17
N HIS C 66 -7.04 28.91 -11.51
CA HIS C 66 -5.81 28.18 -11.78
C HIS C 66 -5.29 28.41 -13.19
N ILE C 67 -6.16 28.81 -14.11
CA ILE C 67 -5.70 29.22 -15.42
C ILE C 67 -5.13 30.62 -15.36
N LEU C 68 -5.85 31.54 -14.74
CA LEU C 68 -5.33 32.89 -14.58
C LEU C 68 -4.01 32.92 -13.85
N ASN C 69 -3.77 31.97 -12.95
CA ASN C 69 -2.50 31.93 -12.24
C ASN C 69 -1.34 31.81 -13.20
N TYR C 70 -1.51 31.06 -14.28
CA TYR C 70 -0.47 30.99 -15.31
C TYR C 70 -0.08 32.38 -15.78
N TYR C 71 -1.05 33.21 -16.10
CA TYR C 71 -0.69 34.55 -16.56
C TYR C 71 -0.15 35.37 -15.41
N ARG C 72 -0.53 35.04 -14.19
CA ARG C 72 -0.17 35.85 -13.05
C ARG C 72 1.22 35.55 -12.57
N THR C 73 1.51 34.28 -12.28
CA THR C 73 2.84 34.07 -11.74
C THR C 73 3.83 33.71 -12.84
N GLY C 74 3.93 32.45 -13.21
CA GLY C 74 4.53 32.14 -14.48
C GLY C 74 4.22 30.74 -14.96
N LYS C 75 3.56 29.97 -14.12
CA LYS C 75 3.57 28.52 -14.25
C LYS C 75 2.16 27.96 -14.13
N LEU C 76 2.01 26.74 -14.62
CA LEU C 76 0.72 26.09 -14.75
C LEU C 76 0.69 24.85 -13.88
N HIS C 77 -0.25 24.82 -12.94
CA HIS C 77 -0.48 23.67 -12.07
C HIS C 77 -1.88 23.14 -12.31
N CYS C 78 -2.19 22.03 -11.65
CA CYS C 78 -3.49 21.41 -11.77
C CYS C 78 -4.22 21.42 -10.44
N PRO C 79 -5.50 21.81 -10.41
CA PRO C 79 -6.25 21.75 -9.16
C PRO C 79 -6.48 20.32 -8.73
N ALA C 80 -6.47 20.11 -7.43
CA ALA C 80 -6.71 18.79 -6.87
C ALA C 80 -8.15 18.59 -6.44
N ASP C 81 -9.04 19.55 -6.68
CA ASP C 81 -10.45 19.38 -6.38
C ASP C 81 -11.28 19.08 -7.62
N VAL C 82 -10.67 19.03 -8.80
CA VAL C 82 -11.33 18.56 -10.01
C VAL C 82 -10.51 17.41 -10.57
N CYS C 83 -11.10 16.69 -11.51
CA CYS C 83 -10.41 15.56 -12.09
C CYS C 83 -9.59 16.02 -13.29
N GLY C 84 -8.81 15.09 -13.85
CA GLY C 84 -8.05 15.35 -15.05
C GLY C 84 -8.89 15.77 -16.24
N PRO C 85 -9.92 15.00 -16.59
CA PRO C 85 -10.70 15.34 -17.79
C PRO C 85 -11.37 16.70 -17.75
N LEU C 86 -11.91 17.12 -16.59
CA LEU C 86 -12.51 18.44 -16.50
C LEU C 86 -11.48 19.53 -16.76
N TYR C 87 -10.33 19.41 -16.12
CA TYR C 87 -9.29 20.42 -16.28
C TYR C 87 -8.79 20.46 -17.71
N GLU C 88 -8.59 19.30 -18.33
CA GLU C 88 -8.07 19.32 -19.69
C GLU C 88 -9.09 19.89 -20.65
N GLU C 89 -10.38 19.64 -20.40
CA GLU C 89 -11.39 20.27 -21.22
C GLU C 89 -11.34 21.79 -21.12
N GLU C 90 -11.07 22.33 -19.93
CA GLU C 90 -11.04 23.79 -19.84
C GLU C 90 -9.74 24.38 -20.39
N LEU C 91 -8.60 23.72 -20.18
CA LEU C 91 -7.39 24.17 -20.85
C LEU C 91 -7.57 24.19 -22.36
N ALA C 92 -8.27 23.18 -22.89
CA ALA C 92 -8.61 23.17 -24.30
C ALA C 92 -9.48 24.35 -24.68
N PHE C 93 -10.42 24.74 -23.80
CA PHE C 93 -11.26 25.88 -24.14
C PHE C 93 -10.45 27.18 -24.16
N TRP C 94 -9.48 27.32 -23.27
CA TRP C 94 -8.85 28.62 -23.11
C TRP C 94 -7.65 28.83 -24.02
N GLY C 95 -7.13 27.79 -24.65
CA GLY C 95 -6.02 27.93 -25.55
C GLY C 95 -4.68 27.55 -24.97
N ILE C 96 -4.65 26.82 -23.89
CA ILE C 96 -3.41 26.49 -23.20
C ILE C 96 -2.87 25.16 -23.71
N ASP C 97 -1.57 25.13 -23.96
CA ASP C 97 -0.89 23.89 -24.33
C ASP C 97 -0.71 23.04 -23.08
N GLU C 98 -1.35 21.88 -23.05
CA GLU C 98 -1.40 21.08 -21.84
C GLU C 98 -0.08 20.41 -21.51
N THR C 99 1.02 20.82 -22.12
CA THR C 99 2.34 20.32 -21.78
C THR C 99 3.12 21.27 -20.89
N ASP C 100 2.57 22.46 -20.61
CA ASP C 100 3.18 23.40 -19.69
C ASP C 100 2.92 23.06 -18.24
N VAL C 101 2.20 21.96 -17.97
CA VAL C 101 1.95 21.54 -16.61
C VAL C 101 3.25 21.20 -15.92
N GLU C 102 3.46 21.77 -14.75
CA GLU C 102 4.69 21.54 -14.02
C GLU C 102 4.77 20.09 -13.54
N PRO C 103 5.97 19.58 -13.32
CA PRO C 103 6.12 18.16 -12.99
C PRO C 103 5.51 17.78 -11.65
N CYS C 104 5.19 18.75 -10.79
CA CYS C 104 4.52 18.42 -9.55
C CYS C 104 3.10 17.90 -9.80
N CYS C 105 2.48 18.35 -10.88
CA CYS C 105 1.08 18.06 -11.14
C CYS C 105 0.85 17.21 -12.37
N TRP C 106 1.89 16.91 -13.13
CA TRP C 106 1.73 16.28 -14.44
C TRP C 106 1.16 14.88 -14.34
N MET C 107 1.70 14.05 -13.43
CA MET C 107 1.26 12.66 -13.38
C MET C 107 -0.18 12.56 -12.90
N THR C 108 -0.51 13.26 -11.83
CA THR C 108 -1.89 13.25 -11.34
C THR C 108 -2.83 13.83 -12.38
N TYR C 109 -2.36 14.77 -13.18
CA TYR C 109 -3.21 15.32 -14.22
C TYR C 109 -3.49 14.31 -15.33
N ARG C 110 -2.48 13.54 -15.70
CA ARG C 110 -2.63 12.69 -16.87
C ARG C 110 -3.14 11.28 -16.58
N GLN C 111 -3.08 10.83 -15.32
CA GLN C 111 -3.28 9.40 -15.05
C GLN C 111 -4.52 8.81 -15.72
N HIS C 112 -5.65 9.53 -15.71
CA HIS C 112 -6.85 8.95 -16.30
C HIS C 112 -6.73 8.79 -17.80
N ARG C 113 -6.09 9.76 -18.47
N ARG C 113 -6.09 9.76 -18.47
CA ARG C 113 -5.89 9.62 -19.90
CA ARG C 113 -5.89 9.64 -19.91
C ARG C 113 -4.85 8.56 -20.21
C ARG C 113 -4.84 8.58 -20.22
N ASP C 114 -3.80 8.49 -19.40
CA ASP C 114 -2.81 7.43 -19.57
C ASP C 114 -3.43 6.06 -19.40
N ALA C 115 -4.47 5.96 -18.57
CA ALA C 115 -5.17 4.70 -18.35
C ALA C 115 -6.30 4.46 -19.32
N GLU C 116 -6.75 5.48 -20.05
CA GLU C 116 -7.89 5.27 -20.92
C GLU C 116 -7.48 4.54 -22.19
N GLU C 117 -6.72 5.21 -23.06
CA GLU C 117 -5.98 4.61 -24.16
C GLU C 117 -6.67 3.42 -24.81
N ALA C 118 -8.00 3.44 -24.91
CA ALA C 118 -8.78 2.25 -25.21
C ALA C 118 -8.19 1.02 -24.50
N LEU C 119 -7.97 1.19 -23.19
CA LEU C 119 -7.10 0.30 -22.43
C LEU C 119 -7.43 0.32 -20.94
N VAL C 192 -21.50 -22.16 -29.25
CA VAL C 192 -20.30 -22.80 -29.78
C VAL C 192 -19.12 -22.62 -28.85
N ALA C 193 -19.15 -21.58 -27.99
CA ALA C 193 -18.11 -21.42 -26.98
C ALA C 193 -18.06 -22.64 -26.06
N PHE C 194 -19.22 -23.19 -25.70
CA PHE C 194 -19.26 -24.41 -24.91
C PHE C 194 -18.93 -25.63 -25.75
N ALA C 195 -18.98 -25.51 -27.07
CA ALA C 195 -18.53 -26.59 -27.94
C ALA C 195 -17.03 -26.55 -28.17
N SER C 196 -16.36 -25.47 -27.76
CA SER C 196 -14.92 -25.35 -27.86
C SER C 196 -14.21 -25.61 -26.54
N LEU C 197 -14.72 -25.01 -25.46
CA LEU C 197 -14.09 -25.15 -24.15
C LEU C 197 -13.98 -26.61 -23.75
N PHE C 198 -14.99 -27.41 -24.07
CA PHE C 198 -14.98 -28.81 -23.64
C PHE C 198 -13.77 -29.53 -24.20
N PHE C 199 -13.59 -29.48 -25.53
CA PHE C 199 -12.48 -30.19 -26.12
C PHE C 199 -11.15 -29.54 -25.81
N ILE C 200 -11.12 -28.24 -25.50
CA ILE C 200 -9.86 -27.65 -25.06
C ILE C 200 -9.43 -28.28 -23.75
N LEU C 201 -10.36 -28.39 -22.80
CA LEU C 201 -10.01 -29.03 -21.53
C LEU C 201 -9.65 -30.49 -21.74
N VAL C 202 -10.37 -31.17 -22.62
CA VAL C 202 -10.06 -32.57 -22.88
C VAL C 202 -8.64 -32.72 -23.41
N SER C 203 -8.24 -31.85 -24.34
CA SER C 203 -6.90 -31.91 -24.90
C SER C 203 -5.85 -31.58 -23.86
N ILE C 204 -6.12 -30.62 -23.00
CA ILE C 204 -5.17 -30.28 -21.94
C ILE C 204 -4.94 -31.48 -21.03
N THR C 205 -6.02 -32.12 -20.58
CA THR C 205 -5.85 -33.24 -19.67
C THR C 205 -5.14 -34.42 -20.33
N THR C 206 -5.50 -34.75 -21.57
CA THR C 206 -4.77 -35.84 -22.20
C THR C 206 -3.32 -35.47 -22.41
N PHE C 207 -3.03 -34.18 -22.64
CA PHE C 207 -1.65 -33.73 -22.74
C PHE C 207 -0.91 -33.95 -21.44
N CYS C 208 -1.59 -33.74 -20.32
CA CYS C 208 -0.94 -33.92 -19.03
C CYS C 208 -0.76 -35.38 -18.68
N LEU C 209 -1.60 -36.26 -19.21
CA LEU C 209 -1.62 -37.62 -18.70
C LEU C 209 -0.70 -38.58 -19.44
N GLU C 210 -0.20 -38.26 -20.63
CA GLU C 210 0.75 -39.21 -21.21
C GLU C 210 2.13 -39.06 -20.59
N THR C 211 2.37 -37.97 -19.88
CA THR C 211 3.60 -37.86 -19.12
C THR C 211 3.58 -38.73 -17.88
N HIS C 212 2.41 -38.98 -17.31
CA HIS C 212 2.33 -39.75 -16.08
C HIS C 212 2.70 -41.20 -16.34
N GLU C 213 3.59 -41.74 -15.53
CA GLU C 213 4.04 -43.10 -15.72
C GLU C 213 3.07 -44.08 -15.07
N ARG C 214 1.79 -43.84 -15.30
CA ARG C 214 0.74 -44.81 -15.05
C ARG C 214 0.19 -45.36 -16.35
N PHE C 215 0.12 -44.51 -17.37
CA PHE C 215 -0.29 -44.90 -18.71
C PHE C 215 0.91 -45.15 -19.61
N ASN C 216 2.05 -45.53 -19.03
CA ASN C 216 3.24 -45.91 -19.79
C ASN C 216 3.74 -47.25 -19.27
N PRO C 217 3.04 -48.34 -19.60
CA PRO C 217 3.54 -49.66 -19.20
C PRO C 217 4.80 -50.05 -19.97
N GLU C 240 6.19 -47.65 -24.75
CA GLU C 240 5.52 -48.03 -23.51
C GLU C 240 4.16 -47.34 -23.39
N THR C 241 3.77 -46.65 -24.45
N THR C 241 3.77 -46.65 -24.45
CA THR C 241 2.56 -45.83 -24.48
CA THR C 241 2.56 -45.83 -24.48
C THR C 241 1.30 -46.67 -24.39
C THR C 241 1.30 -46.67 -24.39
N GLU C 242 0.14 -46.01 -24.58
CA GLU C 242 -1.17 -46.59 -24.34
C GLU C 242 -2.02 -46.15 -25.53
N ALA C 243 -3.33 -46.37 -25.52
CA ALA C 243 -4.02 -46.20 -26.80
C ALA C 243 -5.29 -45.37 -26.70
N PHE C 244 -5.94 -45.39 -25.54
CA PHE C 244 -7.15 -44.59 -25.41
C PHE C 244 -6.81 -43.11 -25.40
N LEU C 245 -5.61 -42.76 -24.92
CA LEU C 245 -5.16 -41.38 -25.04
C LEU C 245 -4.97 -41.00 -26.50
N THR C 246 -4.47 -41.92 -27.32
CA THR C 246 -4.30 -41.60 -28.73
C THR C 246 -5.64 -41.41 -29.42
N TYR C 247 -6.66 -42.17 -29.03
CA TYR C 247 -7.98 -41.91 -29.61
C TYR C 247 -8.56 -40.60 -29.10
N ILE C 248 -8.26 -40.22 -27.86
CA ILE C 248 -8.76 -38.94 -27.38
C ILE C 248 -8.11 -37.78 -28.13
N GLU C 249 -6.81 -37.87 -28.41
CA GLU C 249 -6.21 -36.90 -29.31
C GLU C 249 -6.90 -36.92 -30.67
N GLY C 250 -7.21 -38.12 -31.16
CA GLY C 250 -7.87 -38.23 -32.45
C GLY C 250 -9.16 -37.44 -32.50
N VAL C 251 -10.00 -37.59 -31.49
CA VAL C 251 -11.30 -36.92 -31.52
C VAL C 251 -11.14 -35.43 -31.30
N CYS C 252 -10.19 -35.01 -30.46
CA CYS C 252 -10.01 -33.56 -30.32
C CYS C 252 -9.49 -32.92 -31.60
N VAL C 253 -8.65 -33.62 -32.37
CA VAL C 253 -8.23 -33.03 -33.63
C VAL C 253 -9.37 -33.08 -34.65
N VAL C 254 -10.15 -34.15 -34.65
CA VAL C 254 -11.30 -34.23 -35.54
C VAL C 254 -12.32 -33.14 -35.23
N TRP C 255 -12.33 -32.61 -34.01
CA TRP C 255 -13.15 -31.44 -33.76
C TRP C 255 -12.45 -30.14 -34.06
N PHE C 256 -11.14 -30.07 -33.83
CA PHE C 256 -10.42 -28.81 -34.04
C PHE C 256 -10.57 -28.32 -35.46
N THR C 257 -10.90 -29.21 -36.40
CA THR C 257 -11.12 -28.82 -37.79
C THR C 257 -12.44 -28.09 -37.99
N PHE C 258 -13.46 -28.40 -37.19
CA PHE C 258 -14.75 -27.77 -37.36
C PHE C 258 -14.73 -26.31 -36.94
N GLU C 259 -13.85 -25.96 -36.01
CA GLU C 259 -13.65 -24.58 -35.60
C GLU C 259 -12.43 -23.95 -36.27
N PHE C 260 -11.69 -24.70 -37.08
CA PHE C 260 -10.56 -24.11 -37.76
C PHE C 260 -10.72 -24.00 -39.26
N LEU C 261 -11.57 -24.82 -39.88
CA LEU C 261 -11.91 -24.63 -41.28
C LEU C 261 -12.94 -23.54 -41.45
N MET C 262 -13.05 -22.67 -40.45
CA MET C 262 -13.97 -21.57 -40.38
C MET C 262 -13.26 -20.23 -40.40
N ARG C 263 -11.94 -20.23 -40.58
CA ARG C 263 -11.14 -19.08 -40.18
C ARG C 263 -10.33 -18.44 -41.30
N VAL C 264 -9.68 -19.22 -42.16
CA VAL C 264 -8.65 -18.70 -43.05
C VAL C 264 -9.15 -18.56 -44.48
N ILE C 265 -9.95 -19.50 -44.97
CA ILE C 265 -10.60 -19.30 -46.26
C ILE C 265 -12.08 -18.95 -46.08
N PHE C 266 -12.67 -19.28 -44.93
CA PHE C 266 -13.99 -18.82 -44.52
C PHE C 266 -13.92 -17.49 -43.80
N CYS C 267 -12.92 -16.67 -44.10
CA CYS C 267 -12.48 -15.58 -43.25
C CYS C 267 -13.48 -14.42 -43.27
N ILE C 281 -3.01 -14.87 -32.81
CA ILE C 281 -3.42 -15.99 -31.97
C ILE C 281 -4.02 -17.13 -32.77
N ASP C 282 -4.26 -16.95 -34.07
CA ASP C 282 -4.79 -18.03 -34.88
C ASP C 282 -3.68 -18.82 -35.56
N PHE C 283 -2.65 -18.14 -36.06
CA PHE C 283 -1.51 -18.85 -36.62
C PHE C 283 -0.50 -19.25 -35.56
N VAL C 284 -0.38 -18.47 -34.49
CA VAL C 284 0.63 -18.71 -33.47
C VAL C 284 0.07 -19.54 -32.31
N ALA C 285 -1.20 -19.94 -32.39
CA ALA C 285 -1.75 -20.83 -31.38
C ALA C 285 -2.59 -21.96 -31.95
N ILE C 286 -2.87 -21.99 -33.24
CA ILE C 286 -3.51 -23.16 -33.83
C ILE C 286 -2.59 -23.81 -34.89
N LEU C 287 -1.30 -23.76 -34.66
CA LEU C 287 -0.34 -24.54 -35.42
C LEU C 287 -0.30 -26.02 -35.05
N PRO C 288 -0.47 -26.43 -33.78
CA PRO C 288 -0.35 -27.87 -33.47
C PRO C 288 -1.36 -28.69 -34.23
N PHE C 289 -2.52 -28.11 -34.52
CA PHE C 289 -3.49 -28.73 -35.40
C PHE C 289 -2.82 -29.24 -36.67
N TYR C 290 -1.97 -28.40 -37.27
CA TYR C 290 -1.13 -28.85 -38.39
C TYR C 290 -0.11 -29.88 -37.93
N LEU C 291 0.47 -29.66 -36.76
CA LEU C 291 1.73 -30.31 -36.39
C LEU C 291 1.57 -31.74 -35.91
N GLU C 292 0.39 -32.15 -35.45
CA GLU C 292 0.28 -33.47 -34.83
C GLU C 292 0.48 -34.58 -35.86
N VAL C 293 -0.14 -34.45 -37.03
CA VAL C 293 0.03 -35.47 -38.06
C VAL C 293 1.42 -35.40 -38.69
N GLY C 294 2.01 -34.22 -38.74
CA GLY C 294 3.32 -34.05 -39.33
C GLY C 294 4.44 -34.37 -38.37
N VAL C 312 8.24 -28.68 -28.83
CA VAL C 312 7.11 -27.83 -29.23
C VAL C 312 5.93 -28.65 -29.74
N VAL C 313 6.15 -29.95 -29.99
CA VAL C 313 5.11 -30.80 -30.61
C VAL C 313 3.76 -30.59 -29.93
N ARG C 314 3.76 -30.52 -28.61
CA ARG C 314 2.55 -30.13 -27.89
C ARG C 314 2.77 -29.16 -26.73
N PHE C 315 4.01 -28.78 -26.41
CA PHE C 315 4.26 -27.64 -25.54
C PHE C 315 3.34 -26.48 -25.88
N VAL C 316 3.07 -26.28 -27.18
CA VAL C 316 2.17 -25.24 -27.60
C VAL C 316 0.71 -25.61 -27.33
N ARG C 317 0.42 -26.88 -27.10
CA ARG C 317 -0.97 -27.32 -27.00
C ARG C 317 -1.72 -26.63 -25.86
N ILE C 318 -1.00 -26.20 -24.82
CA ILE C 318 -1.67 -25.62 -23.66
C ILE C 318 -2.17 -24.22 -23.97
N LEU C 319 -1.49 -23.50 -24.84
CA LEU C 319 -1.82 -22.10 -25.04
C LEU C 319 -3.22 -21.88 -25.57
N ARG C 320 -3.88 -22.93 -26.06
CA ARG C 320 -5.26 -22.76 -26.50
C ARG C 320 -6.16 -22.33 -25.37
N ILE C 321 -5.73 -22.52 -24.12
CA ILE C 321 -6.47 -22.02 -22.96
C ILE C 321 -6.73 -20.54 -23.11
N PHE C 322 -5.78 -19.80 -23.68
CA PHE C 322 -5.96 -18.36 -23.79
C PHE C 322 -7.08 -18.01 -24.75
N LYS C 323 -7.38 -18.88 -25.71
CA LYS C 323 -8.40 -18.56 -26.69
C LYS C 323 -9.74 -18.32 -26.04
N LEU C 324 -10.18 -19.24 -25.19
CA LEU C 324 -11.49 -19.11 -24.58
C LEU C 324 -11.52 -18.10 -23.45
N THR C 325 -10.37 -17.72 -22.91
CA THR C 325 -10.32 -16.82 -21.76
C THR C 325 -9.98 -15.40 -22.15
N ARG C 326 -10.06 -15.05 -23.43
CA ARG C 326 -9.92 -13.66 -23.83
C ARG C 326 -11.22 -12.88 -23.64
N HIS C 327 -12.29 -13.53 -23.23
CA HIS C 327 -13.53 -12.86 -22.87
C HIS C 327 -13.58 -12.44 -21.42
N PHE C 328 -12.51 -12.69 -20.67
CA PHE C 328 -12.48 -12.34 -19.25
C PHE C 328 -11.99 -10.91 -19.09
N VAL C 329 -12.78 -10.10 -18.39
CA VAL C 329 -12.40 -8.71 -18.23
C VAL C 329 -11.15 -8.57 -17.39
N GLY C 330 -10.77 -9.58 -16.65
CA GLY C 330 -9.61 -9.47 -15.80
C GLY C 330 -8.31 -9.79 -16.53
N LEU C 331 -8.35 -10.76 -17.44
CA LEU C 331 -7.14 -11.07 -18.17
C LEU C 331 -6.81 -9.99 -19.19
N ARG C 332 -7.81 -9.31 -19.74
CA ARG C 332 -7.50 -8.22 -20.65
C ARG C 332 -6.90 -7.04 -19.90
N VAL C 333 -7.38 -6.78 -18.70
CA VAL C 333 -6.76 -5.75 -17.87
C VAL C 333 -5.34 -6.15 -17.53
N LEU C 334 -5.11 -7.43 -17.26
CA LEU C 334 -3.75 -7.90 -17.03
C LEU C 334 -2.87 -7.65 -18.24
N GLY C 335 -3.37 -8.00 -19.42
CA GLY C 335 -2.59 -7.79 -20.63
C GLY C 335 -2.29 -6.33 -20.88
N HIS C 336 -3.22 -5.45 -20.52
CA HIS C 336 -2.96 -4.03 -20.66
C HIS C 336 -1.95 -3.53 -19.65
N THR C 337 -1.88 -4.15 -18.47
CA THR C 337 -0.90 -3.70 -17.49
C THR C 337 0.49 -4.22 -17.79
N LEU C 338 0.62 -5.42 -18.34
CA LEU C 338 1.92 -5.89 -18.78
C LEU C 338 2.38 -5.23 -20.06
N ARG C 339 1.62 -4.30 -20.60
CA ARG C 339 2.03 -3.53 -21.76
C ARG C 339 2.25 -2.06 -21.44
N ALA C 340 1.62 -1.55 -20.40
CA ALA C 340 1.85 -0.20 -19.93
C ALA C 340 2.93 -0.12 -18.87
N SER C 341 3.62 -1.23 -18.60
CA SER C 341 4.60 -1.27 -17.53
C SER C 341 5.83 -2.03 -17.96
N THR C 342 6.26 -1.85 -19.21
CA THR C 342 7.43 -2.55 -19.70
C THR C 342 8.72 -1.95 -19.18
N ASN C 343 8.69 -0.74 -18.65
CA ASN C 343 9.89 -0.14 -18.09
C ASN C 343 10.09 -0.57 -16.65
N GLU C 344 9.02 -0.63 -15.87
CA GLU C 344 9.13 -1.10 -14.50
C GLU C 344 9.38 -2.59 -14.41
N PHE C 345 9.33 -3.30 -15.53
CA PHE C 345 9.78 -4.67 -15.56
C PHE C 345 11.27 -4.76 -15.83
N LEU C 346 11.75 -3.94 -16.76
CA LEU C 346 13.19 -3.83 -16.96
C LEU C 346 13.87 -3.41 -15.67
N LEU C 347 13.28 -2.45 -14.96
CA LEU C 347 13.84 -2.01 -13.69
C LEU C 347 13.99 -3.16 -12.72
N LEU C 348 12.93 -3.95 -12.55
CA LEU C 348 12.96 -5.06 -11.61
C LEU C 348 13.98 -6.10 -12.02
N ILE C 349 14.03 -6.43 -13.30
CA ILE C 349 14.97 -7.45 -13.76
C ILE C 349 16.40 -7.00 -13.56
N ILE C 350 16.67 -5.72 -13.81
CA ILE C 350 18.03 -5.20 -13.66
C ILE C 350 18.42 -5.16 -12.19
N PHE C 351 17.52 -4.71 -11.33
CA PHE C 351 17.77 -4.77 -9.89
C PHE C 351 18.13 -6.18 -9.46
N LEU C 352 17.34 -7.15 -9.89
CA LEU C 352 17.55 -8.51 -9.44
C LEU C 352 18.85 -9.07 -9.98
N ALA C 353 19.19 -8.77 -11.23
CA ALA C 353 20.45 -9.26 -11.77
C ALA C 353 21.63 -8.68 -11.03
N LEU C 354 21.59 -7.38 -10.75
CA LEU C 354 22.67 -6.74 -10.01
C LEU C 354 22.83 -7.37 -8.64
N GLY C 355 21.74 -7.45 -7.88
CA GLY C 355 21.82 -8.04 -6.56
C GLY C 355 22.28 -9.47 -6.59
N VAL C 356 21.76 -10.25 -7.55
CA VAL C 356 22.11 -11.67 -7.60
C VAL C 356 23.59 -11.85 -7.84
N LEU C 357 24.16 -11.07 -8.75
CA LEU C 357 25.59 -11.18 -9.02
C LEU C 357 26.40 -10.76 -7.81
N ILE C 358 26.05 -9.63 -7.20
CA ILE C 358 26.80 -9.12 -6.06
C ILE C 358 26.81 -10.12 -4.92
N PHE C 359 25.64 -10.63 -4.56
CA PHE C 359 25.57 -11.53 -3.42
C PHE C 359 26.13 -12.89 -3.75
N ALA C 360 26.04 -13.33 -5.00
CA ALA C 360 26.63 -14.60 -5.36
C ALA C 360 28.14 -14.55 -5.22
N THR C 361 28.76 -13.42 -5.59
CA THR C 361 30.21 -13.37 -5.45
C THR C 361 30.61 -13.10 -4.01
N MET C 362 29.77 -12.42 -3.25
CA MET C 362 30.09 -12.21 -1.84
C MET C 362 30.03 -13.50 -1.05
N ILE C 363 29.02 -14.34 -1.30
CA ILE C 363 28.84 -15.53 -0.50
C ILE C 363 29.96 -16.53 -0.75
N TYR C 364 30.57 -16.52 -1.94
CA TYR C 364 31.64 -17.45 -2.23
C TYR C 364 32.86 -17.14 -1.37
N TYR C 365 33.27 -15.89 -1.39
CA TYR C 365 34.42 -15.47 -0.61
C TYR C 365 34.14 -15.51 0.87
N ALA C 366 32.90 -15.25 1.27
CA ALA C 366 32.53 -15.36 2.67
C ALA C 366 32.60 -16.80 3.17
N GLU C 367 32.19 -17.76 2.36
CA GLU C 367 32.24 -19.14 2.77
C GLU C 367 33.61 -19.76 2.59
N ARG C 368 34.53 -19.07 1.92
N ARG C 368 34.52 -19.06 1.92
CA ARG C 368 35.84 -19.65 1.71
CA ARG C 368 35.85 -19.62 1.69
C ARG C 368 36.76 -19.55 2.91
C ARG C 368 36.77 -19.52 2.88
N ILE C 369 36.53 -18.59 3.81
CA ILE C 369 37.39 -18.48 4.99
C ILE C 369 37.06 -19.51 6.05
N GLY C 370 35.96 -20.26 5.89
CA GLY C 370 35.73 -21.43 6.70
C GLY C 370 36.59 -22.63 6.33
N ALA C 371 37.24 -22.56 5.17
CA ALA C 371 38.23 -23.56 4.75
C ALA C 371 37.72 -24.99 4.84
N SER C 377 43.30 -27.12 -1.72
CA SER C 377 43.10 -28.06 -2.81
C SER C 377 41.68 -27.97 -3.36
N ALA C 378 40.72 -27.77 -2.46
CA ALA C 378 39.32 -27.62 -2.84
C ALA C 378 38.55 -27.03 -1.67
N SER C 379 37.24 -26.96 -1.82
CA SER C 379 36.32 -26.58 -0.74
C SER C 379 35.27 -27.67 -0.64
N GLU C 380 35.41 -28.53 0.37
CA GLU C 380 34.61 -29.75 0.49
C GLU C 380 33.64 -29.66 1.65
N HIS C 381 33.33 -28.44 2.07
CA HIS C 381 32.59 -28.20 3.30
C HIS C 381 31.46 -27.22 3.08
N THR C 382 31.12 -26.91 1.83
CA THR C 382 30.27 -25.77 1.55
C THR C 382 29.47 -26.05 0.29
N HIS C 383 28.24 -25.54 0.27
CA HIS C 383 27.42 -25.68 -0.91
C HIS C 383 27.91 -24.82 -2.05
N PHE C 384 28.69 -23.79 -1.74
CA PHE C 384 29.08 -22.77 -2.71
C PHE C 384 30.47 -23.09 -3.22
N LYS C 385 30.52 -23.98 -4.20
CA LYS C 385 31.80 -24.42 -4.76
C LYS C 385 32.28 -23.53 -5.89
N ASN C 386 31.39 -22.79 -6.52
CA ASN C 386 31.77 -21.75 -7.46
C ASN C 386 30.81 -20.59 -7.29
N ILE C 387 31.08 -19.53 -8.03
CA ILE C 387 30.22 -18.35 -8.06
C ILE C 387 28.98 -18.62 -8.90
N PRO C 388 29.06 -19.30 -10.06
CA PRO C 388 27.83 -19.59 -10.79
C PRO C 388 26.75 -20.28 -9.99
N ILE C 389 27.10 -21.32 -9.22
CA ILE C 389 26.09 -22.02 -8.45
C ILE C 389 25.48 -21.14 -7.38
N GLY C 390 26.06 -19.98 -7.12
CA GLY C 390 25.53 -19.07 -6.13
C GLY C 390 24.46 -18.15 -6.62
N PHE C 391 24.28 -18.03 -7.94
CA PHE C 391 23.16 -17.24 -8.44
C PHE C 391 21.85 -17.88 -8.05
N TRP C 392 21.81 -19.21 -8.07
CA TRP C 392 20.64 -19.94 -7.61
C TRP C 392 20.34 -19.61 -6.16
N TRP C 393 21.33 -19.73 -5.29
CA TRP C 393 21.12 -19.39 -3.89
C TRP C 393 20.63 -17.97 -3.73
N ALA C 394 21.25 -17.03 -4.44
CA ALA C 394 20.91 -15.63 -4.25
C ALA C 394 19.49 -15.34 -4.69
N VAL C 395 19.03 -15.97 -5.77
CA VAL C 395 17.68 -15.66 -6.21
C VAL C 395 16.65 -16.36 -5.35
N VAL C 396 16.97 -17.55 -4.84
CA VAL C 396 16.05 -18.23 -3.94
C VAL C 396 15.98 -17.51 -2.60
N THR C 397 17.03 -16.81 -2.22
CA THR C 397 17.05 -16.09 -0.96
C THR C 397 16.45 -14.70 -1.05
N MET C 398 16.72 -13.96 -2.12
CA MET C 398 16.22 -12.61 -2.23
C MET C 398 14.71 -12.54 -2.40
N THR C 399 14.07 -13.65 -2.72
CA THR C 399 12.63 -13.73 -2.86
C THR C 399 11.93 -14.23 -1.62
N THR C 400 12.67 -14.52 -0.54
CA THR C 400 12.16 -15.12 0.68
C THR C 400 11.51 -16.46 0.40
N LEU C 401 11.97 -17.17 -0.62
CA LEU C 401 11.48 -18.51 -0.87
C LEU C 401 12.17 -19.52 0.02
N GLY C 402 13.48 -19.66 -0.12
CA GLY C 402 14.23 -20.46 0.81
C GLY C 402 13.91 -21.93 0.79
N TYR C 403 14.23 -22.63 -0.30
CA TYR C 403 14.08 -24.07 -0.32
C TYR C 403 14.87 -24.71 0.81
N GLY C 404 16.17 -24.42 0.87
CA GLY C 404 17.02 -25.03 1.85
C GLY C 404 17.99 -26.04 1.29
N ASP C 405 18.07 -26.18 -0.02
CA ASP C 405 19.08 -27.05 -0.61
C ASP C 405 20.45 -26.41 -0.52
N MET C 406 20.50 -25.09 -0.48
CA MET C 406 21.72 -24.32 -0.34
C MET C 406 21.52 -23.31 0.76
N TYR C 407 22.39 -23.33 1.77
CA TYR C 407 22.35 -22.35 2.84
C TYR C 407 23.76 -22.16 3.36
N PRO C 408 24.06 -21.02 3.97
CA PRO C 408 25.39 -20.79 4.53
C PRO C 408 25.65 -21.66 5.74
N GLN C 409 26.91 -21.98 5.97
CA GLN C 409 27.28 -22.79 7.10
C GLN C 409 28.39 -22.21 7.97
N THR C 410 28.99 -21.10 7.58
CA THR C 410 29.98 -20.40 8.39
C THR C 410 29.42 -19.05 8.80
N TRP C 411 29.98 -18.48 9.87
CA TRP C 411 29.39 -17.29 10.47
C TRP C 411 29.44 -16.10 9.54
N SER C 412 30.53 -16.00 8.77
CA SER C 412 30.62 -14.99 7.73
C SER C 412 29.55 -15.20 6.66
N GLY C 413 29.35 -16.45 6.27
CA GLY C 413 28.28 -16.74 5.34
C GLY C 413 26.92 -16.36 5.86
N MET C 414 26.68 -16.59 7.16
CA MET C 414 25.38 -16.26 7.71
C MET C 414 25.18 -14.76 7.76
N LEU C 415 26.24 -13.99 8.00
CA LEU C 415 26.12 -12.54 7.90
C LEU C 415 25.76 -12.11 6.49
N VAL C 416 26.44 -12.68 5.49
CA VAL C 416 26.14 -12.32 4.11
C VAL C 416 24.71 -12.70 3.76
N GLY C 417 24.24 -13.84 4.24
CA GLY C 417 22.89 -14.26 3.91
C GLY C 417 21.84 -13.42 4.59
N ALA C 418 22.09 -13.02 5.83
CA ALA C 418 21.20 -12.08 6.49
C ALA C 418 21.08 -10.80 5.69
N LEU C 419 22.19 -10.33 5.12
CA LEU C 419 22.11 -9.16 4.26
C LEU C 419 21.32 -9.44 2.99
N CYS C 420 21.53 -10.61 2.39
CA CYS C 420 20.89 -10.94 1.13
C CYS C 420 19.38 -10.97 1.25
N ALA C 421 18.88 -11.51 2.36
CA ALA C 421 17.43 -11.60 2.53
C ALA C 421 16.78 -10.23 2.50
N LEU C 422 17.28 -9.31 3.34
CA LEU C 422 16.71 -7.98 3.42
C LEU C 422 16.93 -7.19 2.14
N ALA C 423 18.11 -7.33 1.55
CA ALA C 423 18.38 -6.63 0.30
C ALA C 423 17.42 -7.06 -0.77
N GLY C 424 17.14 -8.35 -0.87
CA GLY C 424 16.18 -8.82 -1.84
C GLY C 424 14.78 -8.33 -1.54
N VAL C 425 14.39 -8.35 -0.27
CA VAL C 425 13.08 -7.82 0.08
C VAL C 425 12.91 -6.41 -0.44
N LEU C 426 13.88 -5.53 -0.15
CA LEU C 426 13.74 -4.13 -0.55
C LEU C 426 13.84 -3.95 -2.05
N THR C 427 14.79 -4.64 -2.68
CA THR C 427 14.94 -4.60 -4.13
C THR C 427 13.65 -4.96 -4.83
N ILE C 428 13.01 -6.05 -4.42
CA ILE C 428 11.77 -6.44 -5.06
C ILE C 428 10.66 -5.45 -4.72
N ALA C 429 10.62 -4.98 -3.47
CA ALA C 429 9.52 -4.16 -3.03
C ALA C 429 9.57 -2.74 -3.56
N MET C 430 10.64 -2.33 -4.21
CA MET C 430 10.55 -0.97 -4.72
C MET C 430 9.75 -0.80 -6.01
N PRO C 431 9.98 -1.59 -7.09
CA PRO C 431 9.22 -1.35 -8.33
C PRO C 431 7.89 -2.08 -8.44
N VAL C 432 7.72 -3.12 -7.61
CA VAL C 432 6.48 -3.89 -7.66
C VAL C 432 5.27 -3.05 -7.31
N PRO C 433 5.29 -2.15 -6.32
CA PRO C 433 4.11 -1.32 -6.08
C PRO C 433 3.78 -0.40 -7.24
N VAL C 434 4.80 0.07 -7.97
CA VAL C 434 4.52 0.83 -9.19
C VAL C 434 3.77 -0.04 -10.18
N ILE C 435 4.17 -1.30 -10.32
CA ILE C 435 3.47 -2.17 -11.26
C ILE C 435 2.07 -2.51 -10.77
N VAL C 436 1.86 -2.53 -9.46
CA VAL C 436 0.56 -2.93 -8.90
C VAL C 436 -0.45 -1.78 -8.95
N ASN C 437 0.01 -0.54 -8.82
CA ASN C 437 -0.89 0.58 -8.94
C ASN C 437 -1.52 0.65 -10.33
N ASN C 438 -0.74 0.31 -11.36
CA ASN C 438 -1.28 0.32 -12.71
C ASN C 438 -2.45 -0.64 -12.82
N PHE C 439 -2.31 -1.82 -12.25
CA PHE C 439 -3.41 -2.77 -12.29
C PHE C 439 -4.59 -2.24 -11.51
N GLY C 440 -4.35 -1.70 -10.32
CA GLY C 440 -5.47 -1.16 -9.55
C GLY C 440 -6.28 -0.17 -10.36
N MET C 441 -5.59 0.78 -10.98
CA MET C 441 -6.24 1.80 -11.78
C MET C 441 -7.01 1.20 -12.96
N TYR C 442 -6.32 0.40 -13.78
CA TYR C 442 -6.94 -0.11 -15.01
C TYR C 442 -8.09 -1.05 -14.69
N TYR C 443 -7.95 -1.87 -13.65
CA TYR C 443 -9.02 -2.78 -13.28
C TYR C 443 -10.22 -2.03 -12.77
N SER C 444 -10.01 -1.03 -11.91
CA SER C 444 -11.12 -0.24 -11.42
C SER C 444 -11.86 0.42 -12.57
N LEU C 445 -11.12 0.95 -13.56
CA LEU C 445 -11.77 1.58 -14.70
C LEU C 445 -12.56 0.57 -15.52
N ALA C 446 -11.95 -0.56 -15.85
CA ALA C 446 -12.62 -1.53 -16.72
C ALA C 446 -13.80 -2.18 -16.02
N MET C 447 -13.80 -2.22 -14.69
CA MET C 447 -14.96 -2.74 -13.99
C MET C 447 -16.05 -1.69 -13.82
N ALA C 448 -15.67 -0.42 -13.65
CA ALA C 448 -16.67 0.63 -13.62
C ALA C 448 -17.38 0.75 -14.96
N LYS C 449 -16.64 0.56 -16.05
N LYS C 449 -16.63 0.57 -16.06
CA LYS C 449 -17.27 0.58 -17.36
CA LYS C 449 -17.26 0.56 -17.38
C LYS C 449 -18.26 -0.57 -17.52
C LYS C 449 -18.28 -0.57 -17.49
N GLN C 450 -17.96 -1.73 -16.93
CA GLN C 450 -18.85 -2.86 -17.02
C GLN C 450 -20.10 -2.71 -16.18
N LYS C 451 -20.23 -1.62 -15.42
CA LYS C 451 -21.39 -1.40 -14.58
C LYS C 451 -22.30 -0.28 -15.06
N LEU C 452 -21.81 0.63 -15.87
CA LEU C 452 -22.67 1.67 -16.40
C LEU C 452 -23.35 1.18 -17.68
N PRO C 453 -24.52 1.75 -18.03
CA PRO C 453 -25.24 1.31 -19.23
C PRO C 453 -24.57 1.75 -20.52
N SER D 7 -30.43 33.89 -26.40
CA SER D 7 -29.20 34.61 -26.09
C SER D 7 -29.30 35.38 -24.76
N GLU D 8 -30.53 35.52 -24.25
CA GLU D 8 -30.72 36.12 -22.95
C GLU D 8 -29.96 35.36 -21.87
N ARG D 9 -29.70 36.03 -20.76
CA ARG D 9 -28.93 35.49 -19.65
C ARG D 9 -29.79 35.45 -18.41
N ILE D 10 -29.54 34.46 -17.56
CA ILE D 10 -30.27 34.25 -16.33
C ILE D 10 -29.30 33.98 -15.19
N VAL D 11 -29.65 34.50 -14.01
CA VAL D 11 -28.82 34.44 -12.81
C VAL D 11 -29.46 33.50 -11.80
N ILE D 12 -28.66 32.67 -11.18
CA ILE D 12 -29.09 31.79 -10.09
C ILE D 12 -28.33 32.19 -8.85
N ASN D 13 -29.05 32.67 -7.84
CA ASN D 13 -28.44 33.12 -6.59
C ASN D 13 -28.49 31.94 -5.62
N VAL D 14 -27.51 31.05 -5.71
CA VAL D 14 -27.54 29.84 -4.91
C VAL D 14 -26.82 30.11 -3.60
N GLY D 15 -27.57 30.17 -2.52
CA GLY D 15 -26.99 30.35 -1.21
C GLY D 15 -26.09 31.55 -1.10
N GLY D 16 -26.44 32.63 -1.79
CA GLY D 16 -25.62 33.82 -1.78
C GLY D 16 -24.77 34.01 -3.03
N THR D 17 -24.24 32.92 -3.57
CA THR D 17 -23.33 32.98 -4.71
C THR D 17 -24.10 33.08 -6.01
N ARG D 18 -23.84 34.12 -6.78
CA ARG D 18 -24.58 34.36 -8.02
C ARG D 18 -23.85 33.72 -9.18
N HIS D 19 -24.49 32.74 -9.81
CA HIS D 19 -24.02 32.14 -11.04
C HIS D 19 -24.79 32.74 -12.20
N GLN D 20 -24.13 32.94 -13.32
CA GLN D 20 -24.77 33.46 -14.52
C GLN D 20 -24.64 32.44 -15.63
N THR D 21 -25.68 32.33 -16.46
CA THR D 21 -25.61 31.44 -17.62
C THR D 21 -26.61 31.93 -18.66
N TYR D 22 -26.70 31.21 -19.77
CA TYR D 22 -27.67 31.47 -20.82
C TYR D 22 -28.82 30.50 -20.67
N ARG D 23 -30.00 30.92 -21.13
CA ARG D 23 -31.12 29.99 -21.19
C ARG D 23 -30.77 28.76 -22.01
N SER D 24 -30.11 28.99 -23.15
CA SER D 24 -29.67 27.93 -24.04
C SER D 24 -28.97 26.83 -23.29
N THR D 25 -28.15 27.19 -22.31
CA THR D 25 -27.45 26.19 -21.54
C THR D 25 -28.39 25.39 -20.67
N LEU D 26 -29.45 26.02 -20.16
CA LEU D 26 -30.36 25.31 -19.28
C LEU D 26 -31.22 24.32 -20.04
N ARG D 27 -31.67 24.69 -21.23
CA ARG D 27 -32.52 23.78 -21.98
C ARG D 27 -31.77 22.60 -22.54
N THR D 28 -30.55 22.35 -22.07
CA THR D 28 -29.74 21.27 -22.60
C THR D 28 -30.12 19.92 -21.98
N LEU D 29 -30.57 19.91 -20.74
CA LEU D 29 -31.12 18.71 -20.11
C LEU D 29 -32.54 19.00 -19.69
N PRO D 30 -33.55 18.61 -20.48
CA PRO D 30 -34.90 19.16 -20.31
C PRO D 30 -35.73 18.56 -19.18
N GLY D 31 -35.30 17.47 -18.56
CA GLY D 31 -36.11 16.85 -17.54
C GLY D 31 -35.81 17.23 -16.12
N THR D 32 -34.98 18.24 -15.90
CA THR D 32 -34.47 18.56 -14.58
C THR D 32 -35.09 19.85 -14.05
N ARG D 33 -34.71 20.20 -12.82
CA ARG D 33 -35.33 21.35 -12.17
C ARG D 33 -34.89 22.65 -12.80
N LEU D 34 -33.61 22.75 -13.16
CA LEU D 34 -33.12 23.98 -13.77
C LEU D 34 -33.80 24.24 -15.11
N ALA D 35 -33.97 23.20 -15.92
CA ALA D 35 -34.66 23.35 -17.18
C ALA D 35 -36.07 23.90 -17.03
N TRP D 36 -36.60 23.95 -15.82
CA TRP D 36 -37.90 24.56 -15.57
C TRP D 36 -37.83 26.05 -15.36
N LEU D 37 -36.65 26.65 -15.39
CA LEU D 37 -36.52 28.09 -15.25
C LEU D 37 -36.39 28.80 -16.58
N ALA D 38 -36.02 28.07 -17.63
CA ALA D 38 -35.77 28.69 -18.93
C ALA D 38 -37.06 29.22 -19.58
N GLU D 39 -38.25 28.78 -19.11
CA GLU D 39 -39.49 29.12 -19.79
C GLU D 39 -39.99 30.50 -19.36
N PRO D 40 -40.80 31.17 -20.20
CA PRO D 40 -41.27 32.53 -19.90
C PRO D 40 -42.44 32.58 -18.92
N ASP D 41 -42.41 31.71 -17.91
CA ASP D 41 -43.33 31.84 -16.79
C ASP D 41 -42.69 31.56 -15.46
N ALA D 42 -41.44 31.08 -15.41
CA ALA D 42 -40.86 30.54 -14.20
C ALA D 42 -40.96 31.46 -13.01
N HIS D 43 -41.19 32.76 -13.23
CA HIS D 43 -41.39 33.70 -12.14
C HIS D 43 -42.45 33.22 -11.15
N SER D 44 -43.58 32.73 -11.66
CA SER D 44 -44.66 32.28 -10.80
C SER D 44 -44.53 30.82 -10.37
N HIS D 45 -43.31 30.29 -10.31
CA HIS D 45 -43.11 28.91 -9.90
C HIS D 45 -41.93 28.71 -8.96
N PHE D 46 -41.17 29.76 -8.66
CA PHE D 46 -39.93 29.65 -7.89
C PHE D 46 -39.83 30.85 -6.96
N ASP D 47 -38.63 31.06 -6.41
CA ASP D 47 -38.34 32.23 -5.59
C ASP D 47 -37.61 33.25 -6.45
N TYR D 48 -38.32 34.26 -6.93
CA TYR D 48 -37.79 35.17 -7.95
C TYR D 48 -37.75 36.58 -7.40
N ASP D 49 -36.56 37.07 -7.12
CA ASP D 49 -36.32 38.45 -6.73
C ASP D 49 -36.55 39.37 -7.93
N PRO D 50 -37.66 40.11 -7.97
CA PRO D 50 -37.98 40.93 -9.14
C PRO D 50 -37.54 42.37 -9.05
N ARG D 51 -36.37 42.60 -8.49
CA ARG D 51 -35.63 43.85 -8.64
C ARG D 51 -34.16 43.61 -8.77
N ALA D 52 -33.68 42.45 -8.33
CA ALA D 52 -32.38 41.95 -8.71
C ALA D 52 -32.47 40.99 -9.89
N ASP D 53 -33.69 40.69 -10.33
CA ASP D 53 -33.96 39.78 -11.45
C ASP D 53 -33.24 38.45 -11.30
N GLU D 54 -33.48 37.74 -10.20
CA GLU D 54 -32.76 36.48 -10.02
C GLU D 54 -33.58 35.46 -9.23
N PHE D 55 -33.03 34.26 -9.16
CA PHE D 55 -33.71 33.09 -8.60
C PHE D 55 -32.93 32.63 -7.39
N PHE D 56 -33.55 32.63 -6.22
CA PHE D 56 -32.84 32.21 -5.02
C PHE D 56 -33.09 30.74 -4.74
N PHE D 57 -32.02 30.03 -4.41
CA PHE D 57 -32.09 28.64 -3.97
C PHE D 57 -31.20 28.50 -2.77
N ASP D 58 -31.69 27.79 -1.75
CA ASP D 58 -31.07 27.80 -0.43
C ASP D 58 -30.20 26.56 -0.25
N ARG D 59 -29.14 26.49 -1.04
CA ARG D 59 -28.33 25.28 -1.05
C ARG D 59 -26.85 25.63 -1.15
N HIS D 60 -26.03 24.61 -0.96
CA HIS D 60 -24.59 24.72 -1.03
C HIS D 60 -24.17 25.42 -2.31
N PRO D 61 -23.57 26.60 -2.24
CA PRO D 61 -23.14 27.28 -3.46
C PRO D 61 -21.85 26.73 -4.03
N GLY D 62 -21.18 25.86 -3.32
CA GLY D 62 -19.90 25.36 -3.78
C GLY D 62 -20.03 24.26 -4.80
N VAL D 63 -20.92 23.30 -4.54
CA VAL D 63 -21.06 22.15 -5.42
C VAL D 63 -22.03 22.42 -6.55
N PHE D 64 -22.61 23.60 -6.62
CA PHE D 64 -23.48 23.90 -7.74
C PHE D 64 -22.71 24.08 -9.02
N ALA D 65 -21.50 24.62 -8.94
CA ALA D 65 -20.73 24.86 -10.14
C ALA D 65 -20.32 23.57 -10.83
N HIS D 66 -20.31 22.45 -10.11
CA HIS D 66 -20.12 21.16 -10.75
C HIS D 66 -21.40 20.59 -11.32
N ILE D 67 -22.54 21.03 -10.82
CA ILE D 67 -23.80 20.67 -11.44
C ILE D 67 -24.01 21.49 -12.70
N LEU D 68 -23.83 22.80 -12.60
CA LEU D 68 -23.94 23.65 -13.78
C LEU D 68 -23.00 23.22 -14.89
N ASN D 69 -21.84 22.67 -14.55
CA ASN D 69 -20.91 22.23 -15.58
C ASN D 69 -21.56 21.21 -16.50
N TYR D 70 -22.42 20.35 -15.95
CA TYR D 70 -23.15 19.42 -16.79
C TYR D 70 -23.89 20.15 -17.90
N TYR D 71 -24.64 21.18 -17.56
CA TYR D 71 -25.35 21.89 -18.59
C TYR D 71 -24.40 22.65 -19.48
N ARG D 72 -23.25 23.01 -18.94
CA ARG D 72 -22.34 23.89 -19.68
C ARG D 72 -21.55 23.11 -20.69
N THR D 73 -20.85 22.06 -20.26
CA THR D 73 -20.04 21.41 -21.27
C THR D 73 -20.76 20.24 -21.90
N GLY D 74 -20.71 19.06 -21.28
CA GLY D 74 -21.65 18.03 -21.62
C GLY D 74 -21.74 16.94 -20.59
N LYS D 75 -20.89 16.99 -19.58
CA LYS D 75 -20.55 15.82 -18.80
C LYS D 75 -20.68 16.11 -17.32
N LEU D 76 -20.77 15.04 -16.55
CA LEU D 76 -21.02 15.13 -15.12
C LEU D 76 -19.85 14.48 -14.38
N HIS D 77 -19.17 15.25 -13.55
CA HIS D 77 -18.07 14.77 -12.73
C HIS D 77 -18.41 14.97 -11.27
N CYS D 78 -17.53 14.50 -10.40
CA CYS D 78 -17.71 14.63 -8.96
C CYS D 78 -16.60 15.47 -8.35
N PRO D 79 -16.92 16.42 -7.48
CA PRO D 79 -15.86 17.17 -6.80
C PRO D 79 -15.10 16.29 -5.83
N ALA D 80 -13.82 16.62 -5.66
CA ALA D 80 -12.98 15.90 -4.72
C ALA D 80 -12.85 16.63 -3.39
N ASP D 81 -13.54 17.75 -3.20
CA ASP D 81 -13.53 18.45 -1.93
C ASP D 81 -14.76 18.18 -1.09
N VAL D 82 -15.73 17.42 -1.60
CA VAL D 82 -16.86 16.98 -0.83
C VAL D 82 -16.90 15.45 -0.88
N CYS D 83 -17.70 14.86 -0.02
CA CYS D 83 -17.79 13.41 0.01
C CYS D 83 -18.88 12.94 -0.95
N GLY D 84 -19.00 11.63 -1.09
CA GLY D 84 -20.05 11.03 -1.88
C GLY D 84 -21.45 11.41 -1.44
N PRO D 85 -21.77 11.22 -0.15
CA PRO D 85 -23.14 11.49 0.30
C PRO D 85 -23.60 12.93 0.11
N LEU D 86 -22.73 13.91 0.33
CA LEU D 86 -23.11 15.30 0.12
C LEU D 86 -23.46 15.55 -1.34
N TYR D 87 -22.61 15.09 -2.24
CA TYR D 87 -22.85 15.30 -3.65
C TYR D 87 -24.12 14.59 -4.11
N GLU D 88 -24.34 13.37 -3.63
CA GLU D 88 -25.52 12.65 -4.09
C GLU D 88 -26.78 13.30 -3.56
N GLU D 89 -26.73 13.86 -2.35
CA GLU D 89 -27.87 14.62 -1.87
C GLU D 89 -28.16 15.83 -2.75
N GLU D 90 -27.11 16.48 -3.25
CA GLU D 90 -27.34 17.65 -4.10
C GLU D 90 -27.87 17.24 -5.48
N LEU D 91 -27.31 16.20 -6.07
CA LEU D 91 -27.84 15.71 -7.34
C LEU D 91 -29.30 15.30 -7.20
N ALA D 92 -29.64 14.71 -6.06
CA ALA D 92 -31.02 14.36 -5.78
C ALA D 92 -31.90 15.60 -5.72
N PHE D 93 -31.38 16.69 -5.15
CA PHE D 93 -32.20 17.91 -5.11
C PHE D 93 -32.40 18.47 -6.50
N TRP D 94 -31.39 18.42 -7.36
CA TRP D 94 -31.48 19.17 -8.60
C TRP D 94 -32.14 18.41 -9.72
N GLY D 95 -32.36 17.11 -9.58
CA GLY D 95 -33.01 16.33 -10.60
C GLY D 95 -32.09 15.58 -11.52
N ILE D 96 -30.85 15.43 -11.16
CA ILE D 96 -29.87 14.79 -12.01
C ILE D 96 -29.84 13.30 -11.70
N ASP D 97 -29.81 12.49 -12.75
CA ASP D 97 -29.70 11.05 -12.61
C ASP D 97 -28.27 10.69 -12.27
N GLU D 98 -28.06 10.08 -11.12
CA GLU D 98 -26.71 9.86 -10.60
C GLU D 98 -25.95 8.77 -11.34
N THR D 99 -26.41 8.35 -12.50
CA THR D 99 -25.70 7.37 -13.32
C THR D 99 -24.99 7.99 -14.50
N ASP D 100 -25.14 9.30 -14.69
CA ASP D 100 -24.41 10.02 -15.73
C ASP D 100 -23.01 10.40 -15.31
N VAL D 101 -22.60 10.04 -14.09
CA VAL D 101 -21.25 10.34 -13.63
C VAL D 101 -20.25 9.63 -14.52
N GLU D 102 -19.27 10.38 -15.01
CA GLU D 102 -18.30 9.84 -15.93
C GLU D 102 -17.41 8.81 -15.23
N PRO D 103 -16.81 7.90 -15.99
CA PRO D 103 -16.04 6.81 -15.37
C PRO D 103 -14.82 7.28 -14.60
N CYS D 104 -14.38 8.53 -14.77
CA CYS D 104 -13.26 9.01 -13.97
C CYS D 104 -13.63 9.19 -12.51
N CYS D 105 -14.90 9.45 -12.23
CA CYS D 105 -15.34 9.85 -10.91
C CYS D 105 -16.29 8.86 -10.25
N TRP D 106 -16.72 7.82 -10.98
CA TRP D 106 -17.78 6.95 -10.48
C TRP D 106 -17.35 6.17 -9.25
N MET D 107 -16.14 5.63 -9.25
CA MET D 107 -15.71 4.77 -8.16
C MET D 107 -15.63 5.55 -6.86
N THR D 108 -14.92 6.68 -6.88
CA THR D 108 -14.82 7.51 -5.69
C THR D 108 -16.17 8.03 -5.26
N TYR D 109 -17.05 8.32 -6.23
CA TYR D 109 -18.36 8.81 -5.87
C TYR D 109 -19.17 7.76 -5.13
N ARG D 110 -19.02 6.49 -5.50
CA ARG D 110 -19.89 5.49 -4.91
C ARG D 110 -19.29 4.76 -3.71
N GLN D 111 -17.98 4.88 -3.47
CA GLN D 111 -17.33 4.08 -2.43
C GLN D 111 -18.13 3.97 -1.14
N HIS D 112 -18.59 5.10 -0.58
CA HIS D 112 -19.25 5.03 0.72
C HIS D 112 -20.58 4.29 0.65
N ARG D 113 -21.32 4.45 -0.45
N ARG D 113 -21.32 4.45 -0.45
CA ARG D 113 -22.59 3.73 -0.56
CA ARG D 113 -22.58 3.74 -0.58
C ARG D 113 -22.36 2.26 -0.84
C ARG D 113 -22.36 2.26 -0.85
N ASP D 114 -21.37 1.94 -1.67
CA ASP D 114 -21.02 0.54 -1.89
C ASP D 114 -20.57 -0.12 -0.60
N ALA D 115 -20.00 0.64 0.32
CA ALA D 115 -19.62 0.12 1.62
C ALA D 115 -20.75 0.16 2.64
N GLU D 116 -21.79 0.94 2.40
CA GLU D 116 -22.89 1.01 3.36
C GLU D 116 -23.77 -0.21 3.26
N GLU D 117 -24.50 -0.33 2.14
CA GLU D 117 -25.15 -1.56 1.68
C GLU D 117 -25.70 -2.42 2.81
N ALA D 118 -26.24 -1.80 3.86
CA ALA D 118 -26.51 -2.49 5.12
C ALA D 118 -25.38 -3.47 5.46
N LEU D 119 -24.15 -2.95 5.42
CA LEU D 119 -22.95 -3.75 5.39
C LEU D 119 -21.81 -3.01 6.07
N VAL D 192 -25.47 -16.49 29.84
CA VAL D 192 -25.56 -17.80 29.20
C VAL D 192 -24.55 -17.92 28.06
N ALA D 193 -24.07 -16.81 27.52
CA ALA D 193 -23.00 -16.86 26.53
C ALA D 193 -21.76 -17.54 27.10
N PHE D 194 -21.45 -17.27 28.37
CA PHE D 194 -20.33 -17.93 29.01
C PHE D 194 -20.67 -19.34 29.46
N ALA D 195 -21.95 -19.68 29.55
CA ALA D 195 -22.36 -21.05 29.78
C ALA D 195 -22.44 -21.86 28.49
N SER D 196 -22.20 -21.21 27.35
CA SER D 196 -22.06 -21.88 26.07
C SER D 196 -20.61 -22.00 25.62
N LEU D 197 -19.86 -20.90 25.72
CA LEU D 197 -18.47 -20.88 25.27
C LEU D 197 -17.64 -21.95 25.96
N PHE D 198 -17.88 -22.16 27.25
CA PHE D 198 -17.06 -23.11 27.98
C PHE D 198 -17.19 -24.50 27.39
N PHE D 199 -18.42 -24.96 27.18
CA PHE D 199 -18.61 -26.30 26.65
C PHE D 199 -18.25 -26.39 25.17
N ILE D 200 -18.32 -25.28 24.43
CA ILE D 200 -17.82 -25.31 23.06
C ILE D 200 -16.32 -25.59 23.06
N LEU D 201 -15.58 -24.88 23.91
CA LEU D 201 -14.14 -25.10 23.97
C LEU D 201 -13.83 -26.50 24.47
N VAL D 202 -14.61 -26.99 25.43
CA VAL D 202 -14.42 -28.34 25.92
C VAL D 202 -14.58 -29.37 24.81
N SER D 203 -15.62 -29.20 24.00
CA SER D 203 -15.87 -30.13 22.90
C SER D 203 -14.76 -30.05 21.86
N ILE D 204 -14.29 -28.85 21.55
CA ILE D 204 -13.20 -28.71 20.60
C ILE D 204 -11.97 -29.47 21.08
N THR D 205 -11.60 -29.27 22.34
CA THR D 205 -10.41 -29.93 22.86
C THR D 205 -10.56 -31.44 22.84
N THR D 206 -11.65 -31.96 23.37
CA THR D 206 -11.80 -33.41 23.34
C THR D 206 -11.80 -33.93 21.91
N PHE D 207 -12.36 -33.16 20.97
CA PHE D 207 -12.28 -33.53 19.57
C PHE D 207 -10.84 -33.67 19.12
N CYS D 208 -9.98 -32.75 19.57
CA CYS D 208 -8.59 -32.74 19.15
C CYS D 208 -7.79 -33.87 19.77
N LEU D 209 -8.09 -34.29 20.99
CA LEU D 209 -7.20 -35.24 21.63
C LEU D 209 -7.60 -36.69 21.44
N GLU D 210 -8.72 -36.99 20.80
CA GLU D 210 -8.97 -38.39 20.45
C GLU D 210 -8.06 -38.85 19.33
N THR D 211 -7.53 -37.92 18.55
CA THR D 211 -6.60 -38.25 17.50
C THR D 211 -5.21 -38.53 18.02
N HIS D 212 -4.82 -37.89 19.12
CA HIS D 212 -3.47 -38.03 19.64
C HIS D 212 -3.24 -39.44 20.15
N GLU D 213 -2.15 -40.06 19.73
CA GLU D 213 -1.91 -41.44 20.14
C GLU D 213 -1.29 -41.47 21.52
N ARG D 214 -1.84 -40.66 22.40
CA ARG D 214 -1.60 -40.70 23.83
C ARG D 214 -2.78 -41.28 24.57
N PHE D 215 -3.99 -40.96 24.09
CA PHE D 215 -5.23 -41.51 24.58
C PHE D 215 -5.81 -42.55 23.63
N ASN D 216 -4.95 -43.35 23.01
CA ASN D 216 -5.37 -44.51 22.26
C ASN D 216 -4.40 -45.64 22.53
N PRO D 217 -4.52 -46.30 23.69
CA PRO D 217 -3.72 -47.49 24.01
C PRO D 217 -3.96 -48.64 23.04
N GLU D 240 -9.15 -48.52 20.29
CA GLU D 240 -8.22 -48.46 21.39
C GLU D 240 -8.36 -47.14 22.16
N THR D 241 -9.55 -46.57 22.11
N THR D 241 -9.55 -46.57 22.11
CA THR D 241 -9.86 -45.29 22.76
CA THR D 241 -9.86 -45.29 22.76
C THR D 241 -9.80 -45.42 24.27
C THR D 241 -9.80 -45.42 24.27
N GLU D 242 -10.24 -44.37 24.96
CA GLU D 242 -10.24 -44.37 26.41
C GLU D 242 -11.59 -43.78 26.80
N ALA D 243 -11.81 -43.49 28.06
CA ALA D 243 -13.21 -43.46 28.48
C ALA D 243 -13.58 -42.15 29.16
N PHE D 244 -12.60 -41.46 29.72
CA PHE D 244 -12.90 -40.14 30.21
C PHE D 244 -13.21 -39.21 29.05
N LEU D 245 -12.62 -39.45 27.88
CA LEU D 245 -12.98 -38.67 26.71
C LEU D 245 -14.43 -38.89 26.33
N THR D 246 -14.91 -40.14 26.43
CA THR D 246 -16.31 -40.40 26.13
C THR D 246 -17.22 -39.80 27.19
N TYR D 247 -16.76 -39.71 28.44
CA TYR D 247 -17.59 -39.08 29.46
C TYR D 247 -17.69 -37.57 29.23
N ILE D 248 -16.58 -36.93 28.85
CA ILE D 248 -16.65 -35.49 28.56
C ILE D 248 -17.51 -35.25 27.32
N GLU D 249 -17.43 -36.15 26.34
CA GLU D 249 -18.39 -36.11 25.24
C GLU D 249 -19.81 -36.14 25.75
N GLY D 250 -20.09 -37.05 26.69
CA GLY D 250 -21.44 -37.13 27.25
C GLY D 250 -21.89 -35.82 27.85
N VAL D 251 -21.02 -35.17 28.60
CA VAL D 251 -21.41 -33.93 29.27
C VAL D 251 -21.69 -32.83 28.26
N CYS D 252 -20.85 -32.69 27.25
CA CYS D 252 -21.13 -31.63 26.28
C CYS D 252 -22.39 -31.91 25.48
N VAL D 253 -22.71 -33.18 25.21
CA VAL D 253 -23.96 -33.41 24.50
C VAL D 253 -25.15 -33.20 25.42
N VAL D 254 -25.00 -33.52 26.71
CA VAL D 254 -26.09 -33.29 27.65
C VAL D 254 -26.32 -31.82 27.89
N TRP D 255 -25.34 -30.96 27.64
CA TRP D 255 -25.64 -29.54 27.67
C TRP D 255 -26.11 -28.99 26.35
N PHE D 256 -25.56 -29.50 25.23
CA PHE D 256 -26.00 -29.03 23.92
C PHE D 256 -27.50 -29.18 23.78
N THR D 257 -28.13 -30.05 24.58
CA THR D 257 -29.58 -30.18 24.55
C THR D 257 -30.28 -29.02 25.23
N PHE D 258 -29.69 -28.44 26.27
CA PHE D 258 -30.36 -27.36 26.99
C PHE D 258 -30.43 -26.09 26.15
N GLU D 259 -29.40 -25.81 25.35
CA GLU D 259 -29.41 -24.66 24.48
C GLU D 259 -29.83 -25.01 23.06
N PHE D 260 -30.18 -26.27 22.78
CA PHE D 260 -30.80 -26.57 21.51
C PHE D 260 -32.26 -26.99 21.62
N LEU D 261 -32.76 -27.28 22.81
CA LEU D 261 -34.20 -27.41 22.99
C LEU D 261 -34.86 -26.05 23.16
N MET D 262 -34.15 -24.98 22.79
CA MET D 262 -34.66 -23.62 22.75
C MET D 262 -34.78 -23.12 21.32
N ARG D 263 -34.71 -24.00 20.34
CA ARG D 263 -34.41 -23.60 18.96
C ARG D 263 -35.57 -23.76 17.99
N VAL D 264 -36.15 -24.95 17.88
CA VAL D 264 -36.97 -25.30 16.72
C VAL D 264 -38.46 -25.25 17.05
N ILE D 265 -38.89 -25.94 18.10
CA ILE D 265 -40.29 -25.87 18.50
C ILE D 265 -40.52 -24.76 19.52
N PHE D 266 -39.49 -24.38 20.28
CA PHE D 266 -39.53 -23.27 21.21
C PHE D 266 -39.13 -21.95 20.57
N CYS D 267 -39.32 -21.84 19.25
CA CYS D 267 -38.72 -20.81 18.41
C CYS D 267 -39.36 -19.46 18.65
N ILE D 281 -26.82 -21.26 10.33
CA ILE D 281 -25.86 -21.60 11.36
C ILE D 281 -26.43 -22.58 12.37
N ASP D 282 -27.73 -22.85 12.31
CA ASP D 282 -28.37 -23.75 13.25
C ASP D 282 -28.60 -25.14 12.67
N PHE D 283 -29.17 -25.22 11.47
CA PHE D 283 -29.37 -26.51 10.84
C PHE D 283 -28.14 -27.01 10.12
N VAL D 284 -27.24 -26.11 9.75
CA VAL D 284 -26.04 -26.48 8.99
C VAL D 284 -24.81 -26.54 9.89
N ALA D 285 -24.97 -26.31 11.20
CA ALA D 285 -23.85 -26.39 12.10
C ALA D 285 -24.14 -27.07 13.42
N ILE D 286 -25.40 -27.27 13.81
CA ILE D 286 -25.74 -27.99 15.03
C ILE D 286 -26.46 -29.30 14.71
N LEU D 287 -26.10 -29.92 13.60
CA LEU D 287 -26.47 -31.29 13.26
C LEU D 287 -25.70 -32.37 14.05
N PRO D 288 -24.41 -32.18 14.43
CA PRO D 288 -23.73 -33.28 15.13
C PRO D 288 -24.40 -33.63 16.43
N PHE D 289 -24.98 -32.63 17.10
CA PHE D 289 -25.80 -32.89 18.27
C PHE D 289 -26.79 -34.01 17.98
N TYR D 290 -27.42 -33.99 16.81
CA TYR D 290 -28.25 -35.11 16.38
C TYR D 290 -27.40 -36.36 16.16
N LEU D 291 -26.35 -36.25 15.35
CA LEU D 291 -25.74 -37.47 14.81
C LEU D 291 -24.88 -38.21 15.82
N GLU D 292 -24.66 -37.64 17.01
CA GLU D 292 -23.82 -38.28 18.00
C GLU D 292 -24.38 -39.65 18.39
N VAL D 293 -25.63 -39.70 18.87
CA VAL D 293 -26.26 -40.99 19.07
C VAL D 293 -26.65 -41.64 17.74
N GLY D 294 -27.18 -40.86 16.81
CA GLY D 294 -27.65 -41.41 15.55
C GLY D 294 -26.55 -41.90 14.64
N VAL D 312 -17.17 -36.49 8.92
CA VAL D 312 -18.18 -35.48 9.23
C VAL D 312 -18.83 -35.75 10.58
N VAL D 313 -18.68 -36.97 11.10
CA VAL D 313 -19.20 -37.32 12.42
C VAL D 313 -18.80 -36.27 13.45
N ARG D 314 -17.56 -35.81 13.39
CA ARG D 314 -17.14 -34.67 14.20
C ARG D 314 -16.40 -33.58 13.46
N PHE D 315 -15.94 -33.80 12.23
CA PHE D 315 -15.38 -32.73 11.39
C PHE D 315 -16.19 -31.45 11.50
N VAL D 316 -17.51 -31.60 11.68
CA VAL D 316 -18.39 -30.44 11.83
C VAL D 316 -18.30 -29.83 13.22
N ARG D 317 -17.83 -30.58 14.22
CA ARG D 317 -17.89 -30.09 15.61
C ARG D 317 -17.11 -28.79 15.78
N ILE D 318 -16.09 -28.55 14.97
CA ILE D 318 -15.30 -27.34 15.15
C ILE D 318 -16.11 -26.10 14.80
N LEU D 319 -17.04 -26.23 13.84
CA LEU D 319 -17.72 -25.05 13.35
C LEU D 319 -18.57 -24.37 14.41
N ARG D 320 -18.83 -25.00 15.54
CA ARG D 320 -19.56 -24.32 16.59
C ARG D 320 -18.80 -23.10 17.10
N ILE D 321 -17.48 -23.06 16.91
CA ILE D 321 -16.70 -21.90 17.31
C ILE D 321 -17.21 -20.66 16.60
N PHE D 322 -17.78 -20.83 15.42
CA PHE D 322 -18.30 -19.68 14.70
C PHE D 322 -19.50 -19.08 15.40
N LYS D 323 -20.28 -19.90 16.10
CA LYS D 323 -21.48 -19.42 16.75
C LYS D 323 -21.17 -18.30 17.75
N LEU D 324 -20.20 -18.55 18.62
CA LEU D 324 -19.91 -17.60 19.69
C LEU D 324 -19.09 -16.41 19.20
N THR D 325 -18.47 -16.50 18.03
CA THR D 325 -17.66 -15.41 17.50
C THR D 325 -18.40 -14.60 16.45
N ARG D 326 -19.69 -14.85 16.26
CA ARG D 326 -20.47 -13.99 15.39
C ARG D 326 -20.85 -12.69 16.08
N HIS D 327 -20.45 -12.50 17.33
CA HIS D 327 -20.62 -11.25 18.04
C HIS D 327 -19.43 -10.33 17.88
N PHE D 328 -18.43 -10.74 17.11
CA PHE D 328 -17.20 -9.98 16.95
C PHE D 328 -17.34 -9.01 15.78
N VAL D 329 -17.03 -7.74 16.02
CA VAL D 329 -17.19 -6.77 14.95
C VAL D 329 -16.19 -6.99 13.84
N GLY D 330 -15.13 -7.75 14.07
CA GLY D 330 -14.13 -7.94 13.04
C GLY D 330 -14.45 -9.09 12.12
N LEU D 331 -15.02 -10.16 12.66
CA LEU D 331 -15.36 -11.28 11.80
C LEU D 331 -16.56 -10.98 10.93
N ARG D 332 -17.48 -10.13 11.39
CA ARG D 332 -18.58 -9.75 10.51
C ARG D 332 -18.10 -8.86 9.39
N VAL D 333 -17.12 -7.99 9.65
CA VAL D 333 -16.54 -7.20 8.59
C VAL D 333 -15.81 -8.11 7.61
N LEU D 334 -15.16 -9.15 8.12
CA LEU D 334 -14.56 -10.14 7.25
C LEU D 334 -15.61 -10.80 6.38
N GLY D 335 -16.72 -11.22 6.97
CA GLY D 335 -17.75 -11.89 6.21
C GLY D 335 -18.35 -10.99 5.14
N HIS D 336 -18.47 -9.70 5.44
CA HIS D 336 -18.94 -8.77 4.42
C HIS D 336 -17.91 -8.57 3.33
N THR D 337 -16.62 -8.63 3.67
CA THR D 337 -15.60 -8.41 2.65
C THR D 337 -15.45 -9.62 1.74
N LEU D 338 -15.57 -10.82 2.28
CA LEU D 338 -15.56 -12.03 1.46
C LEU D 338 -16.81 -12.18 0.63
N ARG D 339 -17.77 -11.27 0.74
CA ARG D 339 -18.97 -11.31 -0.06
C ARG D 339 -19.04 -10.16 -1.05
N ALA D 340 -18.37 -9.05 -0.77
CA ALA D 340 -18.30 -7.94 -1.69
C ALA D 340 -17.10 -8.06 -2.62
N SER D 341 -16.40 -9.18 -2.61
CA SER D 341 -15.20 -9.36 -3.41
C SER D 341 -15.16 -10.75 -4.02
N THR D 342 -16.30 -11.23 -4.50
CA THR D 342 -16.30 -12.55 -5.13
C THR D 342 -15.73 -12.53 -6.52
N ASN D 343 -15.62 -11.37 -7.15
CA ASN D 343 -15.01 -11.31 -8.47
C ASN D 343 -13.49 -11.29 -8.38
N GLU D 344 -12.95 -10.53 -7.44
CA GLU D 344 -11.51 -10.49 -7.23
C GLU D 344 -10.97 -11.76 -6.60
N PHE D 345 -11.84 -12.66 -6.18
CA PHE D 345 -11.39 -14.00 -5.80
C PHE D 345 -11.32 -14.91 -7.00
N LEU D 346 -12.32 -14.83 -7.87
CA LEU D 346 -12.27 -15.55 -9.13
C LEU D 346 -11.04 -15.15 -9.92
N LEU D 347 -10.73 -13.85 -9.94
CA LEU D 347 -9.56 -13.37 -10.64
C LEU D 347 -8.29 -14.03 -10.12
N LEU D 348 -8.12 -14.02 -8.80
CA LEU D 348 -6.93 -14.62 -8.20
C LEU D 348 -6.85 -16.10 -8.51
N ILE D 349 -7.97 -16.80 -8.41
CA ILE D 349 -7.95 -18.25 -8.65
C ILE D 349 -7.57 -18.54 -10.10
N ILE D 350 -8.08 -17.75 -11.04
CA ILE D 350 -7.78 -18.01 -12.44
C ILE D 350 -6.34 -17.66 -12.76
N PHE D 351 -5.83 -16.56 -12.22
CA PHE D 351 -4.42 -16.24 -12.36
C PHE D 351 -3.56 -17.39 -11.89
N LEU D 352 -3.85 -17.90 -10.70
CA LEU D 352 -3.04 -18.96 -10.13
C LEU D 352 -3.14 -20.23 -10.95
N ALA D 353 -4.33 -20.57 -11.43
CA ALA D 353 -4.45 -21.78 -12.22
C ALA D 353 -3.66 -21.69 -13.50
N LEU D 354 -3.75 -20.55 -14.19
CA LEU D 354 -2.99 -20.35 -15.42
C LEU D 354 -1.50 -20.46 -15.16
N GLY D 355 -1.01 -19.71 -14.17
CA GLY D 355 0.40 -19.76 -13.85
C GLY D 355 0.88 -21.15 -13.48
N VAL D 356 0.11 -21.84 -12.64
CA VAL D 356 0.51 -23.16 -12.18
C VAL D 356 0.62 -24.13 -13.34
N LEU D 357 -0.33 -24.06 -14.28
CA LEU D 357 -0.28 -24.96 -15.42
C LEU D 357 0.92 -24.65 -16.30
N ILE D 358 1.12 -23.37 -16.62
CA ILE D 358 2.21 -22.97 -17.50
C ILE D 358 3.55 -23.38 -16.92
N PHE D 359 3.77 -23.07 -15.65
CA PHE D 359 5.07 -23.35 -15.08
C PHE D 359 5.27 -24.81 -14.80
N ALA D 360 4.21 -25.55 -14.49
CA ALA D 360 4.35 -26.98 -14.31
C ALA D 360 4.77 -27.65 -15.60
N THR D 361 4.25 -27.19 -16.73
CA THR D 361 4.65 -27.84 -17.98
C THR D 361 6.00 -27.36 -18.44
N MET D 362 6.37 -26.11 -18.13
CA MET D 362 7.71 -25.67 -18.50
C MET D 362 8.78 -26.39 -17.70
N ILE D 363 8.55 -26.61 -16.41
CA ILE D 363 9.60 -27.19 -15.58
C ILE D 363 9.87 -28.63 -15.97
N TYR D 364 8.87 -29.32 -16.50
CA TYR D 364 9.05 -30.70 -16.92
C TYR D 364 10.04 -30.79 -18.07
N TYR D 365 9.77 -30.00 -19.11
CA TYR D 365 10.61 -30.02 -20.28
C TYR D 365 11.96 -29.39 -20.01
N ALA D 366 12.02 -28.43 -19.09
CA ALA D 366 13.31 -27.87 -18.72
C ALA D 366 14.17 -28.86 -17.98
N GLU D 367 13.58 -29.68 -17.12
CA GLU D 367 14.36 -30.68 -16.40
C GLU D 367 14.62 -31.91 -17.22
N ARG D 368 13.97 -32.05 -18.38
N ARG D 368 13.97 -32.04 -18.38
CA ARG D 368 14.19 -33.23 -19.20
CA ARG D 368 14.17 -33.23 -19.21
C ARG D 368 15.47 -33.18 -20.00
C ARG D 368 15.43 -33.17 -20.04
N ILE D 369 15.98 -31.99 -20.32
CA ILE D 369 17.22 -31.91 -21.09
C ILE D 369 18.45 -32.20 -20.24
N GLY D 370 18.30 -32.28 -18.92
CA GLY D 370 19.37 -32.77 -18.08
C GLY D 370 19.57 -34.27 -18.15
N ALA D 371 18.65 -35.00 -18.78
CA ALA D 371 18.77 -36.43 -19.01
C ALA D 371 19.08 -37.22 -17.75
N SER D 377 14.51 -44.51 -21.45
CA SER D 377 14.77 -44.89 -20.07
C SER D 377 13.65 -44.41 -19.15
N ALA D 378 13.95 -43.36 -18.38
CA ALA D 378 13.01 -42.79 -17.42
C ALA D 378 13.55 -41.43 -16.97
N SER D 379 13.03 -40.95 -15.86
CA SER D 379 13.54 -39.74 -15.19
C SER D 379 14.02 -40.17 -13.81
N GLU D 380 15.32 -40.41 -13.69
CA GLU D 380 15.90 -40.95 -12.46
C GLU D 380 16.80 -39.93 -11.79
N HIS D 381 16.65 -38.67 -12.16
CA HIS D 381 17.55 -37.61 -11.74
C HIS D 381 16.78 -36.36 -11.37
N THR D 382 15.46 -36.43 -11.24
CA THR D 382 14.66 -35.23 -11.17
C THR D 382 13.42 -35.50 -10.34
N HIS D 383 12.99 -34.49 -9.60
CA HIS D 383 11.76 -34.58 -8.85
C HIS D 383 10.55 -34.54 -9.74
N PHE D 384 10.70 -34.05 -10.97
CA PHE D 384 9.59 -33.76 -11.85
C PHE D 384 9.45 -34.90 -12.86
N LYS D 385 8.77 -35.96 -12.44
CA LYS D 385 8.61 -37.12 -13.29
C LYS D 385 7.40 -37.00 -14.21
N ASN D 386 6.40 -36.22 -13.84
CA ASN D 386 5.29 -35.92 -14.73
C ASN D 386 4.93 -34.46 -14.57
N ILE D 387 4.02 -34.00 -15.41
CA ILE D 387 3.49 -32.65 -15.33
C ILE D 387 2.52 -32.49 -14.15
N PRO D 388 1.67 -33.47 -13.85
CA PRO D 388 0.82 -33.33 -12.67
C PRO D 388 1.56 -33.05 -11.38
N ILE D 389 2.64 -33.77 -11.10
CA ILE D 389 3.36 -33.53 -9.85
C ILE D 389 4.02 -32.16 -9.83
N GLY D 390 4.06 -31.47 -10.97
CA GLY D 390 4.62 -30.15 -11.02
C GLY D 390 3.68 -29.05 -10.60
N PHE D 391 2.39 -29.32 -10.53
CA PHE D 391 1.47 -28.31 -10.02
C PHE D 391 1.75 -28.02 -8.56
N TRP D 392 2.11 -29.05 -7.81
CA TRP D 392 2.50 -28.86 -6.43
C TRP D 392 3.71 -27.95 -6.32
N TRP D 393 4.77 -28.26 -7.07
CA TRP D 393 5.95 -27.41 -7.05
C TRP D 393 5.61 -25.99 -7.43
N ALA D 394 4.80 -25.81 -8.45
CA ALA D 394 4.52 -24.47 -8.95
C ALA D 394 3.75 -23.67 -7.93
N VAL D 395 2.81 -24.28 -7.23
CA VAL D 395 2.03 -23.50 -6.27
C VAL D 395 2.84 -23.24 -5.00
N VAL D 396 3.73 -24.15 -4.63
CA VAL D 396 4.58 -23.89 -3.48
C VAL D 396 5.60 -22.82 -3.79
N THR D 397 5.98 -22.71 -5.05
CA THR D 397 6.98 -21.73 -5.45
C THR D 397 6.39 -20.35 -5.71
N MET D 398 5.22 -20.27 -6.34
CA MET D 398 4.64 -18.98 -6.66
C MET D 398 4.20 -18.21 -5.44
N THR D 399 4.05 -18.88 -4.30
CA THR D 399 3.66 -18.24 -3.05
C THR D 399 4.85 -17.87 -2.17
N THR D 400 6.07 -18.10 -2.64
CA THR D 400 7.30 -17.89 -1.86
C THR D 400 7.28 -18.71 -0.58
N LEU D 401 6.64 -19.86 -0.60
CA LEU D 401 6.66 -20.74 0.54
C LEU D 401 7.92 -21.60 0.55
N GLY D 402 8.10 -22.43 -0.46
CA GLY D 402 9.34 -23.13 -0.63
C GLY D 402 9.65 -24.14 0.45
N TYR D 403 8.89 -25.22 0.52
CA TYR D 403 9.24 -26.30 1.44
C TYR D 403 10.64 -26.82 1.15
N GLY D 404 10.87 -27.24 -0.09
CA GLY D 404 12.13 -27.83 -0.46
C GLY D 404 12.09 -29.30 -0.71
N ASP D 405 10.91 -29.91 -0.73
CA ASP D 405 10.81 -31.31 -1.11
C ASP D 405 10.97 -31.49 -2.61
N MET D 406 10.65 -30.45 -3.36
CA MET D 406 10.79 -30.41 -4.80
C MET D 406 11.53 -29.13 -5.17
N TYR D 407 12.62 -29.25 -5.91
CA TYR D 407 13.33 -28.09 -6.40
C TYR D 407 14.06 -28.49 -7.68
N PRO D 408 14.36 -27.53 -8.54
CA PRO D 408 15.10 -27.84 -9.77
C PRO D 408 16.54 -28.23 -9.49
N GLN D 409 17.09 -29.05 -10.37
CA GLN D 409 18.46 -29.48 -10.22
C GLN D 409 19.34 -29.27 -11.45
N THR D 410 18.77 -28.87 -12.57
CA THR D 410 19.53 -28.54 -13.76
C THR D 410 19.40 -27.04 -14.03
N TRP D 411 20.35 -26.51 -14.80
CA TRP D 411 20.43 -25.06 -14.95
C TRP D 411 19.23 -24.49 -15.68
N SER D 412 18.70 -25.25 -16.65
CA SER D 412 17.46 -24.87 -17.30
C SER D 412 16.33 -24.81 -16.29
N GLY D 413 16.23 -25.83 -15.44
CA GLY D 413 15.22 -25.82 -14.40
C GLY D 413 15.39 -24.66 -13.46
N MET D 414 16.62 -24.31 -13.13
CA MET D 414 16.84 -23.20 -12.22
C MET D 414 16.42 -21.89 -12.84
N LEU D 415 16.62 -21.74 -14.14
CA LEU D 415 16.11 -20.55 -14.82
C LEU D 415 14.59 -20.50 -14.79
N VAL D 416 13.94 -21.62 -15.09
CA VAL D 416 12.48 -21.66 -15.07
C VAL D 416 11.97 -21.34 -13.67
N GLY D 417 12.64 -21.85 -12.64
CA GLY D 417 12.18 -21.61 -11.29
C GLY D 417 12.38 -20.19 -10.84
N ALA D 418 13.50 -19.59 -11.24
CA ALA D 418 13.70 -18.17 -10.99
C ALA D 418 12.57 -17.37 -11.60
N LEU D 419 12.11 -17.76 -12.79
CA LEU D 419 10.98 -17.08 -13.40
C LEU D 419 9.70 -17.33 -12.60
N CYS D 420 9.48 -18.56 -12.16
CA CYS D 420 8.24 -18.93 -11.48
C CYS D 420 8.07 -18.15 -10.19
N ALA D 421 9.16 -17.97 -9.44
CA ALA D 421 9.05 -17.25 -8.18
C ALA D 421 8.53 -15.84 -8.39
N LEU D 422 9.16 -15.09 -9.29
CA LEU D 422 8.76 -13.71 -9.52
C LEU D 422 7.38 -13.63 -10.16
N ALA D 423 7.10 -14.53 -11.10
CA ALA D 423 5.79 -14.53 -11.73
C ALA D 423 4.71 -14.74 -10.71
N GLY D 424 4.92 -15.66 -9.77
CA GLY D 424 3.92 -15.87 -8.74
C GLY D 424 3.80 -14.67 -7.82
N VAL D 425 4.92 -14.06 -7.46
CA VAL D 425 4.86 -12.86 -6.64
C VAL D 425 3.94 -11.83 -7.27
N LEU D 426 4.17 -11.53 -8.56
CA LEU D 426 3.38 -10.49 -9.21
C LEU D 426 1.93 -10.92 -9.41
N THR D 427 1.72 -12.17 -9.82
CA THR D 427 0.37 -12.70 -10.01
C THR D 427 -0.46 -12.57 -8.75
N ILE D 428 0.09 -12.97 -7.61
CA ILE D 428 -0.66 -12.82 -6.37
C ILE D 428 -0.79 -11.36 -5.99
N ALA D 429 0.26 -10.57 -6.20
CA ALA D 429 0.24 -9.21 -5.72
C ALA D 429 -0.66 -8.29 -6.52
N MET D 430 -1.19 -8.72 -7.65
CA MET D 430 -2.07 -7.78 -8.33
C MET D 430 -3.49 -7.69 -7.76
N PRO D 431 -4.24 -8.78 -7.54
CA PRO D 431 -5.62 -8.63 -7.08
C PRO D 431 -5.81 -8.54 -5.57
N VAL D 432 -4.80 -8.98 -4.82
CA VAL D 432 -4.89 -8.94 -3.37
C VAL D 432 -5.02 -7.52 -2.82
N PRO D 433 -4.33 -6.50 -3.36
CA PRO D 433 -4.58 -5.15 -2.85
C PRO D 433 -5.99 -4.68 -3.08
N VAL D 434 -6.62 -5.09 -4.18
CA VAL D 434 -8.02 -4.78 -4.39
C VAL D 434 -8.86 -5.42 -3.29
N ILE D 435 -8.55 -6.66 -2.94
CA ILE D 435 -9.33 -7.32 -1.89
C ILE D 435 -9.06 -6.71 -0.53
N VAL D 436 -7.86 -6.16 -0.32
CA VAL D 436 -7.49 -5.65 0.99
C VAL D 436 -8.04 -4.25 1.22
N ASN D 437 -8.15 -3.44 0.17
CA ASN D 437 -8.77 -2.13 0.33
C ASN D 437 -10.21 -2.24 0.77
N ASN D 438 -10.92 -3.26 0.29
CA ASN D 438 -12.30 -3.45 0.71
C ASN D 438 -12.38 -3.64 2.21
N PHE D 439 -11.49 -4.46 2.76
CA PHE D 439 -11.49 -4.65 4.20
C PHE D 439 -11.14 -3.36 4.90
N GLY D 440 -10.13 -2.65 4.42
CA GLY D 440 -9.79 -1.39 5.06
C GLY D 440 -10.99 -0.47 5.17
N MET D 441 -11.71 -0.30 4.06
CA MET D 441 -12.88 0.56 4.04
C MET D 441 -13.96 0.08 5.00
N TYR D 442 -14.39 -1.18 4.87
CA TYR D 442 -15.50 -1.66 5.71
C TYR D 442 -15.12 -1.69 7.17
N TYR D 443 -13.88 -2.03 7.50
CA TYR D 443 -13.47 -2.05 8.89
C TYR D 443 -13.46 -0.65 9.47
N SER D 444 -12.90 0.32 8.74
CA SER D 444 -12.89 1.68 9.24
C SER D 444 -14.31 2.17 9.47
N LEU D 445 -15.24 1.83 8.56
CA LEU D 445 -16.61 2.27 8.74
C LEU D 445 -17.28 1.61 9.93
N ALA D 446 -17.14 0.28 10.05
CA ALA D 446 -17.81 -0.43 11.12
C ALA D 446 -17.22 -0.10 12.48
N MET D 447 -15.97 0.35 12.53
CA MET D 447 -15.43 0.79 13.81
C MET D 447 -15.69 2.28 14.07
N ALA D 448 -15.86 3.09 13.02
CA ALA D 448 -16.31 4.45 13.23
C ALA D 448 -17.72 4.45 13.80
N LYS D 449 -18.56 3.53 13.34
N LYS D 449 -18.56 3.54 13.33
CA LYS D 449 -19.90 3.43 13.90
CA LYS D 449 -19.90 3.42 13.91
C LYS D 449 -19.85 2.97 15.35
C LYS D 449 -19.83 2.99 15.36
N GLN D 450 -18.99 2.00 15.66
CA GLN D 450 -18.91 1.43 17.00
C GLN D 450 -18.29 2.38 18.01
N LYS D 451 -17.83 3.55 17.57
CA LYS D 451 -17.27 4.54 18.49
C LYS D 451 -18.21 5.71 18.76
N LEU D 452 -19.18 5.94 17.91
CA LEU D 452 -20.11 7.04 18.06
C LEU D 452 -21.35 6.59 18.82
N PRO D 453 -22.10 7.52 19.42
CA PRO D 453 -23.34 7.16 20.10
C PRO D 453 -24.52 6.98 19.14
K K E . 11.06 -22.01 2.91
K K F . 9.59 -19.07 2.54
K K G . 8.07 -16.04 2.14
K K H . 12.35 -24.58 3.24
#